data_4F7B
#
_entry.id   4F7B
#
_cell.length_a   101.772
_cell.length_b   115.984
_cell.length_c   145.084
_cell.angle_alpha   90.00
_cell.angle_beta   96.38
_cell.angle_gamma   90.00
#
_symmetry.space_group_name_H-M   'P 1 21 1'
#
loop_
_entity.id
_entity.type
_entity.pdbx_description
1 polymer 'Lysosome membrane protein 2'
2 branched alpha-D-mannopyranose-(1-3)-beta-D-mannopyranose-(1-4)-2-acetamido-2-deoxy-beta-D-glucopyranose-(1-4)-2-acetamido-2-deoxy-beta-D-glucopyranose
3 branched 2-acetamido-2-deoxy-beta-D-glucopyranose-(1-2)-alpha-D-mannopyranose-(1-3)-beta-D-mannopyranose-(1-4)-2-acetamido-2-deoxy-beta-D-glucopyranose-(1-4)-2-acetamido-2-deoxy-beta-D-glucopyranose
4 branched beta-D-mannopyranose-(1-4)-2-acetamido-2-deoxy-beta-D-glucopyranose-(1-4)-2-acetamido-2-deoxy-beta-D-glucopyranose
5 branched 2-acetamido-2-deoxy-beta-D-glucopyranose-(1-4)-2-acetamido-2-deoxy-beta-D-glucopyranose
6 branched 2-acetamido-2-deoxy-beta-D-glucopyranose-(1-2)-alpha-D-mannopyranose-(1-3)-[alpha-D-mannopyranose-(1-6)]beta-D-mannopyranose-(1-4)-2-acetamido-2-deoxy-beta-D-glucopyranose-(1-4)-2-acetamido-2-deoxy-beta-D-glucopyranose
7 branched alpha-D-mannopyranose-(1-3)-[alpha-D-mannopyranose-(1-6)]beta-D-mannopyranose-(1-4)-2-acetamido-2-deoxy-beta-D-glucopyranose-(1-4)-2-acetamido-2-deoxy-beta-D-glucopyranose
8 non-polymer 2-acetamido-2-deoxy-beta-D-glucopyranose
9 non-polymer 'PHOSPHATE ION'
10 non-polymer DI(HYDROXYETHYL)ETHER
#
_entity_poly.entity_id   1
_entity_poly.type   'polypeptide(L)'
_entity_poly.pdbx_seq_one_letter_code
;AAPEHHHHHHDYDIPTTENLYFQGAMDQSIEKKIVLRNGTEAFDSWEKPPLPVYTQFYFFNVTNPEEILRGETPRVEEVG
PYTYRELRNKANIQFGDNGTTISAVSNKAYVFERDQSVGDPKIDLIRTLNIPVLTVIEWSQVHFLREIIEAMLKAYQQKL
FVTHTVDELLWGYKDEILSLIHVFRPDISPYFGLFYEKNGTNDGDYVFLTGEDSYLNFTKIVEWNGKTSLDWWITDKCNM
INGTDGDSFHPLITKDEVLYVFPSDFCRSVYITFSDYESVQGLPAFRYKVPAEILANTSDNAGFCIPEGNCLGSGVLNVS
ICKNGAPIIMSFPHFYQADERFVSAIEGMHPNQEDHETFVDINPLTGIILKAAKRFQINIYVKKLDDFVETGDIRTMVFP
VMYLNESVHIDKETASRLKSMIN
;
_entity_poly.pdbx_strand_id   A,B,C,D,E,F
#
# COMPACT_ATOMS: atom_id res chain seq x y z
N ILE A 30 -50.03 -21.45 -15.35
CA ILE A 30 -48.87 -21.78 -16.18
C ILE A 30 -47.99 -22.82 -15.53
N GLU A 31 -47.25 -23.58 -16.38
CA GLU A 31 -46.29 -24.57 -15.97
C GLU A 31 -45.10 -23.85 -15.27
N LYS A 32 -45.27 -22.51 -15.05
CA LYS A 32 -44.44 -21.57 -14.27
C LYS A 32 -44.53 -22.00 -12.78
N LYS A 33 -45.44 -22.96 -12.48
CA LYS A 33 -45.62 -23.66 -11.21
C LYS A 33 -44.29 -24.36 -10.88
N ILE A 34 -43.49 -24.65 -11.93
CA ILE A 34 -42.18 -25.30 -11.87
C ILE A 34 -41.07 -24.24 -11.69
N VAL A 35 -40.86 -23.83 -10.41
CA VAL A 35 -39.82 -22.88 -9.97
C VAL A 35 -39.33 -23.31 -8.59
N LEU A 36 -38.04 -23.09 -8.29
CA LEU A 36 -37.55 -23.40 -6.96
C LEU A 36 -37.83 -22.21 -6.01
N ARG A 37 -39.07 -22.15 -5.52
CA ARG A 37 -39.59 -21.11 -4.61
C ARG A 37 -40.30 -21.82 -3.45
N ASN A 38 -39.99 -21.42 -2.20
CA ASN A 38 -40.55 -22.01 -0.98
C ASN A 38 -42.08 -22.00 -1.03
N GLY A 39 -42.67 -23.21 -1.04
CA GLY A 39 -44.11 -23.39 -1.10
C GLY A 39 -44.62 -24.15 -2.31
N THR A 40 -43.82 -24.21 -3.40
CA THR A 40 -44.20 -24.92 -4.62
C THR A 40 -43.96 -26.43 -4.47
N GLU A 41 -44.70 -27.27 -5.23
CA GLU A 41 -44.51 -28.72 -5.20
C GLU A 41 -43.16 -29.06 -5.84
N ALA A 42 -42.77 -28.28 -6.87
CA ALA A 42 -41.51 -28.39 -7.62
C ALA A 42 -40.31 -28.35 -6.66
N PHE A 43 -40.36 -27.37 -5.71
CA PHE A 43 -39.37 -27.14 -4.67
C PHE A 43 -39.25 -28.33 -3.73
N ASP A 44 -40.36 -28.77 -3.12
CA ASP A 44 -40.41 -29.90 -2.18
C ASP A 44 -39.79 -31.18 -2.77
N SER A 45 -40.17 -31.50 -4.03
CA SER A 45 -39.67 -32.67 -4.76
C SER A 45 -38.20 -32.50 -5.15
N TRP A 46 -37.72 -31.25 -5.15
CA TRP A 46 -36.32 -30.93 -5.43
C TRP A 46 -35.51 -31.12 -4.13
N GLU A 47 -36.01 -30.56 -3.02
CA GLU A 47 -35.44 -30.62 -1.67
C GLU A 47 -35.42 -32.06 -1.13
N LYS A 48 -36.57 -32.75 -1.20
CA LYS A 48 -36.70 -34.14 -0.73
C LYS A 48 -37.16 -35.00 -1.91
N PRO A 49 -36.20 -35.49 -2.77
CA PRO A 49 -36.59 -36.29 -3.94
C PRO A 49 -37.38 -37.54 -3.56
N PRO A 50 -38.63 -37.69 -4.03
CA PRO A 50 -39.41 -38.88 -3.63
C PRO A 50 -39.07 -40.16 -4.37
N LEU A 51 -38.46 -40.05 -5.56
CA LEU A 51 -38.11 -41.21 -6.39
C LEU A 51 -36.93 -41.99 -5.85
N PRO A 52 -37.08 -43.34 -5.72
CA PRO A 52 -35.95 -44.15 -5.24
C PRO A 52 -34.94 -44.44 -6.35
N VAL A 53 -33.69 -43.99 -6.13
CA VAL A 53 -32.57 -44.13 -7.04
C VAL A 53 -31.76 -45.29 -6.54
N TYR A 54 -31.23 -46.10 -7.47
CA TYR A 54 -30.37 -47.24 -7.13
C TYR A 54 -29.03 -47.15 -7.87
N THR A 55 -27.94 -47.68 -7.26
CA THR A 55 -26.65 -47.85 -7.93
C THR A 55 -26.32 -49.34 -7.86
N GLN A 56 -26.06 -49.98 -9.04
CA GLN A 56 -25.65 -51.37 -9.14
C GLN A 56 -24.22 -51.40 -9.61
N PHE A 57 -23.36 -52.09 -8.82
CA PHE A 57 -21.92 -52.22 -9.08
C PHE A 57 -21.65 -53.55 -9.70
N TYR A 58 -20.79 -53.53 -10.75
CA TYR A 58 -20.35 -54.69 -11.52
C TYR A 58 -18.82 -54.57 -11.65
N PHE A 59 -18.09 -55.64 -11.28
CA PHE A 59 -16.64 -55.69 -11.32
C PHE A 59 -16.05 -56.62 -12.35
N PHE A 60 -14.82 -56.34 -12.78
CA PHE A 60 -14.17 -57.26 -13.71
C PHE A 60 -13.10 -58.08 -12.98
N ASN A 61 -13.43 -59.36 -12.71
CA ASN A 61 -12.53 -60.22 -11.97
C ASN A 61 -11.45 -60.75 -12.91
N VAL A 62 -10.19 -60.41 -12.59
CA VAL A 62 -9.04 -60.75 -13.42
C VAL A 62 -8.67 -62.22 -13.21
N THR A 63 -8.76 -63.03 -14.28
CA THR A 63 -8.54 -64.46 -14.23
C THR A 63 -7.10 -64.97 -14.44
N ASN A 64 -6.24 -64.17 -15.11
CA ASN A 64 -4.88 -64.57 -15.46
C ASN A 64 -3.83 -63.52 -15.04
N PRO A 65 -3.71 -63.14 -13.75
CA PRO A 65 -2.74 -62.10 -13.39
C PRO A 65 -1.30 -62.38 -13.85
N GLU A 66 -0.81 -63.59 -13.59
CA GLU A 66 0.56 -63.94 -13.95
C GLU A 66 0.82 -63.83 -15.45
N GLU A 67 -0.15 -64.28 -16.26
CA GLU A 67 0.00 -64.27 -17.70
C GLU A 67 0.00 -62.85 -18.20
N ILE A 68 -0.78 -61.95 -17.57
CA ILE A 68 -0.86 -60.52 -17.94
C ILE A 68 0.51 -59.87 -17.79
N LEU A 69 1.23 -60.22 -16.68
CA LEU A 69 2.56 -59.74 -16.36
C LEU A 69 3.61 -60.25 -17.36
N ARG A 70 3.31 -61.38 -18.04
CA ARG A 70 4.20 -61.93 -19.04
C ARG A 70 3.84 -61.43 -20.46
N GLY A 71 3.07 -60.35 -20.51
CA GLY A 71 2.69 -59.68 -21.73
C GLY A 71 1.52 -60.28 -22.50
N GLU A 72 0.73 -61.16 -21.85
CA GLU A 72 -0.43 -61.78 -22.52
C GLU A 72 -1.69 -60.87 -22.45
N THR A 73 -2.76 -61.20 -23.21
CA THR A 73 -4.02 -60.45 -23.20
C THR A 73 -4.80 -60.72 -21.90
N PRO A 74 -5.21 -59.66 -21.14
CA PRO A 74 -6.03 -59.90 -19.95
C PRO A 74 -7.33 -60.62 -20.23
N ARG A 75 -7.78 -61.44 -19.28
CA ARG A 75 -9.04 -62.18 -19.36
C ARG A 75 -9.83 -61.86 -18.08
N VAL A 76 -10.97 -61.18 -18.25
CA VAL A 76 -11.81 -60.78 -17.11
C VAL A 76 -13.18 -61.41 -17.08
N GLU A 77 -13.71 -61.65 -15.88
CA GLU A 77 -15.04 -62.19 -15.65
C GLU A 77 -15.89 -61.14 -14.96
N GLU A 78 -17.08 -60.89 -15.52
CA GLU A 78 -17.97 -59.85 -15.04
C GLU A 78 -18.86 -60.31 -13.88
N VAL A 79 -18.59 -59.73 -12.69
CA VAL A 79 -19.27 -60.04 -11.42
C VAL A 79 -20.22 -58.89 -11.04
N GLY A 80 -21.44 -59.24 -10.68
CA GLY A 80 -22.44 -58.25 -10.25
C GLY A 80 -23.86 -58.71 -10.51
N PRO A 81 -24.86 -57.93 -10.06
CA PRO A 81 -24.76 -56.66 -9.37
C PRO A 81 -24.57 -56.73 -7.83
N TYR A 82 -24.10 -55.61 -7.28
CA TYR A 82 -24.11 -55.29 -5.87
C TYR A 82 -24.94 -53.99 -5.91
N THR A 83 -26.24 -54.17 -5.58
CA THR A 83 -27.32 -53.20 -5.59
C THR A 83 -27.41 -52.53 -4.26
N TYR A 84 -27.36 -51.21 -4.32
CA TYR A 84 -27.43 -50.30 -3.21
C TYR A 84 -28.50 -49.31 -3.53
N ARG A 85 -29.50 -49.19 -2.62
CA ARG A 85 -30.57 -48.19 -2.75
C ARG A 85 -29.96 -46.90 -2.20
N GLU A 86 -30.20 -45.78 -2.91
CA GLU A 86 -29.64 -44.48 -2.48
C GLU A 86 -30.54 -43.74 -1.49
N LEU A 87 -29.95 -42.83 -0.71
CA LEU A 87 -30.64 -41.94 0.23
C LEU A 87 -30.21 -40.52 -0.15
N ARG A 88 -31.12 -39.71 -0.72
CA ARG A 88 -30.77 -38.37 -1.22
C ARG A 88 -31.45 -37.24 -0.48
N ASN A 89 -30.71 -36.17 -0.17
CA ASN A 89 -31.26 -34.99 0.53
C ASN A 89 -30.50 -33.66 0.27
N LYS A 90 -31.24 -32.56 -0.11
CA LYS A 90 -30.56 -31.28 -0.33
C LYS A 90 -30.38 -30.60 1.02
N ALA A 91 -29.13 -30.28 1.38
CA ALA A 91 -28.85 -29.59 2.65
C ALA A 91 -28.25 -28.19 2.42
N ASN A 92 -28.16 -27.39 3.51
CA ASN A 92 -27.65 -26.01 3.51
C ASN A 92 -28.33 -25.12 2.42
N ILE A 93 -29.68 -25.18 2.34
CA ILE A 93 -30.45 -24.41 1.37
C ILE A 93 -30.51 -22.93 1.75
N GLN A 94 -30.24 -22.05 0.78
CA GLN A 94 -30.27 -20.59 0.92
C GLN A 94 -30.63 -19.93 -0.41
N PHE A 95 -31.62 -19.03 -0.38
CA PHE A 95 -32.09 -18.27 -1.54
C PHE A 95 -31.22 -17.01 -1.79
N GLY A 96 -31.22 -16.53 -3.04
CA GLY A 96 -30.41 -15.38 -3.42
C GLY A 96 -30.86 -14.60 -4.63
N ASP A 97 -30.13 -13.50 -4.90
CA ASP A 97 -30.26 -12.55 -5.99
C ASP A 97 -31.70 -12.20 -6.40
N ASN A 98 -32.52 -11.81 -5.41
CA ASN A 98 -33.94 -11.44 -5.53
C ASN A 98 -34.79 -12.63 -6.05
N GLY A 99 -34.51 -13.80 -5.48
CA GLY A 99 -35.19 -15.04 -5.83
C GLY A 99 -34.81 -15.66 -7.17
N THR A 100 -33.70 -15.16 -7.79
CA THR A 100 -33.20 -15.64 -9.08
C THR A 100 -32.36 -16.90 -8.96
N THR A 101 -31.66 -17.07 -7.81
CA THR A 101 -30.74 -18.16 -7.51
C THR A 101 -31.04 -18.84 -6.17
N ILE A 102 -30.49 -20.03 -5.98
CA ILE A 102 -30.62 -20.88 -4.81
C ILE A 102 -29.31 -21.69 -4.67
N SER A 103 -28.84 -21.84 -3.43
CA SER A 103 -27.63 -22.57 -3.16
C SER A 103 -27.95 -23.72 -2.25
N ALA A 104 -27.34 -24.89 -2.51
CA ALA A 104 -27.50 -26.10 -1.73
C ALA A 104 -26.38 -27.12 -2.00
N VAL A 105 -26.30 -28.17 -1.17
CA VAL A 105 -25.43 -29.33 -1.34
C VAL A 105 -26.35 -30.52 -1.51
N SER A 106 -25.91 -31.61 -2.17
CA SER A 106 -26.80 -32.77 -2.33
C SER A 106 -26.17 -34.02 -1.79
N ASN A 107 -26.62 -34.43 -0.58
CA ASN A 107 -26.11 -35.61 0.11
C ASN A 107 -26.66 -36.89 -0.46
N LYS A 108 -25.79 -37.88 -0.63
CA LYS A 108 -26.09 -39.19 -1.18
C LYS A 108 -25.46 -40.26 -0.28
N ALA A 109 -26.28 -41.22 0.15
CA ALA A 109 -25.87 -42.35 1.00
C ALA A 109 -26.38 -43.66 0.38
N TYR A 110 -25.59 -44.72 0.44
CA TYR A 110 -25.93 -46.00 -0.16
C TYR A 110 -26.29 -47.04 0.89
N VAL A 111 -27.45 -47.71 0.71
CA VAL A 111 -27.94 -48.80 1.58
C VAL A 111 -27.98 -50.11 0.76
N PHE A 112 -27.15 -51.08 1.14
CA PHE A 112 -27.03 -52.35 0.44
C PHE A 112 -28.29 -53.22 0.49
N GLU A 113 -28.64 -53.80 -0.68
CA GLU A 113 -29.81 -54.66 -0.85
C GLU A 113 -29.37 -56.06 -1.30
N ARG A 114 -29.20 -56.99 -0.34
CA ARG A 114 -28.76 -58.37 -0.62
C ARG A 114 -29.66 -59.08 -1.60
N ASP A 115 -30.99 -59.03 -1.36
CA ASP A 115 -32.02 -59.63 -2.20
C ASP A 115 -31.89 -59.28 -3.71
N GLN A 116 -31.45 -58.05 -4.00
CA GLN A 116 -31.24 -57.58 -5.36
C GLN A 116 -29.76 -57.75 -5.84
N SER A 117 -28.87 -58.41 -5.08
CA SER A 117 -27.47 -58.55 -5.45
C SER A 117 -27.05 -60.00 -5.68
N VAL A 118 -25.99 -60.18 -6.50
CA VAL A 118 -25.39 -61.48 -6.84
C VAL A 118 -24.76 -62.15 -5.58
N GLY A 119 -24.33 -61.34 -4.63
CA GLY A 119 -23.68 -61.83 -3.42
C GLY A 119 -23.41 -60.81 -2.34
N ASP A 120 -22.73 -61.23 -1.26
CA ASP A 120 -22.39 -60.37 -0.12
C ASP A 120 -21.06 -59.65 -0.38
N PRO A 121 -21.07 -58.30 -0.53
CA PRO A 121 -19.83 -57.56 -0.83
C PRO A 121 -18.78 -57.66 0.26
N LYS A 122 -19.20 -58.05 1.49
CA LYS A 122 -18.33 -58.24 2.62
C LYS A 122 -17.64 -59.63 2.58
N ILE A 123 -18.07 -60.50 1.63
CA ILE A 123 -17.55 -61.86 1.46
C ILE A 123 -16.96 -62.06 0.08
N ASP A 124 -17.72 -61.69 -0.98
CA ASP A 124 -17.26 -61.85 -2.36
C ASP A 124 -15.96 -61.07 -2.63
N LEU A 125 -15.01 -61.73 -3.28
CA LEU A 125 -13.68 -61.22 -3.57
C LEU A 125 -13.49 -60.82 -5.05
N ILE A 126 -12.61 -59.85 -5.31
CA ILE A 126 -12.25 -59.43 -6.66
C ILE A 126 -10.75 -59.21 -6.77
N ARG A 127 -10.12 -59.91 -7.73
CA ARG A 127 -8.70 -59.73 -8.05
C ARG A 127 -8.62 -58.64 -9.15
N THR A 128 -8.01 -57.52 -8.84
CA THR A 128 -7.93 -56.42 -9.79
C THR A 128 -6.61 -55.67 -9.63
N LEU A 129 -6.48 -54.49 -10.27
CA LEU A 129 -5.25 -53.74 -10.16
C LEU A 129 -5.02 -53.13 -8.76
N ASN A 130 -3.74 -52.92 -8.43
CA ASN A 130 -3.37 -52.29 -7.17
C ASN A 130 -3.34 -50.77 -7.42
N ILE A 131 -4.56 -50.16 -7.41
CA ILE A 131 -4.71 -48.72 -7.63
C ILE A 131 -3.82 -47.91 -6.70
N PRO A 132 -3.78 -48.14 -5.34
CA PRO A 132 -2.85 -47.38 -4.52
C PRO A 132 -1.43 -47.43 -5.06
N VAL A 133 -0.89 -48.64 -5.45
CA VAL A 133 0.50 -48.63 -5.91
C VAL A 133 0.72 -47.88 -7.24
N LEU A 134 -0.15 -48.08 -8.25
CA LEU A 134 -0.05 -47.34 -9.52
C LEU A 134 -0.21 -45.82 -9.29
N THR A 135 -1.08 -45.45 -8.30
CA THR A 135 -1.38 -44.09 -7.87
C THR A 135 -0.14 -43.49 -7.31
N VAL A 136 0.63 -44.26 -6.50
CA VAL A 136 1.86 -43.73 -5.90
C VAL A 136 3.00 -43.62 -6.89
N ILE A 137 3.15 -44.64 -7.76
CA ILE A 137 4.15 -44.70 -8.82
C ILE A 137 3.95 -43.44 -9.73
N GLU A 138 2.67 -43.11 -10.07
CA GLU A 138 2.31 -41.94 -10.89
C GLU A 138 2.82 -40.64 -10.24
N TRP A 139 2.38 -40.37 -8.99
CA TRP A 139 2.72 -39.23 -8.15
C TRP A 139 4.22 -38.98 -8.05
N SER A 140 5.06 -40.00 -8.32
CA SER A 140 6.50 -39.86 -8.21
C SER A 140 7.14 -39.58 -9.57
N GLN A 141 7.81 -38.40 -9.71
CA GLN A 141 8.52 -38.02 -10.95
C GLN A 141 9.95 -37.50 -10.67
N VAL A 142 10.37 -37.66 -9.40
CA VAL A 142 11.69 -37.40 -8.82
C VAL A 142 12.28 -38.83 -8.57
N HIS A 143 13.54 -39.05 -9.00
CA HIS A 143 14.22 -40.35 -8.84
C HIS A 143 14.24 -40.85 -7.37
N PHE A 144 14.71 -40.01 -6.38
CA PHE A 144 14.74 -40.29 -4.93
C PHE A 144 13.39 -40.81 -4.39
N LEU A 145 12.29 -40.06 -4.69
CA LEU A 145 10.89 -40.37 -4.37
C LEU A 145 10.60 -41.78 -4.90
N ARG A 146 10.84 -42.01 -6.23
CA ARG A 146 10.64 -43.28 -6.92
C ARG A 146 11.48 -44.45 -6.37
N GLU A 147 12.72 -44.16 -5.98
CA GLU A 147 13.63 -45.15 -5.36
C GLU A 147 13.04 -45.63 -4.03
N ILE A 148 12.46 -44.66 -3.21
CA ILE A 148 11.81 -44.90 -1.90
C ILE A 148 10.64 -45.86 -2.05
N ILE A 149 9.75 -45.58 -3.02
CA ILE A 149 8.55 -46.37 -3.31
C ILE A 149 8.90 -47.84 -3.67
N GLU A 150 9.84 -48.08 -4.62
CA GLU A 150 10.25 -49.43 -5.03
C GLU A 150 10.77 -50.21 -3.83
N ALA A 151 11.60 -49.53 -2.98
CA ALA A 151 12.18 -50.08 -1.75
C ALA A 151 11.09 -50.66 -0.87
N MET A 152 10.00 -49.90 -0.75
CA MET A 152 8.88 -50.27 0.05
C MET A 152 8.17 -51.43 -0.60
N LEU A 153 7.99 -51.43 -1.95
CA LEU A 153 7.26 -52.49 -2.68
C LEU A 153 8.00 -53.80 -2.58
N LYS A 154 9.35 -53.75 -2.73
CA LYS A 154 10.31 -54.86 -2.59
C LYS A 154 10.15 -55.54 -1.22
N ALA A 155 10.51 -54.78 -0.16
CA ALA A 155 10.47 -55.11 1.25
C ALA A 155 9.14 -55.71 1.71
N TYR A 156 8.04 -55.15 1.22
CA TYR A 156 6.66 -55.49 1.57
C TYR A 156 6.05 -56.49 0.60
N GLN A 157 6.87 -56.99 -0.37
CA GLN A 157 6.49 -57.97 -1.39
C GLN A 157 5.16 -57.59 -2.04
N GLN A 158 5.09 -56.34 -2.54
CA GLN A 158 3.85 -55.79 -3.13
C GLN A 158 3.57 -56.20 -4.55
N LYS A 159 2.30 -56.44 -4.88
CA LYS A 159 1.95 -56.93 -6.22
C LYS A 159 0.99 -56.04 -7.03
N LEU A 160 1.05 -56.15 -8.38
CA LEU A 160 0.16 -55.34 -9.24
C LEU A 160 -1.28 -55.79 -9.19
N PHE A 161 -1.50 -57.09 -9.03
CA PHE A 161 -2.83 -57.68 -8.92
C PHE A 161 -3.04 -58.10 -7.48
N VAL A 162 -4.11 -57.57 -6.90
CA VAL A 162 -4.44 -57.80 -5.52
C VAL A 162 -5.93 -58.23 -5.35
N THR A 163 -6.24 -59.03 -4.30
CA THR A 163 -7.60 -59.51 -4.04
C THR A 163 -8.17 -58.92 -2.76
N HIS A 164 -9.37 -58.32 -2.90
CA HIS A 164 -10.11 -57.68 -1.81
C HIS A 164 -11.61 -57.93 -1.89
N THR A 165 -12.37 -57.70 -0.77
CA THR A 165 -13.82 -57.82 -0.88
C THR A 165 -14.38 -56.63 -1.63
N VAL A 166 -15.52 -56.84 -2.32
CA VAL A 166 -16.25 -55.81 -3.03
C VAL A 166 -16.34 -54.60 -2.06
N ASP A 167 -16.74 -54.86 -0.79
CA ASP A 167 -16.84 -53.84 0.24
C ASP A 167 -15.57 -53.04 0.40
N GLU A 168 -14.39 -53.71 0.47
CA GLU A 168 -13.10 -52.99 0.58
C GLU A 168 -12.81 -52.10 -0.66
N LEU A 169 -13.05 -52.65 -1.87
CA LEU A 169 -12.82 -51.92 -3.11
C LEU A 169 -13.72 -50.66 -3.26
N LEU A 170 -14.98 -50.80 -2.86
CA LEU A 170 -15.97 -49.77 -3.00
C LEU A 170 -15.81 -48.71 -1.89
N TRP A 171 -15.82 -49.15 -0.64
CA TRP A 171 -15.85 -48.29 0.53
C TRP A 171 -14.56 -47.95 1.26
N GLY A 172 -13.52 -48.74 1.01
CA GLY A 172 -12.18 -48.47 1.53
C GLY A 172 -11.54 -49.56 2.36
N TYR A 173 -10.22 -49.71 2.22
CA TYR A 173 -9.39 -50.64 2.97
C TYR A 173 -8.04 -49.93 3.30
N LYS A 174 -7.38 -50.29 4.44
CA LYS A 174 -6.10 -49.72 4.79
C LYS A 174 -5.05 -50.40 3.90
N ASP A 175 -4.29 -49.60 3.14
CA ASP A 175 -3.24 -50.17 2.30
C ASP A 175 -1.92 -50.06 3.02
N GLU A 176 -1.13 -51.15 2.95
CA GLU A 176 0.16 -51.27 3.59
C GLU A 176 1.15 -50.21 3.18
N ILE A 177 1.31 -50.01 1.86
CA ILE A 177 2.24 -49.02 1.30
C ILE A 177 1.88 -47.61 1.73
N LEU A 178 0.61 -47.21 1.53
CA LEU A 178 0.09 -45.89 1.93
C LEU A 178 0.23 -45.62 3.42
N SER A 179 -0.08 -46.65 4.29
CA SER A 179 0.07 -46.57 5.74
C SER A 179 1.46 -46.05 6.09
N LEU A 180 2.48 -46.64 5.42
CA LEU A 180 3.89 -46.31 5.60
C LEU A 180 4.22 -44.91 5.06
N ILE A 181 3.65 -44.56 3.89
CA ILE A 181 3.84 -43.23 3.30
C ILE A 181 3.28 -42.18 4.24
N HIS A 182 2.05 -42.42 4.76
CA HIS A 182 1.38 -41.57 5.75
C HIS A 182 2.29 -41.16 6.94
N VAL A 183 3.18 -42.08 7.36
CA VAL A 183 4.12 -41.83 8.45
C VAL A 183 5.04 -40.66 8.11
N PHE A 184 5.45 -40.59 6.83
CA PHE A 184 6.35 -39.53 6.37
C PHE A 184 5.60 -38.35 5.79
N ARG A 185 4.47 -38.59 5.12
CA ARG A 185 3.65 -37.55 4.52
C ARG A 185 2.19 -37.64 5.06
N PRO A 186 1.89 -36.98 6.21
CA PRO A 186 0.55 -37.06 6.81
C PRO A 186 -0.65 -36.57 5.99
N ASP A 187 -0.36 -35.90 4.87
CA ASP A 187 -1.36 -35.43 3.91
C ASP A 187 -1.88 -36.61 3.12
N ILE A 188 -1.02 -37.65 2.91
CA ILE A 188 -1.35 -38.87 2.17
C ILE A 188 -2.11 -39.88 3.06
N SER A 189 -3.35 -40.23 2.64
CA SER A 189 -4.22 -41.15 3.38
C SER A 189 -3.76 -42.58 3.28
N PRO A 190 -3.77 -43.33 4.44
CA PRO A 190 -3.44 -44.76 4.41
C PRO A 190 -4.55 -45.61 3.80
N TYR A 191 -5.74 -45.00 3.47
CA TYR A 191 -6.94 -45.69 2.98
C TYR A 191 -7.23 -45.48 1.52
N PHE A 192 -7.79 -46.52 0.86
CA PHE A 192 -8.20 -46.50 -0.53
C PHE A 192 -9.52 -47.27 -0.78
N GLY A 193 -10.33 -46.64 -1.61
CA GLY A 193 -11.59 -47.17 -2.08
C GLY A 193 -12.05 -46.36 -3.27
N LEU A 194 -12.75 -47.02 -4.23
CA LEU A 194 -13.26 -46.35 -5.42
C LEU A 194 -14.25 -45.28 -5.00
N PHE A 195 -15.04 -45.56 -3.94
CA PHE A 195 -16.03 -44.63 -3.38
C PHE A 195 -15.76 -44.32 -1.93
N TYR A 196 -14.49 -44.40 -1.50
CA TYR A 196 -14.11 -44.12 -0.12
C TYR A 196 -14.59 -42.71 0.24
N GLU A 197 -15.13 -42.59 1.47
CA GLU A 197 -15.65 -41.37 2.09
C GLU A 197 -16.73 -40.66 1.27
N LYS A 198 -17.51 -41.45 0.51
CA LYS A 198 -18.58 -40.94 -0.34
C LYS A 198 -19.99 -41.26 0.16
N ASN A 199 -20.10 -42.24 1.10
CA ASN A 199 -21.39 -42.59 1.72
C ASN A 199 -21.76 -41.51 2.74
N GLY A 200 -22.82 -40.73 2.45
CA GLY A 200 -23.29 -39.68 3.34
C GLY A 200 -22.96 -38.26 2.92
N THR A 201 -21.82 -38.09 2.20
CA THR A 201 -21.32 -36.79 1.72
C THR A 201 -21.97 -36.28 0.42
N ASN A 202 -21.55 -35.06 -0.01
CA ASN A 202 -21.97 -34.33 -1.21
C ASN A 202 -20.77 -34.05 -2.11
N ASP A 203 -21.03 -33.62 -3.36
CA ASP A 203 -20.02 -33.35 -4.38
C ASP A 203 -19.70 -31.86 -4.47
N GLY A 204 -19.64 -31.20 -3.32
CA GLY A 204 -19.35 -29.78 -3.27
C GLY A 204 -20.58 -28.90 -3.33
N ASP A 205 -20.35 -27.61 -3.09
CA ASP A 205 -21.38 -26.56 -3.04
C ASP A 205 -21.83 -26.15 -4.43
N TYR A 206 -23.11 -25.90 -4.57
CA TYR A 206 -23.69 -25.55 -5.85
C TYR A 206 -24.63 -24.38 -5.75
N VAL A 207 -24.65 -23.54 -6.78
CA VAL A 207 -25.61 -22.47 -6.83
C VAL A 207 -26.37 -22.62 -8.13
N PHE A 208 -27.68 -22.87 -7.99
CA PHE A 208 -28.58 -23.13 -9.10
C PHE A 208 -29.42 -21.95 -9.38
N LEU A 209 -29.65 -21.73 -10.66
CA LEU A 209 -30.50 -20.70 -11.23
C LEU A 209 -31.93 -21.27 -11.16
N THR A 210 -32.85 -20.60 -10.48
CA THR A 210 -34.23 -21.10 -10.44
C THR A 210 -35.01 -20.57 -11.65
N GLY A 211 -36.04 -21.31 -12.06
CA GLY A 211 -36.86 -20.90 -13.22
C GLY A 211 -37.68 -19.63 -13.10
N GLU A 212 -37.29 -18.66 -12.25
CA GLU A 212 -38.02 -17.40 -12.07
C GLU A 212 -37.81 -16.39 -13.20
N ASP A 213 -36.56 -16.23 -13.66
CA ASP A 213 -36.13 -15.32 -14.74
C ASP A 213 -36.55 -15.84 -16.12
N SER A 214 -36.57 -17.16 -16.28
CA SER A 214 -36.93 -17.91 -17.48
C SER A 214 -36.99 -19.37 -17.09
N TYR A 215 -38.00 -20.10 -17.60
CA TYR A 215 -38.16 -21.52 -17.33
C TYR A 215 -36.99 -22.30 -17.91
N LEU A 216 -36.40 -21.85 -19.05
CA LEU A 216 -35.28 -22.50 -19.72
C LEU A 216 -34.06 -22.64 -18.82
N ASN A 217 -34.02 -21.69 -17.87
CA ASN A 217 -33.04 -21.48 -16.83
C ASN A 217 -33.41 -22.19 -15.49
N PHE A 218 -34.39 -23.14 -15.52
CA PHE A 218 -34.78 -23.95 -14.35
C PHE A 218 -33.69 -24.96 -14.06
N THR A 219 -33.18 -24.95 -12.79
CA THR A 219 -32.12 -25.76 -12.21
C THR A 219 -30.75 -25.67 -12.94
N LYS A 220 -30.54 -24.66 -13.79
CA LYS A 220 -29.28 -24.47 -14.53
C LYS A 220 -28.15 -24.21 -13.54
N ILE A 221 -27.02 -24.97 -13.63
CA ILE A 221 -25.90 -24.73 -12.73
C ILE A 221 -25.17 -23.44 -13.16
N VAL A 222 -24.94 -22.53 -12.20
CA VAL A 222 -24.24 -21.26 -12.42
C VAL A 222 -22.88 -21.17 -11.73
N GLU A 223 -22.68 -22.00 -10.68
CA GLU A 223 -21.42 -22.06 -9.94
C GLU A 223 -21.28 -23.41 -9.24
N TRP A 224 -20.04 -23.92 -9.19
CA TRP A 224 -19.65 -25.16 -8.52
C TRP A 224 -18.32 -24.89 -7.84
N ASN A 225 -18.33 -24.98 -6.49
CA ASN A 225 -17.19 -24.72 -5.61
C ASN A 225 -16.65 -23.31 -5.87
N GLY A 226 -17.56 -22.34 -5.89
CA GLY A 226 -17.23 -20.93 -6.09
C GLY A 226 -16.80 -20.51 -7.48
N LYS A 227 -16.48 -21.50 -8.34
CA LYS A 227 -16.04 -21.26 -9.71
C LYS A 227 -17.24 -21.37 -10.69
N THR A 228 -17.32 -20.46 -11.68
CA THR A 228 -18.39 -20.49 -12.69
C THR A 228 -18.00 -21.46 -13.82
N SER A 229 -16.70 -21.85 -13.86
CA SER A 229 -16.18 -22.77 -14.87
C SER A 229 -15.17 -23.70 -14.26
N LEU A 230 -14.82 -24.78 -15.00
CA LEU A 230 -13.81 -25.74 -14.56
C LEU A 230 -12.42 -25.16 -14.90
N ASP A 231 -11.35 -25.69 -14.28
CA ASP A 231 -10.01 -25.17 -14.59
C ASP A 231 -9.04 -26.29 -14.97
N TRP A 232 -9.53 -27.55 -14.97
CA TRP A 232 -8.67 -28.70 -15.29
C TRP A 232 -8.55 -29.08 -16.75
N TRP A 233 -9.32 -28.47 -17.66
CA TRP A 233 -9.20 -28.76 -19.09
C TRP A 233 -8.38 -27.71 -19.88
N ILE A 234 -8.10 -28.02 -21.17
CA ILE A 234 -7.25 -27.21 -22.06
C ILE A 234 -7.93 -26.04 -22.81
N THR A 235 -9.19 -26.19 -23.20
CA THR A 235 -9.85 -25.11 -23.92
C THR A 235 -10.96 -24.52 -23.09
N ASP A 236 -11.28 -23.21 -23.37
CA ASP A 236 -12.37 -22.45 -22.75
C ASP A 236 -13.70 -23.20 -22.85
N LYS A 237 -13.98 -23.80 -24.04
CA LYS A 237 -15.18 -24.58 -24.33
C LYS A 237 -15.29 -25.78 -23.43
N CYS A 238 -14.22 -26.56 -23.30
CA CYS A 238 -14.15 -27.78 -22.49
C CYS A 238 -14.39 -27.58 -21.01
N ASN A 239 -13.94 -26.41 -20.50
CA ASN A 239 -14.05 -26.03 -19.09
C ASN A 239 -15.44 -25.47 -18.69
N MET A 240 -16.37 -25.36 -19.64
CA MET A 240 -17.70 -24.83 -19.34
C MET A 240 -18.56 -25.76 -18.45
N ILE A 241 -19.32 -25.13 -17.53
CA ILE A 241 -20.28 -25.84 -16.69
C ILE A 241 -21.62 -25.61 -17.37
N ASN A 242 -22.13 -26.66 -17.96
CA ASN A 242 -23.37 -26.61 -18.72
C ASN A 242 -24.47 -27.44 -18.12
N GLY A 243 -25.65 -26.94 -18.26
CA GLY A 243 -26.83 -27.65 -17.84
C GLY A 243 -27.08 -27.75 -16.37
N THR A 244 -27.82 -28.82 -16.02
CA THR A 244 -28.27 -29.14 -14.67
C THR A 244 -27.47 -30.32 -14.20
N ASP A 245 -27.62 -30.70 -12.91
CA ASP A 245 -26.96 -31.86 -12.27
C ASP A 245 -27.49 -33.20 -12.85
N GLY A 246 -28.44 -33.12 -13.77
CA GLY A 246 -28.99 -34.30 -14.43
C GLY A 246 -30.13 -34.98 -13.72
N ASP A 247 -30.46 -34.50 -12.48
CA ASP A 247 -31.55 -35.05 -11.67
C ASP A 247 -32.87 -34.41 -12.04
N SER A 248 -32.86 -33.38 -12.93
CA SER A 248 -34.03 -32.59 -13.42
C SER A 248 -33.69 -31.82 -14.69
N PHE A 249 -34.71 -31.30 -15.40
CA PHE A 249 -34.55 -30.50 -16.64
C PHE A 249 -35.64 -29.46 -16.75
N HIS A 250 -35.42 -28.38 -17.54
CA HIS A 250 -36.47 -27.33 -17.72
C HIS A 250 -37.79 -27.84 -18.24
N PRO A 251 -38.94 -27.24 -17.90
CA PRO A 251 -40.21 -27.72 -18.50
C PRO A 251 -40.34 -27.32 -19.96
N LEU A 252 -41.25 -27.94 -20.72
CA LEU A 252 -41.52 -27.63 -22.13
C LEU A 252 -40.27 -27.84 -22.99
N ILE A 253 -39.77 -29.08 -23.03
CA ILE A 253 -38.59 -29.42 -23.85
C ILE A 253 -39.08 -29.61 -25.30
N THR A 254 -38.18 -29.51 -26.28
CA THR A 254 -38.49 -29.69 -27.70
C THR A 254 -37.53 -30.74 -28.27
N LYS A 255 -38.10 -31.68 -29.08
CA LYS A 255 -37.45 -32.82 -29.76
C LYS A 255 -36.10 -32.46 -30.43
N ASP A 256 -35.90 -31.18 -30.82
CA ASP A 256 -34.74 -30.62 -31.52
C ASP A 256 -33.63 -30.15 -30.62
N GLU A 257 -33.96 -29.65 -29.42
CA GLU A 257 -32.88 -29.16 -28.56
C GLU A 257 -32.08 -30.30 -27.97
N VAL A 258 -30.84 -29.98 -27.65
CA VAL A 258 -29.83 -30.85 -27.07
C VAL A 258 -29.81 -30.45 -25.60
N LEU A 259 -29.76 -31.43 -24.65
CA LEU A 259 -29.78 -31.09 -23.22
C LEU A 259 -28.48 -31.33 -22.57
N TYR A 260 -27.93 -30.32 -21.87
CA TYR A 260 -26.63 -30.45 -21.17
C TYR A 260 -26.79 -30.88 -19.72
N VAL A 261 -25.83 -31.67 -19.25
CA VAL A 261 -25.72 -32.17 -17.87
C VAL A 261 -24.27 -31.99 -17.37
N PHE A 262 -24.09 -31.58 -16.09
CA PHE A 262 -22.77 -31.50 -15.50
C PHE A 262 -22.64 -32.62 -14.45
N PRO A 263 -22.19 -33.82 -14.87
CA PRO A 263 -22.03 -34.89 -13.90
C PRO A 263 -20.65 -34.64 -13.28
N SER A 264 -20.65 -34.01 -12.10
CA SER A 264 -19.49 -33.66 -11.27
C SER A 264 -18.41 -34.76 -11.32
N ASP A 265 -18.82 -36.04 -11.10
CA ASP A 265 -17.95 -37.22 -11.07
C ASP A 265 -17.25 -37.54 -12.37
N PHE A 266 -17.87 -37.23 -13.50
CA PHE A 266 -17.33 -37.47 -14.83
C PHE A 266 -16.32 -36.39 -15.20
N CYS A 267 -16.25 -35.33 -14.38
CA CYS A 267 -15.31 -34.21 -14.47
C CYS A 267 -15.42 -33.28 -15.65
N ARG A 268 -16.56 -33.29 -16.31
CA ARG A 268 -16.85 -32.41 -17.44
C ARG A 268 -18.34 -32.37 -17.69
N SER A 269 -18.83 -31.30 -18.36
CA SER A 269 -20.23 -31.17 -18.83
C SER A 269 -20.41 -32.13 -20.03
N VAL A 270 -21.65 -32.60 -20.22
CA VAL A 270 -22.03 -33.59 -21.21
C VAL A 270 -23.40 -33.19 -21.73
N TYR A 271 -23.72 -33.48 -22.99
CA TYR A 271 -25.03 -33.19 -23.53
C TYR A 271 -25.69 -34.53 -23.93
N ILE A 272 -27.01 -34.58 -23.94
CA ILE A 272 -27.79 -35.75 -24.32
C ILE A 272 -28.72 -35.37 -25.45
N THR A 273 -28.96 -36.29 -26.41
CA THR A 273 -29.79 -36.06 -27.60
C THR A 273 -31.04 -36.96 -27.70
N PHE A 274 -32.14 -36.42 -28.28
CA PHE A 274 -33.43 -37.11 -28.44
C PHE A 274 -33.30 -38.28 -29.31
N SER A 275 -33.80 -39.41 -28.82
CA SER A 275 -33.82 -40.68 -29.50
C SER A 275 -35.24 -41.04 -30.01
N ASP A 276 -36.25 -41.19 -29.10
CA ASP A 276 -37.65 -41.55 -29.45
C ASP A 276 -38.69 -41.20 -28.37
N TYR A 277 -39.99 -41.38 -28.68
CA TYR A 277 -41.10 -41.17 -27.73
C TYR A 277 -41.40 -42.49 -26.96
N GLU A 278 -41.63 -42.41 -25.63
CA GLU A 278 -41.93 -43.54 -24.74
C GLU A 278 -42.96 -43.26 -23.62
N SER A 279 -43.58 -44.32 -23.08
CA SER A 279 -44.60 -44.23 -21.99
C SER A 279 -44.09 -44.92 -20.73
N VAL A 280 -43.91 -44.13 -19.68
CA VAL A 280 -43.49 -44.59 -18.36
C VAL A 280 -44.68 -44.42 -17.42
N GLN A 281 -45.08 -45.51 -16.74
CA GLN A 281 -46.29 -45.58 -15.93
C GLN A 281 -47.38 -45.12 -16.92
N GLY A 282 -48.07 -44.04 -16.58
CA GLY A 282 -49.08 -43.52 -17.49
C GLY A 282 -48.78 -42.17 -18.08
N LEU A 283 -47.49 -41.80 -18.08
CA LEU A 283 -47.05 -40.50 -18.52
C LEU A 283 -46.20 -40.56 -19.81
N PRO A 284 -46.36 -39.57 -20.73
CA PRO A 284 -45.53 -39.55 -21.95
C PRO A 284 -44.10 -39.12 -21.62
N ALA A 285 -43.14 -39.55 -22.44
CA ALA A 285 -41.75 -39.18 -22.24
C ALA A 285 -40.93 -39.17 -23.50
N PHE A 286 -39.84 -38.39 -23.51
CA PHE A 286 -38.92 -38.39 -24.62
C PHE A 286 -37.64 -39.11 -24.09
N ARG A 287 -37.22 -40.09 -24.86
CA ARG A 287 -36.05 -40.90 -24.63
C ARG A 287 -34.85 -40.08 -25.14
N TYR A 288 -33.99 -39.66 -24.21
CA TYR A 288 -32.78 -38.92 -24.50
C TYR A 288 -31.62 -39.81 -24.18
N LYS A 289 -30.62 -39.90 -25.08
CA LYS A 289 -29.43 -40.76 -24.90
C LYS A 289 -28.09 -39.99 -24.96
N VAL A 290 -27.01 -40.52 -24.36
CA VAL A 290 -25.68 -39.94 -24.53
C VAL A 290 -25.21 -40.39 -25.97
N PRO A 291 -25.02 -39.41 -26.90
CA PRO A 291 -24.53 -39.76 -28.26
C PRO A 291 -23.03 -40.09 -28.29
N ALA A 292 -22.56 -40.82 -29.34
CA ALA A 292 -21.15 -41.25 -29.49
C ALA A 292 -20.13 -40.12 -29.46
N GLU A 293 -20.46 -38.99 -30.11
CA GLU A 293 -19.66 -37.77 -30.21
C GLU A 293 -19.04 -37.32 -28.87
N ILE A 294 -19.80 -37.48 -27.76
CA ILE A 294 -19.41 -37.10 -26.39
C ILE A 294 -17.97 -37.44 -26.05
N LEU A 295 -17.54 -38.67 -26.29
CA LEU A 295 -16.19 -39.13 -25.97
C LEU A 295 -15.35 -39.44 -27.22
N ALA A 296 -15.86 -39.11 -28.42
CA ALA A 296 -15.18 -39.34 -29.69
C ALA A 296 -14.01 -38.38 -29.86
N ASN A 297 -13.04 -38.76 -30.71
CA ASN A 297 -11.85 -37.94 -30.99
C ASN A 297 -12.19 -36.88 -32.05
N THR A 298 -12.84 -35.80 -31.58
CA THR A 298 -13.27 -34.68 -32.40
C THR A 298 -12.58 -33.39 -32.00
N SER A 299 -12.69 -32.33 -32.85
CA SER A 299 -12.14 -30.99 -32.63
C SER A 299 -12.71 -30.38 -31.36
N ASP A 300 -14.05 -30.48 -31.17
CA ASP A 300 -14.78 -30.02 -29.99
C ASP A 300 -14.36 -30.78 -28.67
N ASN A 301 -13.70 -32.00 -28.77
CA ASN A 301 -13.19 -32.80 -27.63
C ASN A 301 -11.64 -32.78 -27.50
N ALA A 302 -10.97 -31.90 -28.27
CA ALA A 302 -9.52 -31.76 -28.29
C ALA A 302 -8.95 -31.33 -26.95
N GLY A 303 -9.62 -30.34 -26.32
CA GLY A 303 -9.26 -29.78 -25.02
C GLY A 303 -9.39 -30.71 -23.83
N PHE A 304 -9.91 -31.95 -24.06
CA PHE A 304 -10.04 -32.97 -23.02
C PHE A 304 -8.80 -33.84 -23.01
N CYS A 305 -7.76 -33.40 -23.72
CA CYS A 305 -6.48 -34.10 -23.85
C CYS A 305 -5.35 -33.28 -23.29
N ILE A 306 -5.05 -33.54 -22.00
CA ILE A 306 -4.02 -32.86 -21.23
C ILE A 306 -2.58 -32.90 -21.78
N PRO A 307 -2.11 -34.02 -22.43
CA PRO A 307 -0.73 -33.99 -22.96
C PRO A 307 -0.66 -33.17 -24.25
N GLU A 308 -0.66 -31.82 -24.10
CA GLU A 308 -0.59 -30.82 -25.18
C GLU A 308 -1.40 -31.16 -26.46
N GLY A 309 -2.60 -31.72 -26.27
CA GLY A 309 -3.51 -32.08 -27.36
C GLY A 309 -3.53 -33.54 -27.77
N ASN A 310 -2.50 -34.32 -27.35
CA ASN A 310 -2.36 -35.75 -27.65
C ASN A 310 -3.46 -36.58 -26.95
N CYS A 311 -4.38 -37.14 -27.75
CA CYS A 311 -5.52 -37.90 -27.27
C CYS A 311 -5.32 -39.39 -27.24
N LEU A 312 -5.87 -40.04 -26.21
CA LEU A 312 -5.79 -41.49 -26.00
C LEU A 312 -6.58 -42.28 -27.03
N GLY A 313 -7.77 -41.80 -27.35
CA GLY A 313 -8.64 -42.46 -28.32
C GLY A 313 -10.11 -42.23 -28.07
N SER A 314 -10.94 -42.55 -29.07
CA SER A 314 -12.39 -42.42 -28.99
C SER A 314 -13.02 -43.34 -27.96
N GLY A 315 -13.85 -42.77 -27.09
CA GLY A 315 -14.60 -43.50 -26.08
C GLY A 315 -14.02 -43.55 -24.69
N VAL A 316 -12.93 -42.81 -24.45
CA VAL A 316 -12.23 -42.75 -23.16
C VAL A 316 -11.82 -41.31 -22.75
N LEU A 317 -11.86 -41.02 -21.43
CA LEU A 317 -11.53 -39.72 -20.88
C LEU A 317 -10.48 -39.84 -19.78
N ASN A 318 -9.36 -39.08 -19.91
CA ASN A 318 -8.31 -39.11 -18.91
C ASN A 318 -8.73 -38.22 -17.74
N VAL A 319 -9.34 -38.81 -16.70
CA VAL A 319 -9.83 -38.08 -15.55
C VAL A 319 -8.76 -37.93 -14.46
N SER A 320 -7.47 -38.09 -14.82
CA SER A 320 -6.33 -38.02 -13.89
C SER A 320 -6.21 -36.71 -13.13
N ILE A 321 -6.41 -35.58 -13.83
CA ILE A 321 -6.31 -34.20 -13.31
C ILE A 321 -7.28 -33.99 -12.16
N CYS A 322 -8.51 -34.50 -12.28
CA CYS A 322 -9.47 -34.35 -11.23
C CYS A 322 -9.51 -35.55 -10.27
N LYS A 323 -8.73 -36.61 -10.49
CA LYS A 323 -8.76 -37.75 -9.56
C LYS A 323 -7.51 -37.80 -8.70
N ASN A 324 -6.97 -36.59 -8.44
CA ASN A 324 -5.80 -36.33 -7.59
C ASN A 324 -4.52 -37.12 -8.07
N GLY A 325 -4.33 -37.10 -9.39
CA GLY A 325 -3.21 -37.73 -10.06
C GLY A 325 -3.31 -39.21 -10.31
N ALA A 326 -4.28 -39.90 -9.65
CA ALA A 326 -4.47 -41.34 -9.82
C ALA A 326 -4.74 -41.68 -11.31
N PRO A 327 -4.07 -42.72 -11.88
CA PRO A 327 -4.26 -43.02 -13.31
C PRO A 327 -5.64 -43.58 -13.73
N ILE A 328 -6.69 -42.81 -13.46
CA ILE A 328 -8.07 -43.21 -13.75
C ILE A 328 -8.49 -42.72 -15.11
N ILE A 329 -9.07 -43.62 -15.89
CA ILE A 329 -9.61 -43.39 -17.24
C ILE A 329 -11.12 -43.71 -17.24
N MET A 330 -11.93 -42.72 -17.57
CA MET A 330 -13.38 -42.90 -17.63
C MET A 330 -13.75 -43.39 -19.00
N SER A 331 -14.76 -44.24 -19.04
CA SER A 331 -15.32 -44.82 -20.27
C SER A 331 -16.72 -45.27 -19.94
N PHE A 332 -17.40 -45.79 -20.94
CA PHE A 332 -18.73 -46.32 -20.76
C PHE A 332 -18.54 -47.83 -20.58
N PRO A 333 -19.51 -48.58 -20.01
CA PRO A 333 -19.25 -50.00 -19.76
C PRO A 333 -18.83 -50.76 -21.00
N HIS A 334 -17.94 -51.75 -20.80
CA HIS A 334 -17.41 -52.62 -21.85
C HIS A 334 -16.78 -51.88 -23.06
N PHE A 335 -16.51 -50.55 -22.88
CA PHE A 335 -16.00 -49.65 -23.92
C PHE A 335 -17.06 -49.54 -25.04
N TYR A 336 -18.30 -49.30 -24.63
CA TYR A 336 -19.40 -49.04 -25.55
C TYR A 336 -19.14 -47.64 -26.09
N GLN A 337 -19.43 -47.40 -27.39
CA GLN A 337 -19.15 -46.12 -28.08
C GLN A 337 -17.63 -45.78 -28.16
N ALA A 338 -16.75 -46.78 -27.92
CA ALA A 338 -15.30 -46.63 -27.99
C ALA A 338 -14.67 -47.41 -29.15
N ASP A 339 -13.43 -47.02 -29.48
CA ASP A 339 -12.60 -47.58 -30.53
C ASP A 339 -12.46 -49.10 -30.34
N GLU A 340 -12.61 -49.90 -31.42
CA GLU A 340 -12.48 -51.38 -31.34
C GLU A 340 -11.25 -51.84 -30.61
N ARG A 341 -10.10 -51.14 -30.80
CA ARG A 341 -8.84 -51.52 -30.15
C ARG A 341 -8.92 -51.60 -28.63
N PHE A 342 -9.79 -50.75 -28.00
CA PHE A 342 -10.03 -50.76 -26.55
C PHE A 342 -10.74 -52.03 -26.10
N VAL A 343 -11.51 -52.65 -27.02
CA VAL A 343 -12.27 -53.87 -26.74
C VAL A 343 -11.42 -55.12 -27.00
N SER A 344 -10.62 -55.13 -28.09
CA SER A 344 -9.75 -56.25 -28.47
C SER A 344 -8.74 -56.47 -27.39
N ALA A 345 -8.27 -55.36 -26.78
CA ALA A 345 -7.30 -55.26 -25.73
C ALA A 345 -7.60 -56.14 -24.50
N ILE A 346 -8.89 -56.23 -24.11
CA ILE A 346 -9.29 -56.98 -22.92
C ILE A 346 -10.27 -58.04 -23.28
N GLU A 347 -9.90 -59.30 -23.02
CA GLU A 347 -10.79 -60.43 -23.32
C GLU A 347 -11.87 -60.54 -22.20
N GLY A 348 -13.14 -60.38 -22.60
CA GLY A 348 -14.28 -60.39 -21.71
C GLY A 348 -15.14 -59.15 -21.86
N MET A 349 -14.70 -58.23 -22.76
CA MET A 349 -15.38 -56.99 -23.08
C MET A 349 -16.33 -57.31 -24.22
N HIS A 350 -17.65 -57.19 -23.97
CA HIS A 350 -18.69 -57.48 -24.94
C HIS A 350 -19.71 -56.35 -24.95
N PRO A 351 -19.34 -55.14 -25.49
CA PRO A 351 -20.26 -54.01 -25.47
C PRO A 351 -21.51 -54.20 -26.31
N ASN A 352 -22.63 -53.62 -25.86
CA ASN A 352 -23.93 -53.62 -26.51
C ASN A 352 -24.69 -52.38 -26.04
N GLN A 353 -25.59 -51.84 -26.88
CA GLN A 353 -26.36 -50.62 -26.59
C GLN A 353 -27.38 -50.80 -25.47
N GLU A 354 -28.26 -51.78 -25.56
CA GLU A 354 -29.30 -52.10 -24.57
C GLU A 354 -28.77 -52.32 -23.13
N ASP A 355 -27.48 -52.71 -22.98
CA ASP A 355 -26.94 -52.96 -21.65
C ASP A 355 -26.00 -51.91 -21.10
N HIS A 356 -25.33 -51.16 -21.98
CA HIS A 356 -24.28 -50.20 -21.66
C HIS A 356 -24.53 -48.69 -21.94
N GLU A 357 -25.55 -48.36 -22.74
CA GLU A 357 -25.92 -46.96 -23.03
C GLU A 357 -26.44 -46.20 -21.81
N THR A 358 -26.45 -44.87 -21.91
CA THR A 358 -26.99 -43.99 -20.88
C THR A 358 -28.19 -43.28 -21.51
N PHE A 359 -29.39 -43.53 -20.96
CA PHE A 359 -30.62 -42.93 -21.44
C PHE A 359 -31.37 -42.28 -20.29
N VAL A 360 -32.34 -41.44 -20.65
CA VAL A 360 -33.20 -40.76 -19.69
C VAL A 360 -34.50 -40.39 -20.37
N ASP A 361 -35.63 -40.87 -19.79
CA ASP A 361 -37.00 -40.65 -20.22
C ASP A 361 -37.56 -39.48 -19.42
N ILE A 362 -37.63 -38.30 -20.07
CA ILE A 362 -38.09 -37.03 -19.50
C ILE A 362 -39.51 -36.72 -19.99
N ASN A 363 -40.45 -36.35 -19.06
CA ASN A 363 -41.81 -35.99 -19.46
C ASN A 363 -41.64 -34.61 -20.12
N PRO A 364 -41.89 -34.49 -21.46
CA PRO A 364 -41.66 -33.20 -22.15
C PRO A 364 -42.28 -31.92 -21.57
N LEU A 365 -43.52 -32.03 -21.05
CA LEU A 365 -44.25 -30.87 -20.50
C LEU A 365 -43.58 -30.31 -19.32
N THR A 366 -43.30 -31.14 -18.30
CA THR A 366 -42.71 -30.72 -17.01
C THR A 366 -41.20 -30.76 -16.91
N GLY A 367 -40.55 -31.65 -17.65
CA GLY A 367 -39.10 -31.82 -17.57
C GLY A 367 -38.68 -32.80 -16.49
N ILE A 368 -39.64 -33.57 -15.94
CA ILE A 368 -39.41 -34.54 -14.89
C ILE A 368 -38.93 -35.90 -15.46
N ILE A 369 -37.79 -36.40 -14.90
CA ILE A 369 -37.21 -37.71 -15.26
C ILE A 369 -38.08 -38.82 -14.68
N LEU A 370 -38.65 -39.65 -15.55
CA LEU A 370 -39.53 -40.74 -15.15
C LEU A 370 -38.80 -42.11 -15.05
N LYS A 371 -37.79 -42.32 -15.90
CA LYS A 371 -36.96 -43.54 -15.95
C LYS A 371 -35.61 -43.16 -16.56
N ALA A 372 -34.52 -43.68 -16.00
CA ALA A 372 -33.17 -43.36 -16.46
C ALA A 372 -32.18 -44.46 -16.06
N ALA A 373 -31.01 -44.42 -16.71
CA ALA A 373 -29.91 -45.33 -16.51
C ALA A 373 -28.62 -44.59 -16.89
N LYS A 374 -27.82 -44.21 -15.87
CA LYS A 374 -26.54 -43.52 -15.98
C LYS A 374 -25.50 -44.61 -15.77
N ARG A 375 -24.77 -44.95 -16.84
CA ARG A 375 -23.82 -46.05 -16.83
C ARG A 375 -22.48 -45.60 -17.33
N PHE A 376 -21.43 -45.80 -16.51
CA PHE A 376 -20.05 -45.46 -16.81
C PHE A 376 -19.12 -46.43 -16.13
N GLN A 377 -17.85 -46.49 -16.63
CA GLN A 377 -16.83 -47.41 -16.18
C GLN A 377 -15.57 -46.75 -15.70
N ILE A 378 -14.97 -47.34 -14.65
CA ILE A 378 -13.72 -46.90 -14.07
C ILE A 378 -12.64 -47.80 -14.59
N ASN A 379 -11.62 -47.18 -15.19
CA ASN A 379 -10.48 -47.89 -15.75
C ASN A 379 -9.21 -47.33 -15.20
N ILE A 380 -8.12 -48.12 -15.33
CA ILE A 380 -6.76 -47.71 -14.93
C ILE A 380 -5.82 -47.79 -16.13
N TYR A 381 -4.98 -46.74 -16.30
CA TYR A 381 -4.03 -46.77 -17.40
C TYR A 381 -2.80 -47.44 -16.84
N VAL A 382 -2.48 -48.59 -17.42
CA VAL A 382 -1.39 -49.47 -17.00
C VAL A 382 -0.37 -49.67 -18.16
N LYS A 383 0.92 -49.82 -17.81
CA LYS A 383 2.02 -50.01 -18.77
C LYS A 383 3.29 -50.49 -18.06
N LYS A 384 4.17 -51.19 -18.82
CA LYS A 384 5.44 -51.71 -18.29
C LYS A 384 6.36 -50.55 -17.95
N LEU A 385 6.86 -50.55 -16.71
CA LEU A 385 7.80 -49.56 -16.19
C LEU A 385 9.08 -50.27 -15.81
N ASP A 386 10.20 -49.90 -16.45
CA ASP A 386 11.50 -50.52 -16.21
C ASP A 386 11.95 -50.39 -14.76
N ASP A 387 11.59 -49.28 -14.11
CA ASP A 387 11.93 -49.01 -12.70
C ASP A 387 11.11 -49.86 -11.73
N PHE A 388 9.99 -50.44 -12.17
CA PHE A 388 9.12 -51.23 -11.29
C PHE A 388 8.89 -52.65 -11.81
N VAL A 389 9.65 -53.58 -11.23
CA VAL A 389 9.56 -55.01 -11.58
C VAL A 389 8.16 -55.58 -11.41
N GLU A 390 7.35 -54.96 -10.53
CA GLU A 390 5.98 -55.34 -10.24
C GLU A 390 5.07 -55.33 -11.47
N THR A 391 5.40 -54.48 -12.46
CA THR A 391 4.69 -54.30 -13.73
C THR A 391 5.02 -55.42 -14.72
N GLY A 392 6.18 -56.04 -14.56
CA GLY A 392 6.61 -57.10 -15.45
C GLY A 392 6.76 -56.63 -16.89
N ASP A 393 5.91 -57.21 -17.80
CA ASP A 393 5.90 -56.93 -19.24
C ASP A 393 4.50 -56.62 -19.68
N ILE A 394 3.68 -56.13 -18.72
CA ILE A 394 2.30 -55.73 -18.95
C ILE A 394 2.18 -54.84 -20.21
N ARG A 395 1.19 -55.18 -21.06
CA ARG A 395 0.87 -54.44 -22.28
C ARG A 395 0.40 -53.03 -21.90
N THR A 396 0.66 -52.04 -22.78
CA THR A 396 0.21 -50.67 -22.50
C THR A 396 -1.29 -50.64 -22.74
N MET A 397 -2.11 -50.49 -21.68
CA MET A 397 -3.57 -50.55 -21.85
C MET A 397 -4.49 -49.83 -20.85
N VAL A 398 -5.76 -49.57 -21.32
CA VAL A 398 -6.84 -48.99 -20.53
C VAL A 398 -7.51 -50.22 -19.84
N PHE A 399 -7.13 -50.47 -18.56
CA PHE A 399 -7.59 -51.65 -17.84
C PHE A 399 -8.94 -51.46 -17.11
N PRO A 400 -9.94 -52.30 -17.43
CA PRO A 400 -11.26 -52.17 -16.77
C PRO A 400 -11.26 -52.64 -15.34
N VAL A 401 -11.92 -51.86 -14.46
CA VAL A 401 -12.00 -52.23 -13.04
C VAL A 401 -13.43 -52.55 -12.64
N MET A 402 -14.33 -51.61 -12.89
CA MET A 402 -15.74 -51.79 -12.61
C MET A 402 -16.53 -50.75 -13.31
N TYR A 403 -17.80 -51.00 -13.56
CA TYR A 403 -18.75 -50.01 -14.09
C TYR A 403 -20.00 -50.04 -13.18
N LEU A 404 -20.84 -49.02 -13.28
CA LEU A 404 -22.08 -49.02 -12.51
C LEU A 404 -23.34 -48.61 -13.34
N ASN A 405 -24.52 -48.92 -12.77
CA ASN A 405 -25.78 -48.49 -13.32
C ASN A 405 -26.59 -47.75 -12.23
N GLU A 406 -26.43 -46.40 -12.20
CA GLU A 406 -27.22 -45.48 -11.36
C GLU A 406 -28.53 -45.29 -12.13
N SER A 407 -29.63 -45.87 -11.61
CA SER A 407 -30.94 -45.85 -12.26
C SER A 407 -32.08 -45.31 -11.42
N VAL A 408 -33.20 -44.96 -12.11
CA VAL A 408 -34.42 -44.43 -11.48
C VAL A 408 -35.67 -44.83 -12.24
N HIS A 409 -36.77 -45.07 -11.52
CA HIS A 409 -38.06 -45.42 -12.09
C HIS A 409 -39.15 -44.80 -11.20
N ILE A 410 -40.00 -43.97 -11.78
CA ILE A 410 -41.09 -43.31 -11.05
C ILE A 410 -42.09 -44.35 -10.48
N ASP A 411 -42.49 -44.14 -9.21
CA ASP A 411 -43.43 -45.02 -8.52
C ASP A 411 -44.90 -44.61 -8.76
N LYS A 412 -45.80 -45.61 -8.70
CA LYS A 412 -47.23 -45.43 -8.86
C LYS A 412 -47.86 -44.27 -8.04
N GLU A 413 -47.30 -43.97 -6.84
CA GLU A 413 -47.82 -42.89 -5.99
C GLU A 413 -47.45 -41.51 -6.55
N THR A 414 -46.14 -41.28 -6.77
CA THR A 414 -45.65 -40.00 -7.32
C THR A 414 -46.12 -39.79 -8.76
N ALA A 415 -46.27 -40.90 -9.55
CA ALA A 415 -46.73 -40.87 -10.93
C ALA A 415 -48.16 -40.37 -11.00
N SER A 416 -49.06 -40.90 -10.14
CA SER A 416 -50.49 -40.52 -10.08
C SER A 416 -50.63 -39.09 -9.68
N ARG A 417 -49.77 -38.66 -8.74
CA ARG A 417 -49.70 -37.28 -8.24
C ARG A 417 -49.38 -36.33 -9.42
N LEU A 418 -48.42 -36.74 -10.26
CA LEU A 418 -47.99 -36.01 -11.44
C LEU A 418 -49.00 -35.95 -12.58
N LYS A 419 -49.82 -37.01 -12.77
CA LYS A 419 -50.86 -37.12 -13.82
C LYS A 419 -51.90 -36.02 -13.69
N SER A 420 -52.11 -35.48 -12.47
CA SER A 420 -53.00 -34.35 -12.21
C SER A 420 -52.47 -33.10 -12.93
N MET A 421 -51.12 -32.94 -12.96
CA MET A 421 -50.39 -31.83 -13.60
C MET A 421 -50.11 -32.11 -15.11
N ILE A 422 -50.12 -33.40 -15.53
CA ILE A 422 -49.83 -33.80 -16.90
C ILE A 422 -51.01 -34.50 -17.56
N SER B 29 45.94 8.39 -24.86
CA SER B 29 44.58 8.47 -25.41
C SER B 29 43.46 8.03 -24.46
N ILE B 30 42.20 8.28 -24.92
CA ILE B 30 40.92 7.95 -24.28
C ILE B 30 40.28 6.81 -25.13
N GLU B 31 41.12 6.19 -26.01
CA GLU B 31 40.82 5.14 -27.00
C GLU B 31 40.04 3.93 -26.42
N LYS B 32 40.71 3.18 -25.49
CA LYS B 32 40.28 1.97 -24.80
C LYS B 32 39.19 2.11 -23.67
N LYS B 33 38.77 3.35 -23.32
CA LYS B 33 37.77 3.61 -22.27
C LYS B 33 36.35 3.15 -22.68
N ILE B 34 35.65 2.25 -21.91
CA ILE B 34 34.24 1.94 -22.26
C ILE B 34 33.32 3.04 -21.64
N VAL B 35 33.27 4.22 -22.29
CA VAL B 35 32.46 5.40 -21.93
C VAL B 35 31.97 6.12 -23.20
N LEU B 36 30.78 6.71 -23.16
CA LEU B 36 30.29 7.46 -24.32
C LEU B 36 30.87 8.88 -24.32
N ARG B 37 32.10 8.99 -24.82
CA ARG B 37 32.85 10.25 -24.92
C ARG B 37 33.44 10.33 -26.33
N ASN B 38 33.29 11.49 -27.02
CA ASN B 38 33.80 11.70 -28.39
C ASN B 38 35.31 11.35 -28.48
N GLY B 39 35.62 10.33 -29.28
CA GLY B 39 36.98 9.85 -29.47
C GLY B 39 37.29 8.44 -28.98
N THR B 40 36.38 7.86 -28.17
CA THR B 40 36.56 6.49 -27.67
C THR B 40 36.02 5.51 -28.71
N GLU B 41 36.55 4.26 -28.72
CA GLU B 41 36.09 3.19 -29.62
C GLU B 41 34.63 2.82 -29.29
N ALA B 42 34.31 2.82 -27.97
CA ALA B 42 33.02 2.52 -27.35
C ALA B 42 31.95 3.41 -27.95
N PHE B 43 32.26 4.72 -28.08
CA PHE B 43 31.38 5.75 -28.62
C PHE B 43 31.07 5.49 -30.08
N ASP B 44 32.10 5.34 -30.93
CA ASP B 44 31.98 5.09 -32.37
C ASP B 44 31.08 3.91 -32.67
N SER B 45 31.29 2.78 -31.95
CA SER B 45 30.49 1.55 -32.09
C SER B 45 29.08 1.72 -31.55
N TRP B 46 28.88 2.73 -30.67
CA TRP B 46 27.56 3.09 -30.16
C TRP B 46 26.82 3.97 -31.19
N GLU B 47 27.50 5.01 -31.72
CA GLU B 47 27.00 5.94 -32.72
C GLU B 47 26.71 5.22 -34.05
N LYS B 48 27.70 4.43 -34.55
CA LYS B 48 27.58 3.69 -35.81
C LYS B 48 27.78 2.21 -35.52
N PRO B 49 26.71 1.48 -35.12
CA PRO B 49 26.85 0.06 -34.81
C PRO B 49 27.42 -0.76 -35.98
N PRO B 50 28.56 -1.43 -35.81
CA PRO B 50 29.18 -2.13 -36.94
C PRO B 50 28.56 -3.45 -37.31
N LEU B 51 27.89 -4.13 -36.36
CA LEU B 51 27.30 -5.44 -36.67
C LEU B 51 25.95 -5.30 -37.32
N PRO B 52 25.74 -5.97 -38.48
CA PRO B 52 24.44 -5.87 -39.16
C PRO B 52 23.34 -6.68 -38.46
N VAL B 53 22.26 -5.95 -38.13
CA VAL B 53 21.07 -6.44 -37.45
C VAL B 53 20.03 -6.73 -38.52
N TYR B 54 19.27 -7.83 -38.34
CA TYR B 54 18.22 -8.21 -39.28
C TYR B 54 16.91 -8.38 -38.54
N THR B 55 15.76 -8.09 -39.24
CA THR B 55 14.41 -8.38 -38.75
C THR B 55 13.76 -9.30 -39.74
N GLN B 56 13.20 -10.41 -39.26
CA GLN B 56 12.50 -11.35 -40.13
C GLN B 56 11.03 -11.32 -39.71
N PHE B 57 10.11 -11.30 -40.70
CA PHE B 57 8.68 -11.26 -40.40
C PHE B 57 8.03 -12.55 -40.81
N TYR B 58 7.15 -13.03 -39.95
CA TYR B 58 6.39 -14.25 -40.19
C TYR B 58 4.93 -13.92 -39.79
N PHE B 59 4.00 -13.94 -40.79
CA PHE B 59 2.57 -13.69 -40.56
C PHE B 59 1.81 -15.01 -40.42
N PHE B 60 0.59 -14.95 -39.86
CA PHE B 60 -0.30 -16.10 -39.73
C PHE B 60 -1.47 -15.95 -40.65
N ASN B 61 -1.45 -16.70 -41.75
CA ASN B 61 -2.48 -16.60 -42.78
C ASN B 61 -3.72 -17.37 -42.35
N VAL B 62 -4.82 -16.66 -42.15
CA VAL B 62 -6.09 -17.21 -41.68
C VAL B 62 -6.75 -18.01 -42.82
N THR B 63 -6.90 -19.33 -42.63
CA THR B 63 -7.45 -20.23 -43.65
C THR B 63 -8.99 -20.43 -43.66
N ASN B 64 -9.67 -20.16 -42.53
CA ASN B 64 -11.10 -20.39 -42.37
C ASN B 64 -11.84 -19.17 -41.81
N PRO B 65 -11.82 -18.00 -42.49
CA PRO B 65 -12.47 -16.83 -41.90
C PRO B 65 -13.96 -17.04 -41.59
N GLU B 66 -14.70 -17.63 -42.53
CA GLU B 66 -16.14 -17.85 -42.36
C GLU B 66 -16.46 -18.74 -41.18
N GLU B 67 -15.70 -19.80 -41.03
CA GLU B 67 -15.88 -20.76 -39.95
C GLU B 67 -15.59 -20.12 -38.60
N ILE B 68 -14.58 -19.22 -38.53
CA ILE B 68 -14.22 -18.49 -37.32
C ILE B 68 -15.40 -17.63 -36.84
N LEU B 69 -16.09 -16.96 -37.80
CA LEU B 69 -17.26 -16.12 -37.54
C LEU B 69 -18.47 -16.93 -37.08
N ARG B 70 -18.50 -18.24 -37.40
CA ARG B 70 -19.57 -19.12 -36.98
C ARG B 70 -19.21 -19.83 -35.65
N GLY B 71 -18.20 -19.29 -34.94
CA GLY B 71 -17.78 -19.77 -33.63
C GLY B 71 -16.84 -20.95 -33.59
N GLU B 72 -16.24 -21.29 -34.73
CA GLU B 72 -15.29 -22.42 -34.82
C GLU B 72 -13.84 -22.01 -34.44
N THR B 73 -12.94 -23.00 -34.27
CA THR B 73 -11.53 -22.77 -33.94
C THR B 73 -10.76 -22.24 -35.15
N PRO B 74 -10.05 -21.08 -34.99
CA PRO B 74 -9.21 -20.58 -36.10
C PRO B 74 -8.14 -21.56 -36.55
N ARG B 75 -7.81 -21.54 -37.85
CA ARG B 75 -6.75 -22.33 -38.46
C ARG B 75 -5.83 -21.40 -39.24
N VAL B 76 -4.57 -21.29 -38.78
CA VAL B 76 -3.59 -20.39 -39.40
C VAL B 76 -2.41 -21.11 -40.00
N GLU B 77 -1.88 -20.54 -41.09
CA GLU B 77 -0.71 -21.04 -41.79
C GLU B 77 0.38 -19.98 -41.65
N GLU B 78 1.56 -20.43 -41.20
CA GLU B 78 2.69 -19.55 -40.95
C GLU B 78 3.50 -19.30 -42.22
N VAL B 79 3.44 -18.04 -42.68
CA VAL B 79 4.15 -17.60 -43.88
C VAL B 79 5.27 -16.65 -43.55
N GLY B 80 6.49 -16.99 -43.97
CA GLY B 80 7.71 -16.22 -43.72
C GLY B 80 8.96 -17.06 -43.95
N PRO B 81 10.20 -16.49 -43.84
CA PRO B 81 10.54 -15.11 -43.46
C PRO B 81 10.41 -14.05 -44.56
N TYR B 82 10.38 -12.79 -44.13
CA TYR B 82 10.43 -11.59 -44.97
C TYR B 82 11.56 -10.86 -44.29
N THR B 83 12.77 -11.17 -44.79
CA THR B 83 14.05 -10.72 -44.26
C THR B 83 14.32 -9.31 -44.71
N TYR B 84 14.67 -8.49 -43.75
CA TYR B 84 14.98 -7.10 -43.95
C TYR B 84 16.23 -6.85 -43.15
N ARG B 85 17.27 -6.33 -43.82
CA ARG B 85 18.54 -5.95 -43.17
C ARG B 85 18.28 -4.55 -42.60
N GLU B 86 18.73 -4.29 -41.36
CA GLU B 86 18.52 -2.98 -40.72
C GLU B 86 19.66 -1.99 -41.02
N LEU B 87 19.35 -0.69 -40.91
CA LEU B 87 20.29 0.43 -41.06
C LEU B 87 20.13 1.27 -39.79
N ARG B 88 21.09 1.18 -38.86
CA ARG B 88 21.01 1.87 -37.59
C ARG B 88 22.07 2.95 -37.44
N ASN B 89 21.69 4.07 -36.82
CA ASN B 89 22.58 5.21 -36.58
C ASN B 89 21.95 6.13 -35.55
N LYS B 90 22.74 6.61 -34.63
CA LYS B 90 22.28 7.51 -33.59
C LYS B 90 22.37 8.93 -34.09
N ALA B 91 21.26 9.67 -34.03
CA ALA B 91 21.25 11.06 -34.48
C ALA B 91 20.96 12.05 -33.35
N ASN B 92 21.10 13.37 -33.65
CA ASN B 92 20.87 14.49 -32.73
C ASN B 92 21.58 14.27 -31.40
N ILE B 93 22.88 13.90 -31.48
CA ILE B 93 23.73 13.65 -30.32
C ILE B 93 24.10 14.98 -29.66
N GLN B 94 23.96 15.02 -28.33
CA GLN B 94 24.27 16.17 -27.49
C GLN B 94 24.73 15.68 -26.12
N PHE B 95 25.90 16.16 -25.67
CA PHE B 95 26.51 15.80 -24.39
C PHE B 95 26.00 16.69 -23.26
N GLY B 96 25.99 16.18 -22.02
CA GLY B 96 25.47 16.94 -20.89
C GLY B 96 26.00 16.63 -19.50
N ASP B 97 25.49 17.39 -18.50
CA ASP B 97 25.75 17.30 -17.05
C ASP B 97 27.22 16.99 -16.66
N ASN B 98 28.16 17.78 -17.24
CA ASN B 98 29.62 17.63 -17.07
C ASN B 98 30.14 16.24 -17.54
N GLY B 99 29.62 15.84 -18.71
CA GLY B 99 29.96 14.58 -19.36
C GLY B 99 29.38 13.34 -18.71
N THR B 100 28.37 13.50 -17.82
CA THR B 100 27.71 12.40 -17.11
C THR B 100 26.60 11.78 -17.93
N THR B 101 25.98 12.58 -18.83
CA THR B 101 24.83 12.20 -19.69
C THR B 101 25.06 12.54 -21.18
N ILE B 102 24.24 11.91 -22.03
CA ILE B 102 24.25 12.05 -23.48
C ILE B 102 22.83 11.85 -23.96
N SER B 103 22.40 12.65 -24.93
CA SER B 103 21.07 12.55 -25.48
C SER B 103 21.20 12.27 -26.96
N ALA B 104 20.31 11.42 -27.47
CA ALA B 104 20.29 11.01 -28.87
C ALA B 104 18.97 10.35 -29.22
N VAL B 105 18.77 10.11 -30.51
CA VAL B 105 17.65 9.35 -31.05
C VAL B 105 18.30 8.17 -31.79
N SER B 106 17.56 7.06 -31.98
CA SER B 106 18.16 5.94 -32.71
C SER B 106 17.34 5.58 -33.92
N ASN B 107 17.82 6.01 -35.10
CA ASN B 107 17.16 5.77 -36.37
C ASN B 107 17.41 4.37 -36.85
N LYS B 108 16.32 3.73 -37.29
CA LYS B 108 16.30 2.38 -37.78
C LYS B 108 15.53 2.37 -39.11
N ALA B 109 16.16 1.79 -40.15
CA ALA B 109 15.59 1.66 -41.48
C ALA B 109 15.76 0.23 -41.93
N TYR B 110 14.74 -0.30 -42.63
CA TYR B 110 14.72 -1.68 -43.10
C TYR B 110 14.93 -1.79 -44.59
N VAL B 111 15.88 -2.64 -45.02
CA VAL B 111 16.19 -2.88 -46.44
C VAL B 111 15.85 -4.34 -46.75
N PHE B 112 14.83 -4.57 -47.60
CA PHE B 112 14.37 -5.90 -47.96
C PHE B 112 15.37 -6.71 -48.76
N GLU B 113 15.53 -7.98 -48.36
CA GLU B 113 16.45 -8.96 -48.94
C GLU B 113 15.66 -10.14 -49.52
N ARG B 114 15.32 -10.09 -50.83
CA ARG B 114 14.57 -11.14 -51.53
C ARG B 114 15.23 -12.51 -51.40
N ASP B 115 16.55 -12.57 -51.69
CA ASP B 115 17.35 -13.79 -51.65
C ASP B 115 17.18 -14.55 -50.32
N GLN B 116 17.07 -13.81 -49.19
CA GLN B 116 16.91 -14.41 -47.86
C GLN B 116 15.44 -14.48 -47.42
N SER B 117 14.48 -14.42 -48.37
CA SER B 117 13.06 -14.40 -48.05
C SER B 117 12.17 -15.37 -48.87
N VAL B 118 11.10 -15.89 -48.20
CA VAL B 118 10.15 -16.85 -48.72
C VAL B 118 9.46 -16.45 -50.06
N GLY B 119 9.16 -15.16 -50.25
CA GLY B 119 8.53 -14.61 -51.46
C GLY B 119 8.65 -13.10 -51.50
N ASP B 120 7.93 -12.46 -52.42
CA ASP B 120 7.91 -11.01 -52.59
C ASP B 120 6.77 -10.36 -51.75
N PRO B 121 7.10 -9.49 -50.75
CA PRO B 121 6.04 -8.89 -49.91
C PRO B 121 5.04 -8.02 -50.67
N LYS B 122 5.46 -7.55 -51.85
CA LYS B 122 4.66 -6.72 -52.71
C LYS B 122 3.67 -7.56 -53.55
N ILE B 123 3.85 -8.91 -53.53
CA ILE B 123 2.97 -9.85 -54.24
C ILE B 123 2.25 -10.83 -53.31
N ASP B 124 2.97 -11.43 -52.36
CA ASP B 124 2.41 -12.40 -51.42
C ASP B 124 1.29 -11.77 -50.59
N LEU B 125 0.13 -12.48 -50.50
CA LEU B 125 -1.07 -12.04 -49.80
C LEU B 125 -1.27 -12.70 -48.47
N ILE B 126 -1.99 -12.01 -47.58
CA ILE B 126 -2.31 -12.49 -46.24
C ILE B 126 -3.69 -12.06 -45.88
N ARG B 127 -4.45 -13.00 -45.32
CA ARG B 127 -5.78 -12.75 -44.81
C ARG B 127 -5.70 -12.73 -43.28
N THR B 128 -6.01 -11.60 -42.69
CA THR B 128 -5.92 -11.46 -41.24
C THR B 128 -7.01 -10.56 -40.69
N LEU B 129 -6.87 -10.13 -39.41
CA LEU B 129 -7.88 -9.26 -38.83
C LEU B 129 -7.90 -7.83 -39.40
N ASN B 130 -9.07 -7.18 -39.35
CA ASN B 130 -9.19 -5.81 -39.80
C ASN B 130 -8.88 -4.88 -38.62
N ILE B 131 -7.56 -4.70 -38.38
CA ILE B 131 -7.08 -3.84 -37.28
C ILE B 131 -7.74 -2.43 -37.27
N PRO B 132 -7.83 -1.66 -38.41
CA PRO B 132 -8.57 -0.39 -38.39
C PRO B 132 -10.00 -0.57 -37.91
N VAL B 133 -10.78 -1.54 -38.45
CA VAL B 133 -12.16 -1.59 -37.95
C VAL B 133 -12.27 -2.00 -36.52
N LEU B 134 -11.46 -3.00 -36.13
CA LEU B 134 -11.40 -3.41 -34.72
C LEU B 134 -10.98 -2.23 -33.79
N THR B 135 -10.05 -1.35 -34.30
CA THR B 135 -9.58 -0.15 -33.60
C THR B 135 -10.78 0.78 -33.44
N VAL B 136 -11.52 1.04 -34.54
CA VAL B 136 -12.66 1.94 -34.49
C VAL B 136 -13.78 1.42 -33.59
N ILE B 137 -13.99 0.10 -33.58
CA ILE B 137 -15.01 -0.55 -32.76
C ILE B 137 -14.67 -0.35 -31.29
N GLU B 138 -13.39 -0.43 -30.94
CA GLU B 138 -12.97 -0.19 -29.55
C GLU B 138 -13.19 1.26 -29.06
N TRP B 139 -13.06 2.23 -29.98
CA TRP B 139 -13.28 3.66 -29.74
C TRP B 139 -14.81 3.86 -29.55
N SER B 140 -15.63 3.21 -30.43
CA SER B 140 -17.09 3.22 -30.44
C SER B 140 -17.67 2.77 -29.09
N GLN B 141 -16.92 1.90 -28.39
CA GLN B 141 -17.26 1.35 -27.09
C GLN B 141 -17.10 2.41 -26.00
N VAL B 142 -15.82 2.84 -25.76
CA VAL B 142 -15.41 3.83 -24.74
C VAL B 142 -16.04 5.23 -24.90
N HIS B 143 -16.28 5.68 -26.15
CA HIS B 143 -16.86 7.00 -26.43
C HIS B 143 -18.41 6.95 -26.61
N PHE B 144 -19.01 5.77 -26.27
CA PHE B 144 -20.45 5.45 -26.26
C PHE B 144 -21.33 5.86 -27.44
N LEU B 145 -20.72 6.12 -28.63
CA LEU B 145 -21.39 6.59 -29.87
C LEU B 145 -21.57 5.45 -30.88
N ARG B 146 -21.34 4.19 -30.42
CA ARG B 146 -21.45 2.89 -31.11
C ARG B 146 -22.56 2.71 -32.15
N GLU B 147 -23.80 3.02 -31.80
CA GLU B 147 -24.98 2.94 -32.68
C GLU B 147 -24.71 3.54 -34.10
N ILE B 148 -24.16 4.76 -34.13
CA ILE B 148 -23.78 5.51 -35.33
C ILE B 148 -22.68 4.75 -36.09
N ILE B 149 -21.61 4.37 -35.38
CA ILE B 149 -20.48 3.63 -35.94
C ILE B 149 -20.87 2.31 -36.62
N GLU B 150 -21.70 1.47 -35.96
CA GLU B 150 -22.15 0.20 -36.53
C GLU B 150 -22.91 0.44 -37.89
N ALA B 151 -23.71 1.53 -37.92
CA ALA B 151 -24.43 1.94 -39.09
C ALA B 151 -23.43 2.29 -40.22
N MET B 152 -22.28 2.91 -39.86
CA MET B 152 -21.21 3.33 -40.77
C MET B 152 -20.48 2.11 -41.38
N LEU B 153 -20.13 1.13 -40.54
CA LEU B 153 -19.48 -0.08 -41.04
C LEU B 153 -20.44 -0.90 -41.91
N LYS B 154 -21.72 -0.91 -41.55
CA LYS B 154 -22.71 -1.63 -42.31
C LYS B 154 -22.78 -1.06 -43.70
N ALA B 155 -22.91 0.29 -43.82
CA ALA B 155 -23.01 1.03 -45.08
C ALA B 155 -21.79 0.76 -45.99
N TYR B 156 -20.58 0.87 -45.40
CA TYR B 156 -19.33 0.64 -46.10
C TYR B 156 -19.01 -0.87 -46.29
N GLN B 157 -19.98 -1.75 -45.90
CA GLN B 157 -19.87 -3.18 -46.02
C GLN B 157 -18.51 -3.72 -45.48
N GLN B 158 -18.14 -3.30 -44.28
CA GLN B 158 -16.87 -3.65 -43.70
C GLN B 158 -16.78 -5.11 -43.21
N LYS B 159 -15.60 -5.75 -43.32
CA LYS B 159 -15.44 -7.14 -42.91
C LYS B 159 -14.32 -7.33 -41.86
N LEU B 160 -14.47 -8.31 -40.97
CA LEU B 160 -13.48 -8.55 -39.91
C LEU B 160 -12.18 -9.17 -40.45
N PHE B 161 -12.31 -10.00 -41.50
CA PHE B 161 -11.17 -10.62 -42.16
C PHE B 161 -10.93 -9.95 -43.50
N VAL B 162 -9.70 -9.49 -43.68
CA VAL B 162 -9.30 -8.76 -44.87
C VAL B 162 -7.95 -9.28 -45.45
N THR B 163 -7.73 -9.18 -46.77
CA THR B 163 -6.53 -9.65 -47.47
C THR B 163 -5.73 -8.52 -48.06
N HIS B 164 -4.42 -8.50 -47.73
CA HIS B 164 -3.48 -7.47 -48.20
C HIS B 164 -2.13 -8.09 -48.51
N THR B 165 -1.28 -7.35 -49.21
CA THR B 165 0.08 -7.78 -49.51
C THR B 165 0.89 -7.68 -48.23
N VAL B 166 1.93 -8.53 -48.06
CA VAL B 166 2.82 -8.51 -46.87
C VAL B 166 3.29 -7.04 -46.60
N ASP B 167 3.68 -6.36 -47.70
CA ASP B 167 4.13 -4.98 -47.78
C ASP B 167 3.08 -4.07 -47.21
N GLU B 168 1.80 -4.26 -47.62
CA GLU B 168 0.65 -3.46 -47.15
C GLU B 168 0.44 -3.52 -45.62
N LEU B 169 0.54 -4.72 -45.06
CA LEU B 169 0.36 -4.95 -43.65
C LEU B 169 1.50 -4.39 -42.80
N LEU B 170 2.73 -4.52 -43.31
CA LEU B 170 3.92 -4.06 -42.61
C LEU B 170 4.09 -2.59 -42.73
N TRP B 171 4.13 -2.07 -43.96
CA TRP B 171 4.45 -0.67 -44.27
C TRP B 171 3.29 0.36 -44.43
N GLY B 172 2.08 -0.12 -44.60
CA GLY B 172 0.93 0.76 -44.69
C GLY B 172 0.09 0.61 -45.93
N TYR B 173 -1.23 0.76 -45.76
CA TYR B 173 -2.24 0.75 -46.82
C TYR B 173 -3.29 1.78 -46.43
N LYS B 174 -3.91 2.47 -47.40
CA LYS B 174 -4.92 3.46 -47.06
C LYS B 174 -6.20 2.69 -46.68
N ASP B 175 -6.75 2.94 -45.49
CA ASP B 175 -7.98 2.26 -45.11
C ASP B 175 -9.21 3.16 -45.44
N GLU B 176 -10.30 2.55 -45.97
CA GLU B 176 -11.54 3.23 -46.31
C GLU B 176 -12.17 4.03 -45.19
N ILE B 177 -12.39 3.38 -44.03
CA ILE B 177 -13.02 4.02 -42.87
C ILE B 177 -12.17 5.20 -42.37
N LEU B 178 -10.86 4.97 -42.17
CA LEU B 178 -9.94 6.00 -41.71
C LEU B 178 -9.83 7.18 -42.69
N SER B 179 -9.79 6.89 -44.01
CA SER B 179 -9.74 7.90 -45.06
C SER B 179 -10.87 8.89 -44.87
N LEU B 180 -12.09 8.36 -44.60
CA LEU B 180 -13.30 9.14 -44.33
C LEU B 180 -13.16 9.94 -43.05
N ILE B 181 -12.67 9.31 -41.96
CA ILE B 181 -12.48 9.99 -40.67
C ILE B 181 -11.52 11.15 -40.85
N HIS B 182 -10.35 10.92 -41.44
CA HIS B 182 -9.32 11.91 -41.77
C HIS B 182 -9.91 13.20 -42.49
N VAL B 183 -11.00 13.05 -43.29
CA VAL B 183 -11.64 14.19 -43.95
C VAL B 183 -12.18 15.13 -42.88
N PHE B 184 -12.70 14.58 -41.78
CA PHE B 184 -13.24 15.37 -40.69
C PHE B 184 -12.25 15.62 -39.60
N ARG B 185 -11.35 14.67 -39.34
CA ARG B 185 -10.34 14.79 -38.30
C ARG B 185 -8.91 14.57 -38.89
N PRO B 186 -8.27 15.66 -39.45
CA PRO B 186 -6.94 15.52 -40.06
C PRO B 186 -5.79 15.02 -39.19
N ASP B 187 -6.01 14.95 -37.87
CA ASP B 187 -5.05 14.40 -36.92
C ASP B 187 -5.04 12.86 -37.06
N ILE B 188 -6.18 12.27 -37.42
CA ILE B 188 -6.34 10.81 -37.61
C ILE B 188 -5.84 10.38 -39.00
N SER B 189 -4.87 9.46 -39.03
CA SER B 189 -4.26 8.99 -40.27
C SER B 189 -5.15 8.06 -41.06
N PRO B 190 -5.22 8.30 -42.41
CA PRO B 190 -6.02 7.39 -43.27
C PRO B 190 -5.37 6.02 -43.48
N TYR B 191 -4.05 5.95 -43.15
CA TYR B 191 -3.18 4.80 -43.31
C TYR B 191 -3.06 3.96 -42.07
N PHE B 192 -2.82 2.68 -42.30
CA PHE B 192 -2.57 1.68 -41.28
C PHE B 192 -1.52 0.68 -41.81
N GLY B 193 -0.63 0.33 -40.90
CA GLY B 193 0.42 -0.65 -41.10
C GLY B 193 0.95 -0.99 -39.74
N LEU B 194 1.39 -2.25 -39.53
CA LEU B 194 1.95 -2.68 -38.24
C LEU B 194 3.19 -1.88 -37.96
N PHE B 195 3.97 -1.57 -39.01
CA PHE B 195 5.19 -0.77 -38.92
C PHE B 195 5.12 0.48 -39.79
N TYR B 196 3.89 1.01 -40.04
CA TYR B 196 3.71 2.26 -40.79
C TYR B 196 4.52 3.37 -40.14
N GLU B 197 5.19 4.17 -41.01
CA GLU B 197 6.05 5.31 -40.68
C GLU B 197 7.14 4.98 -39.68
N LYS B 198 7.65 3.72 -39.75
CA LYS B 198 8.73 3.27 -38.88
C LYS B 198 10.07 3.11 -39.59
N ASN B 199 10.03 2.99 -40.94
CA ASN B 199 11.23 2.92 -41.77
C ASN B 199 11.91 4.32 -41.84
N GLY B 200 13.07 4.47 -41.24
CA GLY B 200 13.82 5.72 -41.24
C GLY B 200 13.78 6.51 -39.94
N THR B 201 12.66 6.42 -39.21
CA THR B 201 12.42 7.11 -37.94
C THR B 201 13.04 6.43 -36.70
N ASN B 202 12.82 7.04 -35.52
CA ASN B 202 13.25 6.61 -34.20
C ASN B 202 12.05 6.43 -33.24
N ASP B 203 12.26 5.82 -32.07
CA ASP B 203 11.26 5.56 -31.03
C ASP B 203 11.26 6.64 -29.95
N GLY B 204 11.47 7.90 -30.35
CA GLY B 204 11.48 9.00 -29.40
C GLY B 204 12.85 9.35 -28.90
N ASP B 205 12.92 10.50 -28.20
CA ASP B 205 14.14 11.08 -27.62
C ASP B 205 14.56 10.34 -26.37
N TYR B 206 15.86 10.14 -26.22
CA TYR B 206 16.43 9.43 -25.09
C TYR B 206 17.59 10.17 -24.48
N VAL B 207 17.72 10.09 -23.16
CA VAL B 207 18.89 10.61 -22.50
C VAL B 207 19.51 9.46 -21.72
N PHE B 208 20.73 9.09 -22.13
CA PHE B 208 21.50 8.00 -21.57
C PHE B 208 22.57 8.52 -20.65
N LEU B 209 22.78 7.75 -19.59
CA LEU B 209 23.81 7.93 -18.57
C LEU B 209 25.07 7.29 -19.15
N THR B 210 26.15 8.06 -19.30
CA THR B 210 27.38 7.44 -19.83
C THR B 210 28.18 6.85 -18.67
N GLY B 211 29.02 5.85 -18.96
CA GLY B 211 29.83 5.20 -17.93
C GLY B 211 30.91 6.03 -17.26
N GLU B 212 30.76 7.37 -17.18
CA GLU B 212 31.75 8.26 -16.57
C GLU B 212 31.71 8.31 -15.04
N ASP B 213 30.50 8.31 -14.45
CA ASP B 213 30.28 8.30 -13.00
C ASP B 213 30.58 6.89 -12.39
N SER B 214 30.30 5.82 -13.16
CA SER B 214 30.43 4.42 -12.83
C SER B 214 30.15 3.64 -14.11
N TYR B 215 30.93 2.57 -14.37
CA TYR B 215 30.78 1.70 -15.53
C TYR B 215 29.42 1.00 -15.49
N LEU B 216 28.93 0.66 -14.26
CA LEU B 216 27.64 -0.03 -14.07
C LEU B 216 26.45 0.71 -14.70
N ASN B 217 26.63 2.05 -14.77
CA ASN B 217 25.73 3.03 -15.33
C ASN B 217 25.95 3.27 -16.83
N PHE B 218 26.88 2.52 -17.49
CA PHE B 218 27.10 2.65 -18.94
C PHE B 218 25.81 2.34 -19.73
N THR B 219 25.38 3.32 -20.53
CA THR B 219 24.18 3.34 -21.39
C THR B 219 22.84 3.17 -20.65
N LYS B 220 22.83 3.38 -19.31
CA LYS B 220 21.60 3.26 -18.53
C LYS B 220 20.60 4.34 -18.98
N ILE B 221 19.32 3.97 -19.29
CA ILE B 221 18.32 4.98 -19.68
C ILE B 221 17.87 5.75 -18.43
N VAL B 222 17.89 7.10 -18.53
CA VAL B 222 17.47 8.01 -17.45
C VAL B 222 16.21 8.80 -17.77
N GLU B 223 15.87 8.94 -19.07
CA GLU B 223 14.68 9.65 -19.54
C GLU B 223 14.30 9.20 -20.93
N TRP B 224 12.99 9.12 -21.18
CA TRP B 224 12.39 8.77 -22.46
C TRP B 224 11.18 9.71 -22.67
N ASN B 225 11.25 10.53 -23.74
CA ASN B 225 10.27 11.54 -24.10
C ASN B 225 10.02 12.48 -22.92
N GLY B 226 11.10 13.00 -22.36
CA GLY B 226 11.08 13.94 -21.24
C GLY B 226 10.66 13.40 -19.88
N LYS B 227 10.09 12.19 -19.86
CA LYS B 227 9.64 11.55 -18.63
C LYS B 227 10.72 10.54 -18.11
N THR B 228 10.94 10.51 -16.77
CA THR B 228 11.90 9.57 -16.16
C THR B 228 11.22 8.23 -15.92
N SER B 229 9.87 8.21 -15.98
CA SER B 229 9.07 7.01 -15.82
C SER B 229 7.89 7.00 -16.80
N LEU B 230 7.27 5.83 -16.98
CA LEU B 230 6.10 5.69 -17.83
C LEU B 230 4.86 6.13 -17.05
N ASP B 231 3.73 6.40 -17.74
CA ASP B 231 2.52 6.79 -17.01
C ASP B 231 1.33 5.95 -17.37
N TRP B 232 1.51 4.99 -18.30
CA TRP B 232 0.42 4.13 -18.75
C TRP B 232 0.09 2.88 -17.93
N TRP B 233 0.89 2.56 -16.90
CA TRP B 233 0.61 1.42 -16.04
C TRP B 233 -0.02 1.79 -14.68
N ILE B 234 -0.45 0.78 -13.90
CA ILE B 234 -1.17 0.91 -12.63
C ILE B 234 -0.32 1.12 -11.37
N THR B 235 0.84 0.48 -11.28
CA THR B 235 1.69 0.65 -10.09
C THR B 235 2.97 1.41 -10.41
N ASP B 236 3.51 2.11 -9.40
CA ASP B 236 4.76 2.89 -9.49
C ASP B 236 5.91 2.04 -10.01
N LYS B 237 6.01 0.78 -9.52
CA LYS B 237 7.04 -0.19 -9.92
C LYS B 237 6.93 -0.53 -11.40
N CYS B 238 5.68 -0.82 -11.89
CA CYS B 238 5.39 -1.19 -13.28
C CYS B 238 5.75 -0.09 -14.30
N ASN B 239 5.62 1.18 -13.88
CA ASN B 239 5.92 2.35 -14.70
C ASN B 239 7.41 2.70 -14.78
N MET B 240 8.28 1.96 -14.07
CA MET B 240 9.72 2.23 -14.06
C MET B 240 10.44 1.95 -15.37
N ILE B 241 11.36 2.87 -15.74
CA ILE B 241 12.25 2.72 -16.90
C ILE B 241 13.56 2.15 -16.36
N ASN B 242 13.78 0.87 -16.65
CA ASN B 242 14.98 0.23 -16.13
C ASN B 242 15.92 -0.22 -17.26
N GLY B 243 17.22 -0.22 -16.95
CA GLY B 243 18.28 -0.68 -17.83
C GLY B 243 18.60 0.16 -19.06
N THR B 244 19.12 -0.53 -20.08
CA THR B 244 19.55 0.04 -21.35
C THR B 244 18.52 -0.35 -22.41
N ASP B 245 18.65 0.20 -23.64
CA ASP B 245 17.79 -0.11 -24.81
C ASP B 245 17.98 -1.55 -25.28
N GLY B 246 18.87 -2.29 -24.64
CA GLY B 246 19.13 -3.70 -24.97
C GLY B 246 20.14 -3.94 -26.08
N ASP B 247 20.59 -2.87 -26.77
CA ASP B 247 21.58 -3.00 -27.85
C ASP B 247 23.00 -2.99 -27.28
N SER B 248 23.16 -2.78 -25.96
CA SER B 248 24.42 -2.74 -25.23
C SER B 248 24.23 -2.98 -23.71
N PHE B 249 25.31 -3.38 -23.02
CA PHE B 249 25.31 -3.60 -21.58
C PHE B 249 26.63 -3.10 -20.92
N HIS B 250 26.60 -2.80 -19.62
CA HIS B 250 27.79 -2.34 -18.90
C HIS B 250 28.94 -3.36 -19.00
N PRO B 251 30.23 -2.94 -18.98
CA PRO B 251 31.29 -3.94 -19.03
C PRO B 251 31.42 -4.65 -17.68
N LEU B 252 32.14 -5.79 -17.62
CA LEU B 252 32.38 -6.55 -16.39
C LEU B 252 31.07 -7.05 -15.76
N ILE B 253 30.32 -7.87 -16.52
CA ILE B 253 29.05 -8.47 -16.07
C ILE B 253 29.32 -9.73 -15.27
N THR B 254 28.42 -10.04 -14.32
CA THR B 254 28.56 -11.23 -13.46
C THR B 254 27.32 -12.14 -13.59
N LYS B 255 27.55 -13.48 -13.65
CA LYS B 255 26.58 -14.58 -13.79
C LYS B 255 25.36 -14.47 -12.85
N ASP B 256 25.49 -13.72 -11.73
CA ASP B 256 24.46 -13.53 -10.71
C ASP B 256 23.53 -12.38 -10.97
N GLU B 257 23.97 -11.37 -11.76
CA GLU B 257 23.17 -10.17 -11.99
C GLU B 257 22.09 -10.26 -13.02
N VAL B 258 20.90 -9.80 -12.63
CA VAL B 258 19.73 -9.75 -13.49
C VAL B 258 19.88 -8.45 -14.30
N LEU B 259 19.73 -8.51 -15.65
CA LEU B 259 19.89 -7.31 -16.47
C LEU B 259 18.58 -6.75 -16.98
N TYR B 260 18.29 -5.46 -16.69
CA TYR B 260 17.06 -4.77 -17.16
C TYR B 260 17.22 -4.12 -18.50
N VAL B 261 16.19 -4.24 -19.32
CA VAL B 261 16.12 -3.67 -20.67
C VAL B 261 14.78 -2.91 -20.80
N PHE B 262 14.79 -1.73 -21.47
CA PHE B 262 13.56 -1.02 -21.75
C PHE B 262 13.27 -1.11 -23.24
N PRO B 263 12.56 -2.16 -23.70
CA PRO B 263 12.23 -2.24 -25.12
C PRO B 263 10.98 -1.37 -25.30
N SER B 264 11.20 -0.13 -25.76
CA SER B 264 10.20 0.91 -26.05
C SER B 264 8.92 0.31 -26.66
N ASP B 265 9.07 -0.54 -27.69
CA ASP B 265 7.98 -1.18 -28.43
C ASP B 265 7.10 -2.10 -27.61
N PHE B 266 7.68 -2.75 -26.61
CA PHE B 266 6.99 -3.69 -25.73
C PHE B 266 6.21 -2.94 -24.67
N CYS B 267 6.40 -1.60 -24.61
CA CYS B 267 5.75 -0.67 -23.69
C CYS B 267 5.99 -0.80 -22.21
N ARG B 268 7.08 -1.49 -21.82
CA ARG B 268 7.40 -1.67 -20.42
C ARG B 268 8.79 -2.28 -20.26
N SER B 269 9.52 -1.89 -19.16
CA SER B 269 10.85 -2.44 -18.85
C SER B 269 10.71 -3.92 -18.60
N VAL B 270 11.80 -4.66 -18.86
CA VAL B 270 11.88 -6.10 -18.82
C VAL B 270 13.27 -6.44 -18.29
N TYR B 271 13.43 -7.59 -17.63
CA TYR B 271 14.73 -8.03 -17.18
C TYR B 271 15.05 -9.36 -17.87
N ILE B 272 16.35 -9.68 -18.00
CA ILE B 272 16.81 -10.93 -18.59
C ILE B 272 17.70 -11.61 -17.60
N THR B 273 17.64 -12.96 -17.56
CA THR B 273 18.38 -13.77 -16.58
C THR B 273 19.39 -14.73 -17.20
N PHE B 274 20.53 -14.95 -16.50
CA PHE B 274 21.59 -15.85 -16.95
C PHE B 274 21.08 -17.27 -17.08
N SER B 275 21.35 -17.87 -18.25
CA SER B 275 20.98 -19.24 -18.58
C SER B 275 22.21 -20.19 -18.56
N ASP B 276 23.24 -19.93 -19.41
CA ASP B 276 24.46 -20.74 -19.50
C ASP B 276 25.67 -20.03 -20.15
N TYR B 277 26.84 -20.68 -20.11
CA TYR B 277 28.10 -20.20 -20.70
C TYR B 277 28.17 -20.61 -22.14
N GLU B 278 28.54 -19.69 -23.04
CA GLU B 278 28.67 -19.93 -24.47
C GLU B 278 29.90 -19.28 -25.09
N SER B 279 30.34 -19.85 -26.21
CA SER B 279 31.48 -19.36 -26.97
C SER B 279 30.97 -18.96 -28.35
N VAL B 280 31.01 -17.66 -28.64
CA VAL B 280 30.63 -17.11 -29.93
C VAL B 280 31.94 -16.69 -30.58
N GLN B 281 32.19 -17.21 -31.79
CA GLN B 281 33.43 -17.08 -32.53
C GLN B 281 34.48 -17.55 -31.54
N GLY B 282 35.40 -16.71 -31.17
CA GLY B 282 36.39 -17.14 -30.20
C GLY B 282 36.38 -16.39 -28.89
N LEU B 283 35.20 -15.82 -28.59
CA LEU B 283 35.00 -14.99 -27.43
C LEU B 283 34.00 -15.62 -26.43
N PRO B 284 34.29 -15.47 -25.09
CA PRO B 284 33.39 -16.05 -24.07
C PRO B 284 32.13 -15.23 -23.97
N ALA B 285 31.01 -15.85 -23.60
CA ALA B 285 29.72 -15.15 -23.48
C ALA B 285 28.79 -15.77 -22.46
N PHE B 286 27.88 -14.95 -21.93
CA PHE B 286 26.83 -15.39 -21.03
C PHE B 286 25.54 -15.34 -21.83
N ARG B 287 24.86 -16.50 -21.87
CA ARG B 287 23.58 -16.67 -22.52
C ARG B 287 22.55 -16.16 -21.52
N TYR B 288 21.92 -15.02 -21.86
CA TYR B 288 20.88 -14.41 -21.05
C TYR B 288 19.59 -14.59 -21.78
N LYS B 289 18.52 -15.01 -21.09
CA LYS B 289 17.21 -15.25 -21.70
C LYS B 289 16.11 -14.48 -21.01
N VAL B 290 14.99 -14.20 -21.71
CA VAL B 290 13.79 -13.58 -21.09
C VAL B 290 13.12 -14.75 -20.30
N PRO B 291 13.07 -14.68 -18.94
CA PRO B 291 12.47 -15.78 -18.14
C PRO B 291 10.95 -15.74 -18.19
N ALA B 292 10.27 -16.87 -17.86
CA ALA B 292 8.80 -17.00 -17.90
C ALA B 292 8.04 -15.97 -17.08
N GLU B 293 8.55 -15.66 -15.85
CA GLU B 293 8.00 -14.72 -14.87
C GLU B 293 7.61 -13.40 -15.46
N ILE B 294 8.39 -12.91 -16.45
CA ILE B 294 8.20 -11.63 -17.15
C ILE B 294 6.75 -11.36 -17.51
N LEU B 295 6.08 -12.34 -18.15
CA LEU B 295 4.70 -12.20 -18.60
C LEU B 295 3.69 -13.07 -17.84
N ALA B 296 4.17 -13.73 -16.78
CA ALA B 296 3.33 -14.59 -15.94
C ALA B 296 2.34 -13.77 -15.09
N ASN B 297 1.19 -14.38 -14.71
CA ASN B 297 0.15 -13.76 -13.87
C ASN B 297 0.57 -13.78 -12.40
N THR B 298 1.50 -12.85 -12.05
CA THR B 298 2.04 -12.73 -10.70
C THR B 298 1.65 -11.39 -10.07
N SER B 299 1.90 -11.25 -8.75
CA SER B 299 1.63 -10.04 -7.98
C SER B 299 2.45 -8.88 -8.53
N ASP B 300 3.71 -9.16 -8.96
CA ASP B 300 4.65 -8.19 -9.55
C ASP B 300 4.16 -7.70 -10.92
N ASN B 301 3.36 -8.51 -11.59
CA ASN B 301 2.84 -8.16 -12.90
C ASN B 301 1.37 -7.70 -12.86
N ALA B 302 0.81 -7.47 -11.63
CA ALA B 302 -0.57 -7.03 -11.43
C ALA B 302 -0.85 -5.65 -12.03
N GLY B 303 0.07 -4.70 -11.85
CA GLY B 303 -0.02 -3.33 -12.37
C GLY B 303 0.03 -3.21 -13.87
N PHE B 304 0.24 -4.33 -14.58
CA PHE B 304 0.25 -4.38 -16.05
C PHE B 304 -1.14 -4.72 -16.58
N CYS B 305 -2.14 -4.68 -15.69
CA CYS B 305 -3.52 -5.02 -16.00
C CYS B 305 -4.43 -3.84 -15.72
N ILE B 306 -4.71 -3.08 -16.80
CA ILE B 306 -5.52 -1.87 -16.79
C ILE B 306 -6.97 -2.01 -16.26
N PRO B 307 -7.69 -3.14 -16.51
CA PRO B 307 -9.07 -3.22 -15.98
C PRO B 307 -9.05 -3.56 -14.48
N GLU B 308 -8.77 -2.53 -13.65
CA GLU B 308 -8.72 -2.60 -12.19
C GLU B 308 -8.05 -3.88 -11.61
N GLY B 309 -6.99 -4.35 -12.25
CA GLY B 309 -6.24 -5.53 -11.82
C GLY B 309 -6.54 -6.83 -12.54
N ASN B 310 -7.66 -6.88 -13.28
CA ASN B 310 -8.10 -8.07 -14.05
C ASN B 310 -7.13 -8.33 -15.22
N CYS B 311 -6.39 -9.45 -15.12
CA CYS B 311 -5.39 -9.86 -16.12
C CYS B 311 -5.88 -10.88 -17.09
N LEU B 312 -5.45 -10.77 -18.36
CA LEU B 312 -5.87 -11.65 -19.45
C LEU B 312 -5.38 -13.10 -19.31
N GLY B 313 -4.17 -13.27 -18.80
CA GLY B 313 -3.57 -14.59 -18.60
C GLY B 313 -2.07 -14.59 -18.74
N SER B 314 -1.40 -15.67 -18.29
CA SER B 314 0.05 -15.79 -18.34
C SER B 314 0.59 -15.89 -19.75
N GLY B 315 1.59 -15.06 -20.06
CA GLY B 315 2.30 -15.04 -21.33
C GLY B 315 1.86 -14.02 -22.35
N VAL B 316 0.94 -13.10 -21.95
CA VAL B 316 0.36 -12.02 -22.79
C VAL B 316 0.30 -10.66 -22.07
N LEU B 317 0.50 -9.55 -22.81
CA LEU B 317 0.48 -8.19 -22.27
C LEU B 317 -0.50 -7.31 -23.05
N ASN B 318 -1.46 -6.63 -22.37
CA ASN B 318 -2.41 -5.72 -23.03
C ASN B 318 -1.72 -4.38 -23.31
N VAL B 319 -1.17 -4.23 -24.52
CA VAL B 319 -0.43 -3.02 -24.90
C VAL B 319 -1.36 -1.95 -25.53
N SER B 320 -2.68 -2.03 -25.25
CA SER B 320 -3.71 -1.13 -25.80
C SER B 320 -3.48 0.33 -25.48
N ILE B 321 -3.09 0.62 -24.22
CA ILE B 321 -2.87 1.98 -23.70
C ILE B 321 -1.82 2.71 -24.51
N CYS B 322 -0.74 2.02 -24.86
CA CYS B 322 0.32 2.63 -25.63
C CYS B 322 0.20 2.40 -27.14
N LYS B 323 -0.77 1.59 -27.58
CA LYS B 323 -0.89 1.33 -29.02
C LYS B 323 -2.06 2.17 -29.68
N ASN B 324 -2.38 3.27 -28.98
CA ASN B 324 -3.38 4.29 -29.36
C ASN B 324 -4.83 3.77 -29.29
N GLY B 325 -5.10 2.92 -28.31
CA GLY B 325 -6.41 2.30 -28.12
C GLY B 325 -6.66 1.04 -28.95
N ALA B 326 -5.84 0.79 -29.98
CA ALA B 326 -5.97 -0.38 -30.83
C ALA B 326 -5.86 -1.68 -29.97
N PRO B 327 -6.78 -2.68 -30.16
CA PRO B 327 -6.74 -3.90 -29.33
C PRO B 327 -5.53 -4.83 -29.55
N ILE B 328 -4.33 -4.30 -29.31
CA ILE B 328 -3.10 -5.06 -29.52
C ILE B 328 -2.64 -5.74 -28.24
N ILE B 329 -2.34 -7.04 -28.34
CA ILE B 329 -1.89 -7.90 -27.24
C ILE B 329 -0.52 -8.43 -27.62
N MET B 330 0.47 -8.16 -26.77
CA MET B 330 1.81 -8.63 -26.97
C MET B 330 1.98 -10.00 -26.38
N SER B 331 2.78 -10.84 -27.04
CA SER B 331 3.13 -12.18 -26.57
C SER B 331 4.43 -12.56 -27.22
N PHE B 332 4.93 -13.74 -26.89
CA PHE B 332 6.13 -14.30 -27.50
C PHE B 332 5.65 -15.20 -28.61
N PRO B 333 6.46 -15.48 -29.66
CA PRO B 333 5.93 -16.27 -30.80
C PRO B 333 5.22 -17.57 -30.45
N HIS B 334 4.12 -17.90 -31.17
CA HIS B 334 3.34 -19.12 -30.96
C HIS B 334 2.83 -19.33 -29.49
N PHE B 335 2.88 -18.27 -28.65
CA PHE B 335 2.49 -18.25 -27.24
C PHE B 335 3.43 -19.13 -26.40
N TYR B 336 4.75 -18.96 -26.64
CA TYR B 336 5.80 -19.64 -25.89
C TYR B 336 5.79 -18.93 -24.53
N GLN B 337 6.02 -19.68 -23.43
CA GLN B 337 5.97 -19.18 -22.04
C GLN B 337 4.55 -18.70 -21.64
N ALA B 338 3.51 -19.09 -22.41
CA ALA B 338 2.11 -18.72 -22.13
C ALA B 338 1.27 -19.92 -21.73
N ASP B 339 0.09 -19.60 -21.14
CA ASP B 339 -0.96 -20.54 -20.72
C ASP B 339 -1.39 -21.45 -21.90
N GLU B 340 -1.51 -22.77 -21.66
CA GLU B 340 -1.89 -23.73 -22.71
C GLU B 340 -3.13 -23.31 -23.47
N ARG B 341 -4.12 -22.74 -22.76
CA ARG B 341 -5.38 -22.31 -23.39
C ARG B 341 -5.20 -21.36 -24.56
N PHE B 342 -4.14 -20.49 -24.52
CA PHE B 342 -3.78 -19.56 -25.61
C PHE B 342 -3.31 -20.32 -26.85
N VAL B 343 -2.77 -21.53 -26.67
CA VAL B 343 -2.25 -22.36 -27.74
C VAL B 343 -3.32 -23.22 -28.36
N SER B 344 -4.17 -23.84 -27.49
CA SER B 344 -5.31 -24.69 -27.90
C SER B 344 -6.31 -23.88 -28.73
N ALA B 345 -6.48 -22.62 -28.35
CA ALA B 345 -7.35 -21.64 -28.94
C ALA B 345 -7.17 -21.45 -30.45
N ILE B 346 -5.93 -21.53 -30.95
CA ILE B 346 -5.64 -21.29 -32.36
C ILE B 346 -4.92 -22.46 -32.93
N GLU B 347 -5.52 -23.09 -33.95
CA GLU B 347 -4.92 -24.24 -34.64
C GLU B 347 -3.81 -23.73 -35.58
N GLY B 348 -2.56 -24.12 -35.29
CA GLY B 348 -1.36 -23.69 -36.02
C GLY B 348 -0.30 -23.08 -35.11
N MET B 349 -0.55 -23.08 -33.78
CA MET B 349 0.35 -22.57 -32.75
C MET B 349 1.24 -23.73 -32.22
N HIS B 350 2.52 -23.69 -32.56
CA HIS B 350 3.42 -24.78 -32.20
C HIS B 350 4.67 -24.25 -31.46
N PRO B 351 4.51 -23.77 -30.18
CA PRO B 351 5.66 -23.19 -29.48
C PRO B 351 6.77 -24.20 -29.15
N ASN B 352 8.04 -23.77 -29.26
CA ASN B 352 9.28 -24.48 -28.94
C ASN B 352 10.35 -23.46 -28.51
N GLN B 353 11.05 -23.74 -27.43
CA GLN B 353 12.07 -22.84 -26.91
C GLN B 353 13.10 -22.39 -27.97
N GLU B 354 13.75 -23.35 -28.65
CA GLU B 354 14.78 -23.16 -29.70
C GLU B 354 14.37 -22.18 -30.85
N ASP B 355 13.09 -21.87 -30.99
CA ASP B 355 12.67 -20.96 -32.06
C ASP B 355 11.90 -19.76 -31.62
N HIS B 356 11.36 -19.81 -30.42
CA HIS B 356 10.46 -18.81 -29.92
C HIS B 356 10.99 -17.98 -28.78
N GLU B 357 12.03 -18.45 -28.09
CA GLU B 357 12.68 -17.74 -26.99
C GLU B 357 13.43 -16.49 -27.43
N THR B 358 13.72 -15.58 -26.46
CA THR B 358 14.53 -14.39 -26.65
C THR B 358 15.75 -14.57 -25.78
N PHE B 359 16.93 -14.56 -26.41
CA PHE B 359 18.21 -14.73 -25.74
C PHE B 359 19.20 -13.67 -26.24
N VAL B 360 20.27 -13.53 -25.54
CA VAL B 360 21.36 -12.61 -25.86
C VAL B 360 22.64 -13.09 -25.21
N ASP B 361 23.67 -13.33 -26.06
CA ASP B 361 25.00 -13.79 -25.69
C ASP B 361 25.92 -12.56 -25.60
N ILE B 362 26.20 -12.15 -24.36
CA ILE B 362 26.98 -10.93 -24.01
C ILE B 362 28.39 -11.34 -23.57
N ASN B 363 29.44 -10.71 -24.13
CA ASN B 363 30.82 -11.00 -23.72
C ASN B 363 30.94 -10.35 -22.34
N PRO B 364 31.16 -11.17 -21.27
CA PRO B 364 31.16 -10.63 -19.91
C PRO B 364 32.12 -9.50 -19.60
N LEU B 365 33.31 -9.49 -20.21
CA LEU B 365 34.31 -8.46 -19.99
C LEU B 365 33.87 -7.10 -20.45
N THR B 366 33.49 -6.97 -21.73
CA THR B 366 33.14 -5.71 -22.38
C THR B 366 31.68 -5.33 -22.33
N GLY B 367 30.79 -6.32 -22.28
CA GLY B 367 29.35 -6.08 -22.30
C GLY B 367 28.82 -5.99 -23.70
N ILE B 368 29.62 -6.44 -24.69
CA ILE B 368 29.27 -6.45 -26.12
C ILE B 368 28.41 -7.69 -26.48
N ILE B 369 27.26 -7.44 -27.12
CA ILE B 369 26.36 -8.48 -27.61
C ILE B 369 27.00 -9.12 -28.86
N LEU B 370 27.30 -10.45 -28.78
CA LEU B 370 27.96 -11.23 -29.84
C LEU B 370 26.96 -11.97 -30.70
N LYS B 371 25.84 -12.40 -30.10
CA LYS B 371 24.74 -13.10 -30.78
C LYS B 371 23.45 -12.84 -29.97
N ALA B 372 22.35 -12.52 -30.67
CA ALA B 372 21.08 -12.27 -30.02
C ALA B 372 19.91 -12.61 -30.96
N ALA B 373 18.72 -12.79 -30.35
CA ALA B 373 17.46 -13.06 -31.03
C ALA B 373 16.34 -12.54 -30.15
N LYS B 374 15.74 -11.39 -30.56
CA LYS B 374 14.61 -10.69 -29.92
C LYS B 374 13.42 -11.10 -30.70
N ARG B 375 12.54 -11.88 -30.06
CA ARG B 375 11.36 -12.46 -30.71
C ARG B 375 10.12 -12.20 -29.90
N PHE B 376 9.15 -11.56 -30.53
CA PHE B 376 7.85 -11.22 -29.93
C PHE B 376 6.75 -11.28 -31.04
N GLN B 377 5.49 -11.38 -30.62
CA GLN B 377 4.39 -11.56 -31.53
C GLN B 377 3.32 -10.56 -31.22
N ILE B 378 2.65 -10.03 -32.29
CA ILE B 378 1.56 -9.05 -32.27
C ILE B 378 0.26 -9.81 -32.41
N ASN B 379 -0.61 -9.63 -31.39
CA ASN B 379 -1.93 -10.25 -31.36
C ASN B 379 -3.05 -9.20 -31.30
N ILE B 380 -4.25 -9.61 -31.69
CA ILE B 380 -5.42 -8.77 -31.57
C ILE B 380 -6.43 -9.44 -30.63
N TYR B 381 -7.02 -8.65 -29.70
CA TYR B 381 -8.02 -9.21 -28.82
C TYR B 381 -9.32 -9.06 -29.51
N VAL B 382 -9.93 -10.19 -29.84
CA VAL B 382 -11.18 -10.29 -30.60
C VAL B 382 -12.28 -11.02 -29.77
N LYS B 383 -13.54 -10.59 -29.91
CA LYS B 383 -14.70 -11.18 -29.21
C LYS B 383 -16.03 -10.79 -29.88
N LYS B 384 -17.06 -11.63 -29.71
CA LYS B 384 -18.39 -11.38 -30.27
C LYS B 384 -19.01 -10.17 -29.56
N LEU B 385 -19.44 -9.20 -30.37
CA LEU B 385 -20.10 -7.98 -29.90
C LEU B 385 -21.49 -7.95 -30.54
N ASP B 386 -22.52 -7.95 -29.70
CA ASP B 386 -23.92 -7.95 -30.14
C ASP B 386 -24.26 -6.75 -31.02
N ASP B 387 -23.63 -5.60 -30.75
CA ASP B 387 -23.81 -4.36 -31.49
C ASP B 387 -23.10 -4.38 -32.84
N PHE B 388 -22.17 -5.30 -33.06
CA PHE B 388 -21.44 -5.36 -34.33
C PHE B 388 -21.54 -6.72 -35.02
N VAL B 389 -22.44 -6.79 -36.00
CA VAL B 389 -22.70 -8.01 -36.78
C VAL B 389 -21.44 -8.56 -37.46
N GLU B 390 -20.43 -7.68 -37.70
CA GLU B 390 -19.17 -8.00 -38.35
C GLU B 390 -18.39 -9.07 -37.62
N THR B 391 -18.57 -9.13 -36.28
CA THR B 391 -17.94 -10.06 -35.33
C THR B 391 -18.56 -11.46 -35.41
N GLY B 392 -19.82 -11.53 -35.82
CA GLY B 392 -20.55 -12.79 -35.91
C GLY B 392 -20.68 -13.47 -34.56
N ASP B 393 -20.07 -14.65 -34.43
CA ASP B 393 -20.09 -15.46 -33.22
C ASP B 393 -18.66 -15.88 -32.82
N ILE B 394 -17.69 -15.07 -33.26
CA ILE B 394 -16.28 -15.24 -32.97
C ILE B 394 -16.03 -15.53 -31.48
N ARG B 395 -15.20 -16.52 -31.22
CA ARG B 395 -14.82 -16.90 -29.86
C ARG B 395 -14.01 -15.76 -29.23
N THR B 396 -14.07 -15.63 -27.90
CA THR B 396 -13.28 -14.58 -27.20
C THR B 396 -11.85 -15.04 -27.20
N MET B 397 -10.96 -14.37 -27.96
CA MET B 397 -9.56 -14.82 -28.05
C MET B 397 -8.45 -13.81 -28.38
N VAL B 398 -7.20 -14.19 -28.06
CA VAL B 398 -5.98 -13.47 -28.38
C VAL B 398 -5.59 -14.02 -29.77
N PHE B 399 -5.89 -13.23 -30.81
CA PHE B 399 -5.70 -13.67 -32.20
C PHE B 399 -4.33 -13.32 -32.76
N PRO B 400 -3.56 -14.35 -33.18
CA PRO B 400 -2.21 -14.10 -33.71
C PRO B 400 -2.19 -13.44 -35.07
N VAL B 401 -1.31 -12.43 -35.23
CA VAL B 401 -1.21 -11.73 -36.51
C VAL B 401 0.15 -11.97 -37.16
N MET B 402 1.21 -11.66 -36.42
CA MET B 402 2.55 -11.80 -36.93
C MET B 402 3.51 -11.71 -35.77
N TYR B 403 4.71 -12.33 -35.91
CA TYR B 403 5.81 -12.35 -34.95
C TYR B 403 7.10 -12.08 -35.72
N LEU B 404 8.11 -11.57 -35.03
CA LEU B 404 9.38 -11.27 -35.68
C LEU B 404 10.62 -11.79 -34.94
N ASN B 405 11.74 -11.86 -35.68
CA ASN B 405 13.01 -12.24 -35.13
C ASN B 405 14.07 -11.19 -35.48
N GLU B 406 14.24 -10.19 -34.59
CA GLU B 406 15.28 -9.19 -34.70
C GLU B 406 16.54 -9.85 -34.13
N SER B 407 17.54 -10.16 -35.00
CA SER B 407 18.76 -10.89 -34.64
C SER B 407 20.09 -10.22 -35.02
N VAL B 408 21.20 -10.69 -34.42
CA VAL B 408 22.57 -10.22 -34.66
C VAL B 408 23.61 -11.32 -34.38
N HIS B 409 24.67 -11.39 -35.18
CA HIS B 409 25.73 -12.39 -35.03
C HIS B 409 27.04 -11.74 -35.45
N ILE B 410 28.04 -11.76 -34.55
CA ILE B 410 29.36 -11.19 -34.78
C ILE B 410 30.12 -11.96 -35.89
N ASP B 411 30.73 -11.23 -36.84
CA ASP B 411 31.48 -11.83 -37.96
C ASP B 411 32.95 -12.07 -37.58
N LYS B 412 33.59 -13.05 -38.25
CA LYS B 412 34.99 -13.44 -38.05
C LYS B 412 36.00 -12.28 -38.03
N GLU B 413 35.73 -11.22 -38.84
CA GLU B 413 36.60 -10.06 -38.91
C GLU B 413 36.51 -9.19 -37.65
N THR B 414 35.27 -8.74 -37.31
CA THR B 414 35.03 -7.92 -36.11
C THR B 414 35.31 -8.69 -34.82
N ALA B 415 35.09 -10.02 -34.82
CA ALA B 415 35.35 -10.86 -33.67
C ALA B 415 36.83 -10.93 -33.36
N SER B 416 37.68 -11.13 -34.40
CA SER B 416 39.14 -11.20 -34.27
C SER B 416 39.69 -9.87 -33.82
N ARG B 417 39.09 -8.77 -34.33
CA ARG B 417 39.41 -7.39 -34.00
C ARG B 417 39.17 -7.20 -32.48
N LEU B 418 38.04 -7.71 -31.96
CA LEU B 418 37.69 -7.67 -30.54
C LEU B 418 38.64 -8.47 -29.60
N LYS B 419 39.12 -9.66 -30.07
CA LYS B 419 39.98 -10.54 -29.30
C LYS B 419 41.31 -9.89 -28.93
N SER B 420 41.71 -8.84 -29.68
CA SER B 420 42.95 -8.10 -29.44
C SER B 420 42.84 -7.27 -28.15
N MET B 421 41.65 -6.57 -27.93
CA MET B 421 41.34 -5.71 -26.77
C MET B 421 41.54 -6.44 -25.43
N GLU C 41 74.84 -33.60 71.19
CA GLU C 41 75.08 -32.26 71.74
C GLU C 41 75.00 -31.23 70.62
N ALA C 42 75.49 -31.63 69.42
CA ALA C 42 75.52 -30.84 68.19
C ALA C 42 74.12 -30.36 67.81
N PHE C 43 73.11 -31.30 67.81
CA PHE C 43 71.70 -31.07 67.47
C PHE C 43 70.90 -30.29 68.53
N ASP C 44 71.32 -30.30 69.82
CA ASP C 44 70.70 -29.49 70.88
C ASP C 44 71.14 -28.03 70.76
N SER C 45 72.46 -27.79 70.57
CA SER C 45 73.04 -26.44 70.38
C SER C 45 72.61 -25.81 69.05
N TRP C 46 72.21 -26.65 68.08
CA TRP C 46 71.70 -26.21 66.79
C TRP C 46 70.19 -25.83 66.94
N GLU C 47 69.40 -26.70 67.60
CA GLU C 47 67.98 -26.53 67.88
C GLU C 47 67.74 -25.34 68.81
N LYS C 48 68.48 -25.29 69.95
CA LYS C 48 68.38 -24.22 70.94
C LYS C 48 69.75 -23.56 71.11
N PRO C 49 70.08 -22.55 70.25
CA PRO C 49 71.39 -21.87 70.34
C PRO C 49 71.64 -21.23 71.72
N PRO C 50 72.73 -21.64 72.41
CA PRO C 50 72.95 -21.13 73.77
C PRO C 50 73.49 -19.72 73.90
N LEU C 51 74.23 -19.25 72.91
CA LEU C 51 74.82 -17.91 73.00
C LEU C 51 73.87 -16.81 72.64
N PRO C 52 73.75 -15.74 73.49
CA PRO C 52 72.82 -14.65 73.18
C PRO C 52 73.32 -13.71 72.08
N VAL C 53 72.50 -13.58 71.03
CA VAL C 53 72.76 -12.76 69.85
C VAL C 53 72.01 -11.45 70.02
N TYR C 54 72.61 -10.35 69.59
CA TYR C 54 72.00 -9.03 69.67
C TYR C 54 71.99 -8.35 68.31
N THR C 55 70.96 -7.49 68.05
CA THR C 55 70.90 -6.64 66.85
C THR C 55 70.82 -5.21 67.34
N GLN C 56 71.72 -4.33 66.84
CA GLN C 56 71.69 -2.89 67.14
C GLN C 56 71.22 -2.09 65.91
N PHE C 57 70.19 -1.30 66.06
CA PHE C 57 69.86 -0.54 64.89
C PHE C 57 70.41 0.88 65.04
N TYR C 58 70.94 1.43 63.93
CA TYR C 58 71.49 2.80 63.84
C TYR C 58 70.83 3.39 62.62
N PHE C 59 70.24 4.58 62.80
CA PHE C 59 69.54 5.27 61.76
C PHE C 59 70.25 6.53 61.30
N PHE C 60 70.05 6.90 60.01
CA PHE C 60 70.54 8.15 59.37
C PHE C 60 69.39 9.19 59.30
N ASN C 61 69.55 10.34 59.96
CA ASN C 61 68.50 11.36 59.99
C ASN C 61 68.80 12.49 58.98
N VAL C 62 67.86 12.74 58.04
CA VAL C 62 67.98 13.72 56.95
C VAL C 62 67.74 15.13 57.47
N THR C 63 68.81 15.96 57.42
CA THR C 63 68.80 17.33 57.96
C THR C 63 68.32 18.44 57.01
N ASN C 64 68.42 18.24 55.67
CA ASN C 64 68.09 19.25 54.67
C ASN C 64 67.12 18.75 53.61
N PRO C 65 65.89 18.30 53.97
CA PRO C 65 65.00 17.76 52.95
C PRO C 65 64.73 18.70 51.77
N GLU C 66 64.41 19.95 52.06
CA GLU C 66 64.09 20.91 51.00
C GLU C 66 65.24 21.15 50.06
N GLU C 67 66.44 21.27 50.60
CA GLU C 67 67.64 21.52 49.81
C GLU C 67 67.93 20.33 48.90
N ILE C 68 67.70 19.09 49.38
CA ILE C 68 67.88 17.85 48.62
C ILE C 68 66.99 17.89 47.34
N LEU C 69 65.74 18.35 47.50
CA LEU C 69 64.75 18.48 46.45
C LEU C 69 65.10 19.56 45.42
N ARG C 70 65.89 20.58 45.77
CA ARG C 70 66.26 21.57 44.73
C ARG C 70 67.60 21.15 44.04
N GLY C 71 68.11 19.94 44.35
CA GLY C 71 69.29 19.37 43.73
C GLY C 71 70.59 19.45 44.50
N GLU C 72 70.53 19.75 45.80
CA GLU C 72 71.74 19.87 46.62
C GLU C 72 72.18 18.52 47.19
N THR C 73 73.40 18.46 47.79
CA THR C 73 73.94 17.23 48.40
C THR C 73 73.22 16.93 49.74
N PRO C 74 72.71 15.71 49.93
CA PRO C 74 72.12 15.34 51.23
C PRO C 74 73.09 15.42 52.42
N ARG C 75 72.55 15.75 53.61
CA ARG C 75 73.31 15.82 54.85
C ARG C 75 72.54 15.03 55.91
N VAL C 76 73.16 13.97 56.44
CA VAL C 76 72.62 13.05 57.45
C VAL C 76 73.44 12.95 58.79
N GLU C 77 72.71 12.89 59.93
CA GLU C 77 73.24 12.73 61.30
C GLU C 77 72.92 11.29 61.73
N GLU C 78 73.99 10.53 62.06
CA GLU C 78 73.98 9.14 62.52
C GLU C 78 73.52 9.05 64.00
N VAL C 79 72.27 8.55 64.18
CA VAL C 79 71.57 8.36 65.46
C VAL C 79 71.56 6.85 65.77
N GLY C 80 72.00 6.50 66.98
CA GLY C 80 72.12 5.10 67.41
C GLY C 80 73.16 4.84 68.50
N PRO C 81 73.14 3.65 69.15
CA PRO C 81 72.32 2.45 68.86
C PRO C 81 70.96 2.33 69.55
N TYR C 82 70.10 1.48 68.96
CA TYR C 82 68.78 1.06 69.44
C TYR C 82 68.89 -0.49 69.41
N THR C 83 69.29 -1.06 70.56
CA THR C 83 69.64 -2.46 70.83
C THR C 83 68.47 -3.36 71.22
N TYR C 84 68.45 -4.58 70.64
CA TYR C 84 67.45 -5.61 70.83
C TYR C 84 68.16 -6.95 71.00
N ARG C 85 67.86 -7.67 72.10
CA ARG C 85 68.41 -9.00 72.36
C ARG C 85 67.51 -9.96 71.53
N GLU C 86 68.14 -10.94 70.84
CA GLU C 86 67.39 -11.89 70.01
C GLU C 86 66.94 -13.13 70.77
N LEU C 87 65.88 -13.79 70.27
CA LEU C 87 65.32 -15.04 70.80
C LEU C 87 65.26 -15.99 69.61
N ARG C 88 66.16 -16.98 69.58
CA ARG C 88 66.25 -17.92 68.44
C ARG C 88 65.93 -19.36 68.79
N ASN C 89 65.23 -20.06 67.89
CA ASN C 89 64.86 -21.48 68.05
C ASN C 89 64.41 -22.08 66.73
N LYS C 90 64.84 -23.33 66.48
CA LYS C 90 64.48 -24.04 65.26
C LYS C 90 63.16 -24.78 65.43
N ALA C 91 62.21 -24.55 64.53
CA ALA C 91 60.89 -25.19 64.60
C ALA C 91 60.59 -26.08 63.38
N ASN C 92 59.49 -26.88 63.45
CA ASN C 92 59.03 -27.80 62.39
C ASN C 92 60.18 -28.70 61.87
N ILE C 93 60.90 -29.32 62.82
CA ILE C 93 62.03 -30.21 62.53
C ILE C 93 61.53 -31.55 61.99
N GLN C 94 62.12 -32.02 60.86
CA GLN C 94 61.83 -33.29 60.19
C GLN C 94 63.08 -33.84 59.50
N PHE C 95 63.43 -35.11 59.81
CA PHE C 95 64.60 -35.82 59.26
C PHE C 95 64.31 -36.48 57.92
N GLY C 96 65.35 -36.65 57.09
CA GLY C 96 65.21 -37.25 55.76
C GLY C 96 66.42 -37.97 55.16
N ASP C 97 66.20 -38.52 53.93
CA ASP C 97 67.14 -39.24 53.06
C ASP C 97 68.14 -40.18 53.79
N ASN C 98 67.60 -41.05 54.65
CA ASN C 98 68.36 -42.01 55.50
C ASN C 98 69.32 -41.29 56.47
N GLY C 99 68.81 -40.21 57.08
CA GLY C 99 69.56 -39.40 58.03
C GLY C 99 70.63 -38.53 57.44
N THR C 100 70.60 -38.32 56.10
CA THR C 100 71.55 -37.48 55.39
C THR C 100 71.16 -35.97 55.41
N THR C 101 69.83 -35.70 55.48
CA THR C 101 69.23 -34.36 55.49
C THR C 101 68.25 -34.12 56.67
N ILE C 102 67.96 -32.84 56.93
CA ILE C 102 67.06 -32.36 57.99
C ILE C 102 66.40 -31.09 57.49
N SER C 103 65.12 -30.90 57.80
CA SER C 103 64.38 -29.69 57.42
C SER C 103 63.88 -29.01 58.67
N ALA C 104 63.96 -27.67 58.69
CA ALA C 104 63.50 -26.84 59.80
C ALA C 104 63.34 -25.39 59.37
N VAL C 105 62.74 -24.59 60.24
CA VAL C 105 62.58 -23.15 60.07
C VAL C 105 63.35 -22.52 61.25
N SER C 106 63.82 -21.27 61.14
CA SER C 106 64.53 -20.67 62.27
C SER C 106 63.85 -19.38 62.70
N ASN C 107 63.10 -19.46 63.81
CA ASN C 107 62.36 -18.33 64.37
C ASN C 107 63.28 -17.41 65.14
N LYS C 108 63.09 -16.12 64.89
CA LYS C 108 63.88 -15.04 65.48
C LYS C 108 62.90 -13.96 65.97
N ALA C 109 63.05 -13.59 67.25
CA ALA C 109 62.25 -12.55 67.92
C ALA C 109 63.18 -11.57 68.61
N TYR C 110 62.82 -10.28 68.58
CA TYR C 110 63.63 -9.21 69.15
C TYR C 110 63.04 -8.63 70.43
N VAL C 111 63.85 -8.53 71.50
CA VAL C 111 63.46 -7.97 72.80
C VAL C 111 64.29 -6.70 73.05
N PHE C 112 63.63 -5.51 73.06
CA PHE C 112 64.31 -4.22 73.26
C PHE C 112 64.92 -4.01 74.64
N GLU C 113 66.18 -3.52 74.67
CA GLU C 113 66.90 -3.17 75.89
C GLU C 113 67.21 -1.67 75.83
N ARG C 114 66.51 -0.87 76.65
CA ARG C 114 66.69 0.59 76.72
C ARG C 114 68.08 0.97 77.24
N ASP C 115 68.52 0.35 78.33
CA ASP C 115 69.82 0.59 78.96
C ASP C 115 71.00 0.56 77.96
N GLN C 116 70.92 -0.36 76.98
CA GLN C 116 71.94 -0.54 75.94
C GLN C 116 71.65 0.29 74.67
N SER C 117 70.70 1.29 74.73
CA SER C 117 70.28 2.11 73.57
C SER C 117 70.24 3.64 73.78
N VAL C 118 70.58 4.42 72.71
CA VAL C 118 70.69 5.90 72.60
C VAL C 118 69.40 6.78 72.81
N GLY C 119 68.23 6.15 72.93
CA GLY C 119 66.97 6.86 73.13
C GLY C 119 65.77 5.97 72.91
N ASP C 120 64.58 6.36 73.41
CA ASP C 120 63.38 5.54 73.29
C ASP C 120 62.83 5.46 71.87
N PRO C 121 62.86 4.25 71.24
CA PRO C 121 62.33 4.09 69.87
C PRO C 121 60.89 4.58 69.67
N LYS C 122 60.07 4.49 70.73
CA LYS C 122 58.68 4.88 70.76
C LYS C 122 58.52 6.40 70.82
N ILE C 123 59.63 7.13 71.10
CA ILE C 123 59.60 8.61 71.19
C ILE C 123 60.50 9.30 70.15
N ASP C 124 61.76 8.82 70.02
CA ASP C 124 62.74 9.40 69.09
C ASP C 124 62.24 9.32 67.64
N LEU C 125 62.41 10.44 66.92
CA LEU C 125 61.96 10.65 65.54
C LEU C 125 63.06 10.56 64.50
N ILE C 126 62.73 10.08 63.30
CA ILE C 126 63.66 10.02 62.17
C ILE C 126 62.99 10.52 60.89
N ARG C 127 63.57 11.58 60.27
CA ARG C 127 63.11 12.09 58.98
C ARG C 127 63.91 11.37 57.91
N THR C 128 63.25 10.55 57.13
CA THR C 128 63.93 9.77 56.10
C THR C 128 63.08 9.65 54.84
N LEU C 129 63.52 8.87 53.88
CA LEU C 129 62.74 8.76 52.66
C LEU C 129 61.34 8.09 52.86
N ASN C 130 60.30 8.49 52.10
CA ASN C 130 58.95 7.87 52.25
C ASN C 130 58.92 6.57 51.48
N ILE C 131 59.39 5.53 52.12
CA ILE C 131 59.48 4.21 51.48
C ILE C 131 58.18 3.78 50.82
N PRO C 132 57.00 3.83 51.51
CA PRO C 132 55.74 3.46 50.85
C PRO C 132 55.54 4.21 49.58
N VAL C 133 55.56 5.56 49.66
CA VAL C 133 55.39 6.48 48.52
C VAL C 133 56.36 6.15 47.37
N LEU C 134 57.66 5.89 47.70
CA LEU C 134 58.72 5.59 46.75
C LEU C 134 58.49 4.23 46.12
N THR C 135 57.97 3.29 46.93
CA THR C 135 57.61 1.93 46.55
C THR C 135 56.47 2.03 45.54
N VAL C 136 55.43 2.90 45.79
CA VAL C 136 54.32 3.02 44.84
C VAL C 136 54.67 3.77 43.52
N ILE C 137 55.69 4.64 43.57
CA ILE C 137 56.15 5.38 42.39
C ILE C 137 56.77 4.41 41.35
N GLU C 138 57.59 3.46 41.81
CA GLU C 138 58.21 2.44 40.96
C GLU C 138 57.14 1.48 40.44
N TRP C 139 56.14 1.17 41.28
CA TRP C 139 55.05 0.30 40.89
C TRP C 139 54.31 0.92 39.64
N SER C 140 54.15 2.28 39.64
CA SER C 140 53.53 3.05 38.54
C SER C 140 54.45 3.22 37.32
N GLN C 141 55.77 2.96 37.49
CA GLN C 141 56.77 3.02 36.42
C GLN C 141 56.58 1.82 35.49
N VAL C 142 56.23 0.65 36.07
CA VAL C 142 55.94 -0.57 35.33
C VAL C 142 54.52 -0.49 34.68
N HIS C 143 53.64 0.42 35.17
CA HIS C 143 52.27 0.62 34.67
C HIS C 143 51.91 2.10 34.52
N LEU C 145 48.18 4.22 34.96
CA LEU C 145 49.14 5.20 34.42
C LEU C 145 50.32 5.46 35.41
N ARG C 146 50.74 6.75 35.48
CA ARG C 146 51.75 7.38 36.33
C ARG C 146 51.01 8.64 36.82
N GLU C 147 50.35 9.33 35.85
CA GLU C 147 49.54 10.55 35.96
C GLU C 147 48.48 10.47 37.07
N ILE C 148 47.75 9.32 37.14
CA ILE C 148 46.71 9.03 38.13
C ILE C 148 47.31 8.98 39.54
N ILE C 149 48.43 8.23 39.71
CA ILE C 149 49.16 8.10 40.98
C ILE C 149 49.64 9.47 41.48
N GLU C 150 50.21 10.28 40.57
CA GLU C 150 50.69 11.62 40.88
C GLU C 150 49.57 12.49 41.45
N ALA C 151 48.35 12.35 40.92
CA ALA C 151 47.11 13.02 41.34
C ALA C 151 46.74 12.55 42.77
N MET C 152 46.99 11.26 43.07
CA MET C 152 46.73 10.65 44.36
C MET C 152 47.67 11.20 45.45
N LEU C 153 48.95 11.30 45.14
CA LEU C 153 49.96 11.84 46.04
C LEU C 153 49.69 13.30 46.33
N LYS C 154 49.23 14.05 45.29
CA LYS C 154 48.91 15.47 45.40
C LYS C 154 47.73 15.68 46.38
N ALA C 155 46.63 14.91 46.18
CA ALA C 155 45.42 14.94 47.00
C ALA C 155 45.76 14.67 48.48
N TYR C 156 46.51 13.56 48.72
CA TYR C 156 46.92 13.11 50.04
C TYR C 156 48.09 13.88 50.59
N GLN C 157 48.50 14.95 49.86
CA GLN C 157 49.61 15.83 50.22
C GLN C 157 50.88 15.01 50.59
N GLN C 158 51.24 14.05 49.76
CA GLN C 158 52.36 13.15 50.04
C GLN C 158 53.74 13.77 49.78
N LYS C 159 54.72 13.44 50.67
CA LYS C 159 56.06 14.02 50.56
C LYS C 159 57.16 12.95 50.48
N LEU C 160 58.31 13.28 49.85
CA LEU C 160 59.43 12.35 49.74
C LEU C 160 60.15 12.15 51.09
N PHE C 161 60.15 13.18 51.96
CA PHE C 161 60.73 13.07 53.28
C PHE C 161 59.64 13.12 54.33
N VAL C 162 59.59 12.06 55.13
CA VAL C 162 58.60 11.86 56.17
C VAL C 162 59.25 11.56 57.55
N THR C 163 58.58 11.92 58.65
CA THR C 163 59.09 11.73 60.01
C THR C 163 58.22 10.76 60.80
N HIS C 164 58.85 9.77 61.45
CA HIS C 164 58.17 8.73 62.24
C HIS C 164 59.02 8.35 63.42
N THR C 165 58.47 7.56 64.38
CA THR C 165 59.28 7.03 65.49
C THR C 165 60.09 5.81 65.04
N VAL C 166 61.09 5.42 65.82
CA VAL C 166 61.97 4.27 65.54
C VAL C 166 61.19 2.95 65.49
N ASP C 167 60.48 2.60 66.59
CA ASP C 167 59.60 1.41 66.73
C ASP C 167 58.56 1.36 65.55
N GLU C 168 58.23 2.52 64.94
CA GLU C 168 57.34 2.54 63.79
C GLU C 168 58.11 2.19 62.53
N LEU C 169 59.29 2.79 62.29
CA LEU C 169 60.11 2.51 61.10
C LEU C 169 60.59 1.05 61.09
N LEU C 170 60.89 0.52 62.29
CA LEU C 170 61.37 -0.84 62.41
C LEU C 170 60.25 -1.86 62.29
N TRP C 171 59.24 -1.75 63.14
CA TRP C 171 58.16 -2.72 63.29
C TRP C 171 56.86 -2.52 62.53
N GLY C 172 56.64 -1.32 62.01
CA GLY C 172 55.48 -1.04 61.20
C GLY C 172 54.57 0.10 61.67
N TYR C 173 54.07 0.88 60.71
CA TYR C 173 53.11 1.96 60.92
C TYR C 173 52.07 1.85 59.78
N LYS C 174 50.80 2.17 60.02
CA LYS C 174 49.80 2.07 58.97
C LYS C 174 50.02 3.27 58.04
N ASP C 175 50.26 3.01 56.75
CA ASP C 175 50.47 4.11 55.80
C ASP C 175 49.14 4.48 55.13
N GLU C 176 48.91 5.78 54.98
CA GLU C 176 47.73 6.37 54.36
C GLU C 176 47.46 5.87 52.96
N ILE C 177 48.47 5.97 52.07
CA ILE C 177 48.35 5.56 50.67
C ILE C 177 48.05 4.06 50.57
N LEU C 178 48.86 3.22 51.26
CA LEU C 178 48.68 1.77 51.26
C LEU C 178 47.32 1.34 51.83
N SER C 179 46.84 1.98 52.92
CA SER C 179 45.55 1.71 53.53
C SER C 179 44.44 1.79 52.47
N LEU C 180 44.52 2.84 51.63
CA LEU C 180 43.59 3.10 50.55
C LEU C 180 43.75 2.04 49.45
N ILE C 181 45.01 1.70 49.07
CA ILE C 181 45.28 0.68 48.05
C ILE C 181 44.70 -0.64 48.51
N HIS C 182 44.97 -1.03 49.77
CA HIS C 182 44.45 -2.24 50.43
C HIS C 182 42.92 -2.43 50.22
N VAL C 183 42.15 -1.31 50.18
CA VAL C 183 40.70 -1.34 49.97
C VAL C 183 40.40 -1.95 48.61
N PHE C 184 41.22 -1.61 47.61
CA PHE C 184 41.06 -2.10 46.24
C PHE C 184 41.84 -3.36 45.95
N ARG C 185 43.04 -3.51 46.55
CA ARG C 185 43.90 -4.66 46.36
C ARG C 185 44.27 -5.28 47.74
N PRO C 186 43.41 -6.19 48.27
CA PRO C 186 43.66 -6.79 49.60
C PRO C 186 44.96 -7.56 49.81
N ASP C 187 45.68 -7.87 48.72
CA ASP C 187 47.00 -8.54 48.74
C ASP C 187 48.05 -7.54 49.21
N ILE C 188 47.84 -6.23 48.92
CA ILE C 188 48.74 -5.13 49.30
C ILE C 188 48.47 -4.71 50.75
N SER C 189 49.54 -4.84 51.60
CA SER C 189 49.45 -4.51 53.01
C SER C 189 49.37 -3.04 53.29
N PRO C 190 48.40 -2.64 54.17
CA PRO C 190 48.29 -1.22 54.56
C PRO C 190 49.47 -0.69 55.40
N TYR C 191 50.27 -1.62 55.98
CA TYR C 191 51.41 -1.36 56.84
C TYR C 191 52.75 -1.34 56.15
N PHE C 192 53.70 -0.65 56.74
CA PHE C 192 55.09 -0.60 56.32
C PHE C 192 56.02 -0.48 57.53
N GLY C 193 57.11 -1.23 57.46
CA GLY C 193 58.19 -1.25 58.42
C GLY C 193 59.36 -1.96 57.78
N LEU C 194 60.59 -1.55 58.13
CA LEU C 194 61.81 -2.15 57.62
C LEU C 194 61.85 -3.61 58.01
N PHE C 195 61.37 -3.93 59.22
CA PHE C 195 61.32 -5.30 59.73
C PHE C 195 59.89 -5.68 60.11
N TYR C 196 58.91 -5.11 59.44
CA TYR C 196 57.49 -5.43 59.67
C TYR C 196 57.30 -6.94 59.51
N GLU C 197 56.49 -7.51 60.42
CA GLU C 197 56.12 -8.93 60.47
C GLU C 197 57.33 -9.89 60.50
N LYS C 198 58.44 -9.42 61.10
CA LYS C 198 59.65 -10.22 61.25
C LYS C 198 59.92 -10.67 62.67
N ASN C 199 59.29 -10.00 63.68
CA ASN C 199 59.42 -10.39 65.08
C ASN C 199 58.58 -11.66 65.34
N GLY C 200 59.23 -12.77 65.61
CA GLY C 200 58.55 -14.04 65.88
C GLY C 200 58.61 -15.05 64.75
N THR C 201 58.58 -14.57 63.51
CA THR C 201 58.64 -15.39 62.30
C THR C 201 60.06 -15.90 61.88
N ASN C 202 60.11 -16.63 60.74
CA ASN C 202 61.28 -17.21 60.10
C ASN C 202 61.44 -16.70 58.64
N ASP C 203 62.58 -16.97 58.02
CA ASP C 203 62.93 -16.58 56.66
C ASP C 203 62.69 -17.74 55.67
N GLY C 204 61.61 -18.47 55.87
CA GLY C 204 61.26 -19.58 54.99
C GLY C 204 61.79 -20.92 55.40
N ASP C 205 61.32 -21.97 54.71
CA ASP C 205 61.67 -23.38 54.96
C ASP C 205 63.06 -23.72 54.41
N TYR C 206 63.78 -24.52 55.15
CA TYR C 206 65.14 -24.89 54.80
C TYR C 206 65.40 -26.36 54.94
N VAL C 207 66.19 -26.92 54.05
CA VAL C 207 66.61 -28.29 54.19
C VAL C 207 68.13 -28.30 54.21
N PHE C 208 68.66 -28.70 55.36
CA PHE C 208 70.08 -28.74 55.64
C PHE C 208 70.62 -30.15 55.54
N LEU C 209 71.84 -30.23 55.02
CA LEU C 209 72.63 -31.42 54.88
C LEU C 209 73.30 -31.61 56.24
N THR C 210 73.08 -32.77 56.90
CA THR C 210 73.73 -33.01 58.19
C THR C 210 75.12 -33.62 57.96
N GLY C 211 76.04 -33.43 58.92
CA GLY C 211 77.37 -33.97 58.79
C GLY C 211 77.53 -35.49 58.88
N GLU C 212 76.48 -36.26 58.45
CA GLU C 212 76.55 -37.74 58.48
C GLU C 212 77.33 -38.34 57.33
N ASP C 213 77.15 -37.80 56.10
CA ASP C 213 77.84 -38.24 54.88
C ASP C 213 79.33 -37.83 54.88
N SER C 214 79.64 -36.69 55.50
CA SER C 214 80.92 -36.01 55.60
C SER C 214 80.70 -34.78 56.48
N TYR C 215 81.66 -34.52 57.39
CA TYR C 215 81.65 -33.39 58.30
C TYR C 215 81.71 -32.11 57.52
N LEU C 216 82.39 -32.09 56.35
CA LEU C 216 82.54 -30.88 55.52
C LEU C 216 81.18 -30.29 55.05
N ASN C 217 80.19 -31.20 54.99
CA ASN C 217 78.82 -30.97 54.61
C ASN C 217 77.91 -30.64 55.82
N PHE C 218 78.50 -30.48 57.04
CA PHE C 218 77.73 -30.13 58.25
C PHE C 218 77.03 -28.76 58.05
N THR C 219 75.70 -28.77 58.23
CA THR C 219 74.75 -27.64 58.11
C THR C 219 74.73 -26.95 56.73
N LYS C 220 75.26 -27.60 55.68
CA LYS C 220 75.30 -27.03 54.32
C LYS C 220 73.86 -26.88 53.80
N ILE C 221 73.47 -25.69 53.31
CA ILE C 221 72.11 -25.52 52.79
C ILE C 221 71.99 -26.18 51.43
N VAL C 222 70.92 -27.00 51.22
CA VAL C 222 70.66 -27.75 49.98
C VAL C 222 69.39 -27.31 49.28
N GLU C 223 68.46 -26.68 50.02
CA GLU C 223 67.18 -26.15 49.48
C GLU C 223 66.64 -25.03 50.35
N TRP C 224 66.07 -24.00 49.72
CA TRP C 224 65.43 -22.85 50.37
C TRP C 224 64.15 -22.54 49.60
N ASN C 225 63.00 -22.67 50.30
CA ASN C 225 61.66 -22.50 49.77
C ASN C 225 61.43 -23.43 48.57
N GLY C 226 61.80 -24.70 48.76
CA GLY C 226 61.66 -25.77 47.77
C GLY C 226 62.58 -25.71 46.58
N LYS C 227 63.28 -24.59 46.39
CA LYS C 227 64.19 -24.40 45.29
C LYS C 227 65.66 -24.67 45.75
N THR C 228 66.45 -25.34 44.90
CA THR C 228 67.87 -25.63 45.22
C THR C 228 68.74 -24.43 44.90
N SER C 229 68.19 -23.50 44.12
CA SER C 229 68.87 -22.30 43.71
C SER C 229 67.93 -21.10 43.75
N LEU C 230 68.48 -19.90 43.67
CA LEU C 230 67.68 -18.69 43.61
C LEU C 230 67.20 -18.49 42.17
N ASP C 231 66.19 -17.65 41.94
CA ASP C 231 65.77 -17.41 40.56
C ASP C 231 65.72 -15.94 40.22
N TRP C 232 66.09 -15.08 41.19
CA TRP C 232 66.05 -13.65 40.95
C TRP C 232 67.28 -13.00 40.31
N TRP C 233 68.35 -13.75 40.09
CA TRP C 233 69.55 -13.20 39.44
C TRP C 233 69.68 -13.61 37.97
N ILE C 234 70.67 -13.03 37.25
CA ILE C 234 70.91 -13.21 35.81
C ILE C 234 71.72 -14.45 35.39
N THR C 235 72.73 -14.82 36.16
CA THR C 235 73.54 -15.98 35.79
C THR C 235 73.32 -17.15 36.72
N ASP C 236 73.53 -18.38 36.22
CA ASP C 236 73.42 -19.62 36.99
C ASP C 236 74.31 -19.59 38.23
N LYS C 237 75.54 -19.05 38.09
CA LYS C 237 76.51 -18.90 39.18
C LYS C 237 75.99 -18.00 40.30
N CYS C 238 75.43 -16.84 39.94
CA CYS C 238 74.88 -15.85 40.86
C CYS C 238 73.72 -16.36 41.70
N ASN C 239 72.91 -17.24 41.10
CA ASN C 239 71.72 -17.84 41.70
C ASN C 239 72.00 -19.01 42.63
N MET C 240 73.27 -19.40 42.81
CA MET C 240 73.63 -20.56 43.66
C MET C 240 73.44 -20.33 45.15
N ILE C 241 72.99 -21.37 45.85
CA ILE C 241 72.85 -21.30 47.30
C ILE C 241 74.12 -21.99 47.86
N ASN C 242 75.06 -21.19 48.33
CA ASN C 242 76.31 -21.72 48.85
C ASN C 242 76.39 -21.51 50.34
N GLY C 243 77.18 -22.33 51.02
CA GLY C 243 77.34 -22.26 52.46
C GLY C 243 76.22 -22.73 53.35
N THR C 244 76.35 -22.33 54.64
CA THR C 244 75.46 -22.52 55.78
C THR C 244 74.81 -21.20 56.01
N ASP C 245 73.80 -21.14 56.92
CA ASP C 245 73.04 -19.91 57.27
C ASP C 245 73.94 -18.90 58.03
N GLY C 246 75.21 -19.24 58.26
CA GLY C 246 76.15 -18.35 58.93
C GLY C 246 76.15 -18.43 60.44
N ASP C 247 75.18 -19.18 61.02
CA ASP C 247 75.08 -19.37 62.47
C ASP C 247 75.96 -20.49 62.96
N SER C 248 76.57 -21.26 62.03
CA SER C 248 77.44 -22.40 62.32
C SER C 248 78.33 -22.72 61.11
N PHE C 249 79.44 -23.53 61.34
CA PHE C 249 80.36 -23.97 60.29
C PHE C 249 80.83 -25.39 60.56
N HIS C 250 81.28 -26.13 59.51
CA HIS C 250 81.79 -27.50 59.66
C HIS C 250 82.94 -27.57 60.66
N PRO C 251 83.15 -28.69 61.39
CA PRO C 251 84.32 -28.75 62.30
C PRO C 251 85.60 -28.97 61.51
N LEU C 252 86.76 -28.78 62.13
CA LEU C 252 88.07 -28.99 61.49
C LEU C 252 88.29 -28.07 60.27
N ILE C 253 88.21 -26.72 60.49
CA ILE C 253 88.41 -25.71 59.44
C ILE C 253 89.92 -25.49 59.24
N THR C 254 90.31 -25.08 58.01
CA THR C 254 91.70 -24.79 57.67
C THR C 254 91.81 -23.33 57.12
N LYS C 255 92.89 -22.63 57.54
CA LYS C 255 93.27 -21.25 57.22
C LYS C 255 93.19 -20.91 55.72
N ASP C 256 93.28 -21.93 54.84
CA ASP C 256 93.24 -21.78 53.38
C ASP C 256 91.83 -21.77 52.78
N GLU C 257 90.84 -22.38 53.48
CA GLU C 257 89.49 -22.49 52.94
C GLU C 257 88.59 -21.29 53.07
N VAL C 258 87.96 -20.94 51.94
CA VAL C 258 87.00 -19.83 51.84
C VAL C 258 85.66 -20.39 52.32
N LEU C 259 84.98 -19.70 53.25
CA LEU C 259 83.72 -20.21 53.76
C LEU C 259 82.52 -19.49 53.22
N TYR C 260 81.71 -20.21 52.44
CA TYR C 260 80.51 -19.66 51.82
C TYR C 260 79.37 -19.65 52.84
N VAL C 261 78.46 -18.69 52.69
CA VAL C 261 77.30 -18.48 53.58
C VAL C 261 76.11 -17.88 52.79
N PHE C 262 74.89 -18.22 53.18
CA PHE C 262 73.71 -17.74 52.49
C PHE C 262 72.88 -16.87 53.44
N PRO C 263 73.17 -15.55 53.51
CA PRO C 263 72.35 -14.70 54.37
C PRO C 263 71.09 -14.30 53.61
N SER C 264 70.02 -15.10 53.80
CA SER C 264 68.68 -14.97 53.19
C SER C 264 68.32 -13.53 52.92
N ASP C 265 68.45 -12.66 53.94
CA ASP C 265 68.12 -11.23 53.91
C ASP C 265 68.89 -10.41 52.88
N PHE C 266 70.16 -10.78 52.64
CA PHE C 266 71.04 -10.11 51.70
C PHE C 266 70.70 -10.52 50.26
N CYS C 267 69.82 -11.53 50.12
CA CYS C 267 69.31 -12.05 48.84
C CYS C 267 70.27 -12.70 47.90
N ARG C 268 71.42 -13.13 48.42
CA ARG C 268 72.46 -13.70 47.63
C ARG C 268 73.50 -14.39 48.55
N SER C 269 74.10 -15.52 48.10
CA SER C 269 75.18 -16.23 48.81
C SER C 269 76.39 -15.32 48.79
N VAL C 270 77.22 -15.43 49.83
CA VAL C 270 78.45 -14.67 49.99
C VAL C 270 79.48 -15.67 50.51
N TYR C 271 80.74 -15.27 50.56
CA TYR C 271 81.80 -16.10 51.13
C TYR C 271 82.59 -15.20 52.06
N ILE C 272 83.29 -15.79 53.04
CA ILE C 272 84.12 -15.03 53.98
C ILE C 272 85.50 -15.60 53.92
N THR C 273 86.52 -14.74 54.05
CA THR C 273 87.93 -15.15 53.93
C THR C 273 88.74 -14.98 55.20
N PHE C 274 89.73 -15.89 55.42
CA PHE C 274 90.60 -15.84 56.59
C PHE C 274 91.40 -14.56 56.59
N SER C 275 91.37 -13.88 57.74
CA SER C 275 92.09 -12.64 57.98
C SER C 275 93.31 -12.88 58.91
N ASP C 276 93.10 -13.36 60.16
CA ASP C 276 94.16 -13.60 61.17
C ASP C 276 93.78 -14.56 62.31
N TYR C 277 94.76 -14.92 63.15
CA TYR C 277 94.56 -15.78 64.32
C TYR C 277 94.20 -14.94 65.54
N GLU C 278 93.15 -15.37 66.29
CA GLU C 278 92.67 -14.67 67.50
C GLU C 278 92.29 -15.59 68.66
N SER C 279 92.15 -15.02 69.87
CA SER C 279 91.80 -15.75 71.09
C SER C 279 90.36 -15.44 71.55
N LEU C 283 90.43 -19.96 74.14
CA LEU C 283 90.08 -20.68 72.89
C LEU C 283 90.64 -20.03 71.62
N PRO C 284 91.30 -20.85 70.75
CA PRO C 284 91.84 -20.32 69.49
C PRO C 284 90.73 -20.08 68.50
N ALA C 285 90.95 -19.14 67.59
CA ALA C 285 89.96 -18.81 66.57
C ALA C 285 90.56 -18.22 65.32
N PHE C 286 89.87 -18.41 64.20
CA PHE C 286 90.26 -17.82 62.94
C PHE C 286 89.30 -16.66 62.69
N ARG C 287 89.87 -15.47 62.47
CA ARG C 287 89.17 -14.24 62.16
C ARG C 287 88.89 -14.33 60.68
N TYR C 288 87.60 -14.47 60.34
CA TYR C 288 87.12 -14.54 58.97
C TYR C 288 86.34 -13.28 58.72
N LYS C 289 86.56 -12.63 57.58
CA LYS C 289 85.88 -11.34 57.33
C LYS C 289 85.44 -11.17 55.88
N VAL C 290 84.30 -10.53 55.64
CA VAL C 290 83.77 -10.31 54.27
C VAL C 290 84.82 -9.50 53.42
N PRO C 291 85.35 -10.09 52.31
CA PRO C 291 86.26 -9.32 51.43
C PRO C 291 85.55 -8.26 50.58
N ALA C 292 86.35 -7.46 49.87
CA ALA C 292 85.85 -6.38 49.01
C ALA C 292 85.17 -6.88 47.73
N GLU C 293 85.75 -7.94 47.11
CA GLU C 293 85.30 -8.59 45.87
C GLU C 293 83.80 -8.88 45.83
N ILE C 294 83.22 -9.28 46.99
CA ILE C 294 81.81 -9.62 47.25
C ILE C 294 80.85 -8.64 46.56
N LEU C 295 81.07 -7.35 46.73
CA LEU C 295 80.19 -6.37 46.13
C LEU C 295 80.86 -5.51 45.04
N ALA C 296 82.08 -5.86 44.63
CA ALA C 296 82.83 -5.13 43.61
C ALA C 296 82.25 -5.37 42.19
N ASN C 297 82.46 -4.42 41.25
CA ASN C 297 81.97 -4.52 39.85
C ASN C 297 82.91 -5.42 39.02
N THR C 298 82.78 -6.74 39.23
CA THR C 298 83.60 -7.76 38.57
C THR C 298 82.75 -8.66 37.65
N SER C 299 83.42 -9.52 36.86
CA SER C 299 82.78 -10.47 35.93
C SER C 299 81.91 -11.46 36.71
N ASP C 300 82.39 -11.89 37.90
CA ASP C 300 81.72 -12.81 38.82
C ASP C 300 80.46 -12.19 39.41
N ASN C 301 80.41 -10.84 39.46
CA ASN C 301 79.28 -10.12 40.01
C ASN C 301 78.38 -9.46 38.93
N ALA C 302 78.62 -9.79 37.64
CA ALA C 302 77.85 -9.25 36.51
C ALA C 302 76.36 -9.63 36.56
N GLY C 303 76.08 -10.88 36.89
CA GLY C 303 74.73 -11.43 37.00
C GLY C 303 73.90 -10.89 38.14
N PHE C 304 74.52 -10.03 38.99
CA PHE C 304 73.81 -9.35 40.10
C PHE C 304 73.22 -8.01 39.64
N CYS C 305 73.23 -7.79 38.32
CA CYS C 305 72.75 -6.58 37.68
C CYS C 305 71.62 -6.88 36.72
N ILE C 306 70.40 -6.75 37.25
CA ILE C 306 69.15 -7.01 36.55
C ILE C 306 68.89 -6.18 35.26
N PRO C 307 69.32 -4.90 35.12
CA PRO C 307 69.08 -4.21 33.84
C PRO C 307 70.08 -4.65 32.76
N GLU C 308 69.81 -5.85 32.18
CA GLU C 308 70.61 -6.50 31.12
C GLU C 308 72.16 -6.41 31.28
N GLY C 309 72.63 -6.49 32.52
CA GLY C 309 74.07 -6.41 32.82
C GLY C 309 74.58 -5.08 33.33
N ASN C 310 73.78 -4.00 33.17
CA ASN C 310 74.13 -2.65 33.62
C ASN C 310 74.18 -2.56 35.17
N CYS C 311 75.39 -2.38 35.72
CA CYS C 311 75.63 -2.34 37.17
C CYS C 311 75.69 -0.97 37.78
N LEU C 312 75.14 -0.83 39.01
CA LEU C 312 75.07 0.42 39.75
C LEU C 312 76.46 0.90 40.19
N GLY C 313 77.29 -0.01 40.65
CA GLY C 313 78.63 0.33 41.11
C GLY C 313 79.16 -0.56 42.19
N SER C 314 80.48 -0.47 42.44
CA SER C 314 81.18 -1.28 43.45
C SER C 314 80.77 -0.93 44.88
N GLY C 315 80.39 -1.96 45.64
CA GLY C 315 80.02 -1.85 47.05
C GLY C 315 78.53 -1.76 47.37
N VAL C 316 77.65 -1.93 46.34
CA VAL C 316 76.20 -1.86 46.45
C VAL C 316 75.49 -2.97 45.67
N LEU C 317 74.35 -3.44 46.20
CA LEU C 317 73.56 -4.50 45.58
C LEU C 317 72.10 -4.07 45.38
N ASN C 318 71.57 -4.16 44.13
CA ASN C 318 70.18 -3.81 43.86
C ASN C 318 69.31 -4.99 44.31
N VAL C 319 68.80 -4.93 45.56
CA VAL C 319 67.98 -6.00 46.14
C VAL C 319 66.49 -5.81 45.82
N SER C 320 66.16 -5.02 44.78
CA SER C 320 64.79 -4.70 44.39
C SER C 320 63.94 -5.92 44.07
N ILE C 321 64.53 -6.89 43.33
CA ILE C 321 63.87 -8.11 42.89
C ILE C 321 63.34 -8.91 44.05
N CYS C 322 64.09 -8.98 45.12
CA CYS C 322 63.65 -9.72 46.29
C CYS C 322 63.01 -8.85 47.36
N LYS C 323 62.94 -7.51 47.19
CA LYS C 323 62.28 -6.69 48.20
C LYS C 323 60.89 -6.24 47.71
N ASN C 324 60.30 -7.10 46.84
CA ASN C 324 58.96 -6.99 46.26
C ASN C 324 58.80 -5.67 45.47
N GLY C 325 59.83 -5.36 44.69
CA GLY C 325 59.88 -4.19 43.81
C GLY C 325 60.31 -2.88 44.45
N ALA C 326 60.31 -2.81 45.81
CA ALA C 326 60.70 -1.61 46.54
C ALA C 326 62.16 -1.20 46.17
N PRO C 327 62.44 0.09 45.85
CA PRO C 327 63.81 0.46 45.43
C PRO C 327 64.92 0.38 46.52
N ILE C 328 65.10 -0.80 47.10
CA ILE C 328 66.06 -1.02 48.15
C ILE C 328 67.42 -1.45 47.62
N ILE C 329 68.49 -0.75 48.08
CA ILE C 329 69.88 -0.99 47.71
C ILE C 329 70.60 -1.41 48.98
N MET C 330 71.30 -2.53 48.92
CA MET C 330 72.09 -3.08 50.03
C MET C 330 73.50 -2.64 49.91
N SER C 331 74.11 -2.34 51.04
CA SER C 331 75.51 -1.92 51.12
C SER C 331 75.98 -2.23 52.52
N PHE C 332 77.26 -1.97 52.77
CA PHE C 332 77.85 -2.15 54.08
C PHE C 332 77.78 -0.78 54.76
N PRO C 333 77.80 -0.71 56.13
CA PRO C 333 77.71 0.60 56.81
C PRO C 333 78.62 1.72 56.26
N HIS C 334 78.07 2.93 56.08
CA HIS C 334 78.80 4.10 55.58
C HIS C 334 79.50 3.88 54.20
N PHE C 335 79.03 2.93 53.36
CA PHE C 335 79.59 2.56 52.04
C PHE C 335 81.04 2.10 52.16
N TYR C 336 81.29 1.26 53.15
CA TYR C 336 82.59 0.66 53.36
C TYR C 336 82.72 -0.37 52.24
N GLN C 337 83.95 -0.54 51.69
CA GLN C 337 84.26 -1.41 50.55
C GLN C 337 83.58 -0.94 49.24
N ALA C 338 83.04 0.31 49.22
CA ALA C 338 82.37 0.85 48.05
C ALA C 338 83.15 1.96 47.35
N ASP C 339 82.82 2.21 46.05
CA ASP C 339 83.39 3.23 45.19
C ASP C 339 83.16 4.60 45.81
N GLU C 340 84.21 5.43 45.80
CA GLU C 340 84.27 6.78 46.38
C GLU C 340 83.08 7.63 46.08
N ARG C 341 82.55 7.57 44.82
CA ARG C 341 81.39 8.38 44.40
C ARG C 341 80.17 8.18 45.29
N PHE C 342 79.97 6.97 45.87
CA PHE C 342 78.87 6.66 46.80
C PHE C 342 79.03 7.39 48.12
N VAL C 343 80.26 7.73 48.48
CA VAL C 343 80.57 8.40 49.73
C VAL C 343 80.49 9.91 49.55
N SER C 344 81.03 10.45 48.43
CA SER C 344 81.02 11.88 48.09
C SER C 344 79.57 12.38 47.97
N ALA C 345 78.71 11.50 47.43
CA ALA C 345 77.29 11.70 47.18
C ALA C 345 76.48 12.12 48.40
N ILE C 346 76.82 11.58 49.58
CA ILE C 346 76.06 11.85 50.81
C ILE C 346 76.97 12.40 51.87
N GLU C 347 76.67 13.61 52.33
CA GLU C 347 77.45 14.24 53.38
C GLU C 347 77.08 13.58 54.74
N GLY C 348 78.09 12.96 55.36
CA GLY C 348 77.94 12.27 56.64
C GLY C 348 78.35 10.80 56.62
N MET C 349 78.90 10.35 55.47
CA MET C 349 79.33 8.99 55.19
C MET C 349 80.77 8.93 55.52
N HIS C 350 81.15 8.24 56.62
CA HIS C 350 82.54 8.18 57.10
C HIS C 350 82.98 6.73 57.25
N PRO C 351 83.18 6.00 56.12
CA PRO C 351 83.61 4.60 56.24
C PRO C 351 84.99 4.43 56.82
N ASN C 352 85.12 3.33 57.56
CA ASN C 352 86.32 2.81 58.20
C ASN C 352 86.08 1.32 58.26
N GLN C 353 87.13 0.55 58.52
CA GLN C 353 87.07 -0.90 58.64
C GLN C 353 86.61 -1.36 60.03
N GLU C 354 87.24 -0.88 61.11
CA GLU C 354 86.96 -1.21 62.52
C GLU C 354 85.48 -1.11 62.98
N ASP C 355 84.65 -0.27 62.32
CA ASP C 355 83.24 -0.09 62.69
C ASP C 355 82.24 -0.58 61.65
N HIS C 356 82.67 -0.66 60.37
CA HIS C 356 81.77 -1.04 59.30
C HIS C 356 81.92 -2.45 58.74
N GLU C 357 83.08 -3.12 58.96
CA GLU C 357 83.36 -4.48 58.47
C GLU C 357 82.49 -5.59 59.13
N THR C 358 82.43 -6.76 58.46
CA THR C 358 81.76 -7.96 58.98
C THR C 358 82.84 -9.02 59.16
N PHE C 359 82.91 -9.59 60.37
CA PHE C 359 83.86 -10.63 60.69
C PHE C 359 83.21 -11.68 61.54
N VAL C 360 83.90 -12.80 61.73
CA VAL C 360 83.47 -13.92 62.56
C VAL C 360 84.69 -14.73 62.99
N ASP C 361 84.85 -14.90 64.30
CA ASP C 361 85.92 -15.65 64.96
C ASP C 361 85.36 -17.05 65.24
N ILE C 362 85.82 -18.04 64.44
CA ILE C 362 85.40 -19.44 64.49
C ILE C 362 86.49 -20.28 65.14
N ASN C 363 86.15 -21.15 66.12
CA ASN C 363 87.14 -22.05 66.74
C ASN C 363 87.42 -23.12 65.68
N PRO C 364 88.66 -23.19 65.16
CA PRO C 364 88.96 -24.12 64.04
C PRO C 364 88.61 -25.58 64.22
N LEU C 365 88.77 -26.12 65.42
CA LEU C 365 88.49 -27.51 65.72
C LEU C 365 87.03 -27.87 65.56
N THR C 366 86.13 -27.13 66.24
CA THR C 366 84.70 -27.43 66.28
C THR C 366 83.86 -26.72 65.23
N GLY C 367 84.30 -25.54 64.78
CA GLY C 367 83.52 -24.74 63.85
C GLY C 367 82.53 -23.83 64.55
N ILE C 368 82.69 -23.68 65.90
CA ILE C 368 81.85 -22.84 66.77
C ILE C 368 82.25 -21.37 66.71
N ILE C 369 81.26 -20.49 66.40
CA ILE C 369 81.43 -19.04 66.36
C ILE C 369 81.55 -18.53 67.81
N LEU C 370 82.72 -17.93 68.15
CA LEU C 370 83.03 -17.42 69.47
C LEU C 370 82.74 -15.92 69.61
N LYS C 371 82.96 -15.18 68.52
CA LYS C 371 82.71 -13.72 68.45
C LYS C 371 82.42 -13.35 66.97
N ALA C 372 81.41 -12.51 66.73
CA ALA C 372 81.05 -12.12 65.39
C ALA C 372 80.34 -10.77 65.36
N ALA C 373 80.31 -10.14 64.17
CA ALA C 373 79.64 -8.86 63.89
C ALA C 373 79.25 -8.84 62.43
N LYS C 374 77.93 -9.00 62.16
CA LYS C 374 77.31 -8.96 60.84
C LYS C 374 76.73 -7.55 60.73
N ARG C 375 77.31 -6.77 59.83
CA ARG C 375 76.94 -5.37 59.64
C ARG C 375 76.67 -5.07 58.17
N PHE C 376 75.46 -4.55 57.90
CA PHE C 376 75.00 -4.14 56.57
C PHE C 376 74.05 -2.94 56.71
N GLN C 377 73.83 -2.20 55.58
CA GLN C 377 73.03 -0.97 55.51
C GLN C 377 71.89 -1.12 54.50
N ILE C 378 70.76 -0.45 54.80
CA ILE C 378 69.56 -0.38 53.94
C ILE C 378 69.55 0.98 53.27
N ASN C 379 69.60 0.95 51.93
CA ASN C 379 69.66 2.14 51.07
C ASN C 379 68.52 2.15 50.06
N ILE C 380 68.10 3.40 49.65
CA ILE C 380 67.06 3.60 48.66
C ILE C 380 67.64 4.26 47.41
N TYR C 381 67.27 3.76 46.22
CA TYR C 381 67.71 4.39 44.98
C TYR C 381 66.70 5.45 44.66
N VAL C 382 67.16 6.68 44.65
CA VAL C 382 66.33 7.86 44.44
C VAL C 382 66.82 8.67 43.18
N LYS C 383 65.88 9.28 42.43
CA LYS C 383 66.18 10.08 41.23
C LYS C 383 64.99 10.96 40.82
N LYS C 384 65.28 12.10 40.14
CA LYS C 384 64.25 13.03 39.65
C LYS C 384 63.42 12.38 38.57
N LEU C 385 62.10 12.42 38.77
CA LEU C 385 61.10 11.91 37.86
C LEU C 385 60.19 13.05 37.45
N ASP C 386 60.15 13.36 36.14
CA ASP C 386 59.36 14.47 35.60
C ASP C 386 57.86 14.33 35.90
N ASP C 387 57.37 13.09 35.95
CA ASP C 387 55.98 12.77 36.22
C ASP C 387 55.63 12.95 37.70
N PHE C 388 56.64 13.01 38.60
CA PHE C 388 56.38 13.14 40.03
C PHE C 388 57.06 14.34 40.66
N VAL C 389 56.28 15.41 40.83
CA VAL C 389 56.76 16.66 41.44
C VAL C 389 57.37 16.47 42.84
N GLU C 390 56.95 15.40 43.52
CA GLU C 390 57.40 15.05 44.86
C GLU C 390 58.92 14.82 44.92
N THR C 391 59.53 14.39 43.80
CA THR C 391 60.96 14.12 43.62
C THR C 391 61.74 15.43 43.42
N GLY C 392 61.07 16.47 42.90
CA GLY C 392 61.69 17.77 42.64
C GLY C 392 62.81 17.70 41.63
N ASP C 393 64.03 17.98 42.08
CA ASP C 393 65.27 17.95 41.28
C ASP C 393 66.35 17.14 41.96
N ILE C 394 65.91 16.19 42.79
CA ILE C 394 66.77 15.26 43.54
C ILE C 394 67.83 14.64 42.62
N ARG C 395 69.07 14.61 43.12
CA ARG C 395 70.20 14.02 42.42
C ARG C 395 69.99 12.51 42.31
N THR C 396 70.53 11.89 41.25
CA THR C 396 70.37 10.45 41.09
C THR C 396 71.35 9.79 42.08
N MET C 397 70.83 9.11 43.13
CA MET C 397 71.73 8.53 44.15
C MET C 397 71.23 7.35 44.99
N VAL C 398 72.20 6.61 45.61
CA VAL C 398 71.87 5.55 46.56
C VAL C 398 71.78 6.30 47.90
N PHE C 399 70.58 6.40 48.44
CA PHE C 399 70.33 7.12 49.67
C PHE C 399 70.34 6.24 50.95
N PRO C 400 71.23 6.56 51.92
CA PRO C 400 71.28 5.77 53.16
C PRO C 400 70.08 6.02 54.09
N VAL C 401 69.57 4.95 54.71
CA VAL C 401 68.46 5.04 55.66
C VAL C 401 68.92 4.59 57.07
N MET C 402 69.34 3.31 57.19
CA MET C 402 69.66 2.69 58.46
C MET C 402 70.58 1.47 58.23
N TYR C 403 71.49 1.19 59.20
CA TYR C 403 72.39 0.04 59.24
C TYR C 403 72.29 -0.71 60.58
N LEU C 404 72.70 -2.00 60.62
CA LEU C 404 72.65 -2.77 61.86
C LEU C 404 73.92 -3.52 62.20
N ASN C 405 74.05 -3.89 63.50
CA ASN C 405 75.13 -4.71 63.98
C ASN C 405 74.56 -5.93 64.71
N GLU C 406 74.36 -7.07 63.97
CA GLU C 406 73.94 -8.36 64.53
C GLU C 406 75.24 -8.99 65.05
N SER C 407 75.40 -9.09 66.37
CA SER C 407 76.62 -9.57 67.02
C SER C 407 76.44 -10.71 68.04
N VAL C 408 77.57 -11.37 68.41
CA VAL C 408 77.64 -12.46 69.40
C VAL C 408 79.03 -12.51 70.07
N HIS C 409 79.07 -12.89 71.35
CA HIS C 409 80.31 -13.03 72.11
C HIS C 409 80.11 -14.16 73.13
N ILE C 410 81.00 -15.17 73.10
CA ILE C 410 80.97 -16.31 74.02
C ILE C 410 81.27 -15.85 75.47
N ASP C 411 80.50 -16.34 76.46
CA ASP C 411 80.70 -15.99 77.87
C ASP C 411 81.70 -16.93 78.57
N LYS C 412 82.38 -16.43 79.62
CA LYS C 412 83.38 -17.15 80.42
C LYS C 412 82.93 -18.54 80.89
N GLU C 413 81.62 -18.74 81.16
CA GLU C 413 81.08 -20.03 81.61
C GLU C 413 81.05 -21.04 80.48
N THR C 414 80.36 -20.69 79.33
CA THR C 414 80.27 -21.56 78.16
C THR C 414 81.64 -21.78 77.50
N ALA C 415 82.54 -20.76 77.56
CA ALA C 415 83.89 -20.84 77.01
C ALA C 415 84.73 -21.87 77.75
N SER C 416 84.71 -21.85 79.10
CA SER C 416 85.46 -22.80 79.94
C SER C 416 84.92 -24.21 79.74
N ARG C 417 83.59 -24.33 79.59
CA ARG C 417 82.87 -25.58 79.32
C ARG C 417 83.40 -26.16 78.01
N LEU C 418 83.57 -25.30 76.98
CA LEU C 418 84.07 -25.67 75.65
C LEU C 418 85.54 -26.11 75.64
N LYS C 419 86.39 -25.52 76.51
CA LYS C 419 87.81 -25.85 76.62
C LYS C 419 88.06 -27.35 76.96
N SER C 420 87.08 -27.98 77.63
CA SER C 420 87.13 -29.41 77.94
C SER C 420 87.01 -30.24 76.63
N MET C 421 86.19 -29.74 75.67
CA MET C 421 85.93 -30.30 74.33
C MET C 421 86.85 -29.71 73.23
N ILE C 422 87.78 -28.81 73.60
CA ILE C 422 88.76 -28.18 72.70
C ILE C 422 90.15 -28.20 73.34
N LYS D 32 -0.81 -15.79 9.17
CA LYS D 32 0.18 -16.76 8.66
C LYS D 32 1.42 -16.10 8.04
N LYS D 33 1.25 -14.86 7.50
CA LYS D 33 2.27 -14.03 6.86
C LYS D 33 3.21 -13.41 7.91
N ILE D 34 2.67 -13.11 9.10
CA ILE D 34 3.38 -12.51 10.23
C ILE D 34 4.08 -13.60 11.09
N VAL D 35 5.27 -14.06 10.63
CA VAL D 35 6.16 -15.02 11.31
C VAL D 35 7.63 -14.64 11.06
N LEU D 36 8.53 -14.90 12.03
CA LEU D 36 9.94 -14.62 11.81
C LEU D 36 10.61 -15.80 11.09
N ARG D 37 10.43 -15.84 9.76
CA ARG D 37 10.97 -16.85 8.86
C ARG D 37 11.65 -16.14 7.69
N ASN D 38 12.89 -16.55 7.34
CA ASN D 38 13.68 -15.94 6.26
C ASN D 38 12.90 -15.89 4.95
N GLY D 39 12.62 -14.68 4.47
CA GLY D 39 11.85 -14.47 3.25
C GLY D 39 10.54 -13.73 3.40
N THR D 40 9.98 -13.70 4.64
CA THR D 40 8.71 -13.00 4.91
C THR D 40 8.96 -11.50 5.07
N GLU D 41 7.92 -10.66 4.81
CA GLU D 41 8.02 -9.21 5.01
C GLU D 41 8.17 -8.89 6.49
N ALA D 42 7.47 -9.67 7.34
CA ALA D 42 7.47 -9.56 8.80
C ALA D 42 8.87 -9.63 9.35
N PHE D 43 9.66 -10.59 8.82
CA PHE D 43 11.06 -10.84 9.18
C PHE D 43 11.95 -9.64 8.84
N ASP D 44 11.92 -9.16 7.58
CA ASP D 44 12.71 -8.03 7.08
C ASP D 44 12.48 -6.79 7.92
N SER D 45 11.20 -6.47 8.23
CA SER D 45 10.81 -5.32 9.05
C SER D 45 11.20 -5.51 10.52
N TRP D 46 11.43 -6.77 10.93
CA TRP D 46 11.89 -7.09 12.28
C TRP D 46 13.43 -6.92 12.32
N GLU D 47 14.15 -7.46 11.32
CA GLU D 47 15.60 -7.40 11.15
C GLU D 47 16.07 -5.95 10.92
N LYS D 48 15.42 -5.23 9.96
CA LYS D 48 15.74 -3.85 9.62
C LYS D 48 14.48 -3.00 9.81
N PRO D 49 14.20 -2.52 11.05
CA PRO D 49 13.01 -1.70 11.28
C PRO D 49 12.96 -0.45 10.40
N PRO D 50 11.91 -0.29 9.58
CA PRO D 50 11.86 0.86 8.68
C PRO D 50 11.45 2.19 9.32
N LEU D 51 10.71 2.14 10.43
CA LEU D 51 10.25 3.38 11.05
C LEU D 51 11.31 4.02 11.90
N PRO D 52 11.54 5.35 11.72
CA PRO D 52 12.57 6.04 12.53
C PRO D 52 12.10 6.32 13.95
N VAL D 53 12.86 5.78 14.92
CA VAL D 53 12.65 5.92 16.36
C VAL D 53 13.56 7.06 16.84
N TYR D 54 13.05 7.90 17.75
CA TYR D 54 13.81 9.00 18.31
C TYR D 54 13.84 8.89 19.84
N THR D 55 14.93 9.39 20.48
CA THR D 55 15.02 9.53 21.92
C THR D 55 15.28 10.99 22.18
N GLN D 56 14.38 11.61 22.94
CA GLN D 56 14.51 12.99 23.41
C GLN D 56 14.91 12.92 24.87
N PHE D 57 15.94 13.65 25.25
CA PHE D 57 16.42 13.66 26.63
C PHE D 57 16.15 15.01 27.22
N TYR D 58 15.66 15.02 28.47
CA TYR D 58 15.38 16.23 29.27
C TYR D 58 16.04 16.11 30.68
N PHE D 59 16.86 17.11 31.07
CA PHE D 59 17.57 17.15 32.35
C PHE D 59 17.01 18.10 33.39
N PHE D 60 17.25 17.81 34.67
CA PHE D 60 16.80 18.73 35.73
C PHE D 60 17.96 19.50 36.27
N ASN D 61 18.06 20.77 35.88
CA ASN D 61 19.19 21.59 36.29
C ASN D 61 18.96 22.12 37.70
N VAL D 62 19.83 21.71 38.64
CA VAL D 62 19.72 22.02 40.06
C VAL D 62 20.16 23.47 40.27
N THR D 63 19.22 24.31 40.76
CA THR D 63 19.43 25.75 40.93
C THR D 63 20.00 26.22 42.28
N ASN D 64 19.85 25.40 43.35
CA ASN D 64 20.29 25.75 44.71
C ASN D 64 21.14 24.63 45.37
N PRO D 65 22.27 24.20 44.80
CA PRO D 65 23.00 23.10 45.43
C PRO D 65 23.35 23.32 46.90
N GLU D 66 23.92 24.49 47.23
CA GLU D 66 24.33 24.79 48.60
C GLU D 66 23.18 24.77 49.59
N GLU D 67 22.02 25.30 49.17
CA GLU D 67 20.83 25.34 50.02
C GLU D 67 20.30 23.93 50.26
N ILE D 68 20.43 23.02 49.25
CA ILE D 68 20.00 21.63 49.35
C ILE D 68 20.76 20.93 50.45
N LEU D 69 22.08 21.20 50.53
CA LEU D 69 23.01 20.64 51.52
C LEU D 69 22.72 21.18 52.90
N ARG D 70 22.07 22.35 52.99
CA ARG D 70 21.70 22.92 54.28
C ARG D 70 20.28 22.51 54.70
N GLY D 71 19.76 21.46 54.05
CA GLY D 71 18.47 20.85 54.36
C GLY D 71 17.26 21.50 53.74
N GLU D 72 17.46 22.37 52.74
CA GLU D 72 16.33 23.07 52.08
C GLU D 72 15.71 22.25 50.94
N THR D 73 14.55 22.63 50.42
CA THR D 73 13.88 21.90 49.32
C THR D 73 14.60 22.17 47.98
N PRO D 74 14.97 21.10 47.23
CA PRO D 74 15.59 21.31 45.91
C PRO D 74 14.69 22.10 44.95
N ARG D 75 15.34 22.89 44.08
CA ARG D 75 14.67 23.67 43.04
C ARG D 75 15.34 23.36 41.72
N VAL D 76 14.63 22.67 40.82
CA VAL D 76 15.17 22.26 39.52
C VAL D 76 14.51 22.91 38.31
N GLU D 77 15.30 23.17 37.25
CA GLU D 77 14.83 23.73 35.98
C GLU D 77 14.93 22.62 34.91
N GLU D 78 13.87 22.44 34.16
CA GLU D 78 13.80 21.39 33.13
C GLU D 78 14.38 21.88 31.81
N VAL D 79 15.53 21.32 31.46
CA VAL D 79 16.21 21.64 30.24
C VAL D 79 16.16 20.51 29.22
N GLY D 80 15.76 20.85 27.99
CA GLY D 80 15.64 19.88 26.91
C GLY D 80 14.69 20.37 25.84
N PRO D 81 14.44 19.61 24.76
CA PRO D 81 14.96 18.28 24.45
C PRO D 81 16.37 18.29 23.83
N TYR D 82 16.98 17.09 23.82
CA TYR D 82 18.22 16.80 23.15
C TYR D 82 17.82 15.64 22.26
N THR D 83 17.39 15.97 21.04
CA THR D 83 16.86 15.01 20.07
C THR D 83 17.96 14.23 19.37
N TYR D 84 17.87 12.92 19.52
CA TYR D 84 18.76 11.97 18.88
C TYR D 84 17.89 11.01 18.08
N ARG D 85 18.16 10.87 16.77
CA ARG D 85 17.48 9.91 15.90
C ARG D 85 18.22 8.59 16.15
N GLU D 86 17.47 7.48 16.30
CA GLU D 86 18.07 6.17 16.54
C GLU D 86 18.40 5.44 15.25
N LEU D 87 19.34 4.48 15.33
CA LEU D 87 19.73 3.62 14.23
C LEU D 87 19.61 2.20 14.80
N ARG D 88 18.59 1.45 14.35
CA ARG D 88 18.34 0.10 14.87
C ARG D 88 18.53 -1.01 13.84
N ASN D 89 19.10 -2.14 14.27
CA ASN D 89 19.30 -3.32 13.43
C ASN D 89 19.59 -4.54 14.29
N LYS D 90 19.01 -5.68 13.91
CA LYS D 90 19.19 -6.94 14.64
C LYS D 90 20.46 -7.66 14.16
N ALA D 91 21.35 -8.00 15.11
CA ALA D 91 22.65 -8.66 14.88
C ALA D 91 22.78 -10.06 15.47
N ASN D 92 23.65 -10.89 14.86
CA ASN D 92 23.94 -12.27 15.26
C ASN D 92 22.66 -13.15 15.24
N ILE D 93 21.92 -13.09 14.11
CA ILE D 93 20.69 -13.85 13.92
C ILE D 93 21.00 -15.34 13.66
N GLN D 94 20.28 -16.23 14.37
CA GLN D 94 20.37 -17.69 14.28
C GLN D 94 19.02 -18.34 14.60
N PHE D 95 18.54 -19.21 13.69
CA PHE D 95 17.26 -19.92 13.80
C PHE D 95 17.35 -21.21 14.60
N GLY D 96 16.20 -21.68 15.10
CA GLY D 96 16.07 -22.92 15.85
C GLY D 96 14.86 -23.00 16.75
N ASN D 98 14.77 -26.12 16.06
CA ASN D 98 13.33 -26.33 16.16
C ASN D 98 12.49 -25.55 15.12
N GLY D 99 13.03 -24.42 14.62
CA GLY D 99 12.34 -23.53 13.68
C GLY D 99 11.43 -22.54 14.38
N THR D 100 10.85 -23.01 15.50
CA THR D 100 9.90 -22.41 16.45
C THR D 100 10.50 -21.18 17.20
N THR D 101 11.86 -21.08 17.27
CA THR D 101 12.60 -20.00 17.93
C THR D 101 13.65 -19.33 16.99
N ILE D 102 14.17 -18.17 17.42
CA ILE D 102 15.18 -17.34 16.74
C ILE D 102 15.98 -16.59 17.83
N SER D 103 17.28 -16.43 17.62
CA SER D 103 18.13 -15.72 18.57
C SER D 103 18.78 -14.56 17.85
N ALA D 104 18.89 -13.42 18.54
CA ALA D 104 19.48 -12.18 17.99
C ALA D 104 19.80 -11.15 19.08
N VAL D 105 20.51 -10.12 18.67
CA VAL D 105 20.91 -8.99 19.48
C VAL D 105 20.29 -7.73 18.82
N SER D 106 19.98 -6.67 19.57
CA SER D 106 19.42 -5.51 18.89
C SER D 106 20.28 -4.30 19.13
N ASN D 107 21.07 -3.94 18.10
CA ASN D 107 21.96 -2.78 18.14
C ASN D 107 21.19 -1.48 17.94
N LYS D 108 21.51 -0.51 18.79
CA LYS D 108 20.90 0.80 18.85
C LYS D 108 22.03 1.84 18.92
N ALA D 109 21.96 2.82 18.01
CA ALA D 109 22.92 3.90 17.91
C ALA D 109 22.17 5.21 17.80
N TYR D 110 22.67 6.27 18.46
CA TYR D 110 22.02 7.57 18.49
C TYR D 110 22.75 8.60 17.65
N VAL D 111 22.01 9.29 16.78
CA VAL D 111 22.53 10.35 15.92
C VAL D 111 21.89 11.67 16.33
N PHE D 112 22.70 12.61 16.88
CA PHE D 112 22.20 13.90 17.35
C PHE D 112 21.66 14.80 16.26
N GLU D 113 20.49 15.41 16.53
CA GLU D 113 19.79 16.31 15.63
C GLU D 113 19.69 17.70 16.23
N ARG D 114 20.65 18.61 15.90
CA ARG D 114 20.68 19.97 16.43
C ARG D 114 19.41 20.74 16.16
N ASP D 115 18.96 20.72 14.88
CA ASP D 115 17.77 21.39 14.40
C ASP D 115 16.53 21.09 15.26
N GLN D 116 16.42 19.85 15.76
CA GLN D 116 15.30 19.41 16.58
C GLN D 116 15.58 19.53 18.08
N SER D 117 16.63 20.28 18.49
CA SER D 117 17.00 20.36 19.90
C SER D 117 17.16 21.76 20.46
N VAL D 118 17.01 21.84 21.81
CA VAL D 118 17.13 23.09 22.59
C VAL D 118 18.54 23.73 22.47
N GLY D 119 19.59 22.93 22.37
CA GLY D 119 20.95 23.42 22.30
C GLY D 119 22.00 22.37 21.97
N ASP D 120 23.28 22.77 22.03
CA ASP D 120 24.40 21.89 21.75
C ASP D 120 24.85 21.08 23.01
N PRO D 121 24.69 19.74 23.01
CA PRO D 121 25.04 18.95 24.20
C PRO D 121 26.51 19.01 24.56
N LYS D 122 27.33 19.39 23.57
CA LYS D 122 28.77 19.52 23.73
C LYS D 122 29.14 20.84 24.42
N ILE D 123 28.15 21.78 24.53
CA ILE D 123 28.31 23.09 25.17
C ILE D 123 27.42 23.30 26.38
N ASP D 124 26.11 22.97 26.28
CA ASP D 124 25.13 23.11 27.36
C ASP D 124 25.52 22.30 28.59
N LEU D 125 25.42 22.93 29.77
CA LEU D 125 25.81 22.41 31.07
C LEU D 125 24.64 22.06 31.96
N ILE D 126 24.81 21.05 32.82
CA ILE D 126 23.84 20.66 33.85
C ILE D 126 24.52 20.39 35.20
N ARG D 127 24.04 21.08 36.25
CA ARG D 127 24.50 20.84 37.61
C ARG D 127 23.53 19.80 38.21
N THR D 128 24.07 18.65 38.59
CA THR D 128 23.24 17.55 39.11
C THR D 128 24.00 16.73 40.16
N LEU D 129 23.47 15.56 40.54
CA LEU D 129 24.15 14.74 41.54
C LEU D 129 25.45 14.08 41.05
N ASN D 130 26.35 13.79 41.99
CA ASN D 130 27.60 13.11 41.65
C ASN D 130 27.37 11.58 41.78
N ILE D 131 26.76 10.99 40.74
CA ILE D 131 26.44 9.58 40.69
C ILE D 131 27.67 8.69 40.99
N PRO D 132 28.86 8.84 40.35
CA PRO D 132 30.01 8.04 40.79
C PRO D 132 30.32 8.17 42.29
N VAL D 133 30.30 9.39 42.89
CA VAL D 133 30.60 9.42 44.33
C VAL D 133 29.53 8.77 45.23
N LEU D 134 28.22 9.07 45.04
CA LEU D 134 27.15 8.37 45.77
C LEU D 134 27.25 6.83 45.52
N THR D 135 27.60 6.42 44.26
CA THR D 135 27.81 5.02 43.91
C THR D 135 28.92 4.45 44.84
N VAL D 136 30.05 5.16 45.01
CA VAL D 136 31.11 4.65 45.88
C VAL D 136 30.76 4.78 47.36
N ILE D 137 29.98 5.83 47.75
CA ILE D 137 29.55 6.04 49.14
C ILE D 137 28.70 4.86 49.55
N GLU D 138 27.81 4.37 48.65
CA GLU D 138 26.98 3.16 48.88
C GLU D 138 27.82 1.90 48.99
N TRP D 139 28.86 1.77 48.12
CA TRP D 139 29.76 0.64 48.11
C TRP D 139 30.39 0.52 49.49
N SER D 140 30.93 1.65 50.02
CA SER D 140 31.61 1.73 51.33
C SER D 140 30.77 1.25 52.52
N GLN D 141 29.47 1.61 52.53
CA GLN D 141 28.49 1.27 53.56
C GLN D 141 28.31 -0.25 53.69
N VAL D 142 28.00 -0.91 52.55
CA VAL D 142 27.77 -2.36 52.45
C VAL D 142 29.04 -3.12 52.76
N HIS D 143 30.18 -2.56 52.31
CA HIS D 143 31.48 -3.19 52.51
C HIS D 143 32.16 -2.75 53.81
N PHE D 144 31.45 -1.94 54.65
CA PHE D 144 31.89 -1.47 55.97
C PHE D 144 33.32 -0.87 55.91
N LEU D 145 33.46 0.26 55.16
CA LEU D 145 34.73 0.95 54.89
C LEU D 145 34.53 2.47 54.84
N ARG D 146 33.44 2.94 55.44
CA ARG D 146 33.03 4.33 55.49
C ARG D 146 34.13 5.31 55.93
N GLU D 147 35.04 4.87 56.81
CA GLU D 147 36.13 5.68 57.38
C GLU D 147 37.16 6.05 56.29
N ILE D 148 37.80 5.01 55.67
CA ILE D 148 38.84 5.09 54.63
C ILE D 148 38.37 5.87 53.41
N ILE D 149 37.19 5.47 52.87
CA ILE D 149 36.56 6.08 51.72
C ILE D 149 36.27 7.56 51.93
N GLU D 150 35.73 7.93 53.10
CA GLU D 150 35.42 9.34 53.38
C GLU D 150 36.68 10.20 53.35
N ALA D 151 37.76 9.63 53.89
CA ALA D 151 39.09 10.23 53.92
C ALA D 151 39.55 10.50 52.47
N MET D 152 39.17 9.58 51.53
CA MET D 152 39.52 9.65 50.10
C MET D 152 38.78 10.78 49.44
N LEU D 153 37.47 10.88 49.73
CA LEU D 153 36.63 11.93 49.15
C LEU D 153 37.03 13.28 49.68
N LYS D 154 37.54 13.35 50.94
CA LYS D 154 37.99 14.58 51.58
C LYS D 154 39.25 15.07 50.92
N ALA D 155 40.23 14.20 50.74
CA ALA D 155 41.53 14.49 50.11
C ALA D 155 41.32 14.99 48.67
N TYR D 156 40.46 14.29 47.91
CA TYR D 156 40.16 14.62 46.52
C TYR D 156 39.18 15.79 46.41
N GLN D 157 38.82 16.40 47.57
CA GLN D 157 37.88 17.52 47.71
C GLN D 157 36.63 17.27 46.84
N GLN D 158 36.07 16.03 46.90
CA GLN D 158 34.90 15.65 46.08
C GLN D 158 33.56 16.27 46.57
N LYS D 159 32.64 16.62 45.64
CA LYS D 159 31.36 17.30 45.96
C LYS D 159 30.09 16.53 45.50
N LEU D 160 28.97 16.70 46.21
CA LEU D 160 27.74 16.01 45.86
C LEU D 160 27.07 16.56 44.58
N PHE D 161 27.22 17.86 44.36
CA PHE D 161 26.68 18.50 43.16
C PHE D 161 27.81 18.85 42.25
N VAL D 162 27.69 18.46 41.01
CA VAL D 162 28.70 18.68 40.02
C VAL D 162 28.13 19.18 38.66
N THR D 163 28.93 19.96 37.88
CA THR D 163 28.48 20.50 36.58
C THR D 163 29.26 19.90 35.42
N HIS D 164 28.53 19.36 34.42
CA HIS D 164 29.10 18.73 33.23
C HIS D 164 28.26 19.02 32.02
N THR D 165 28.79 18.70 30.82
CA THR D 165 28.03 18.92 29.60
C THR D 165 27.01 17.80 29.41
N VAL D 166 25.91 18.10 28.66
CA VAL D 166 24.90 17.10 28.33
C VAL D 166 25.66 15.87 27.77
N ASP D 167 26.52 16.12 26.75
CA ASP D 167 27.33 15.11 26.08
C ASP D 167 28.08 14.32 27.10
N GLU D 168 28.65 14.99 28.14
CA GLU D 168 29.41 14.31 29.19
C GLU D 168 28.50 13.40 29.99
N LEU D 169 27.43 14.00 30.58
CA LEU D 169 26.47 13.29 31.40
C LEU D 169 25.88 12.07 30.74
N LEU D 170 25.58 12.18 29.46
CA LEU D 170 24.96 11.15 28.67
C LEU D 170 25.95 10.06 28.26
N TRP D 171 26.95 10.47 27.45
CA TRP D 171 27.93 9.59 26.82
C TRP D 171 29.17 9.24 27.59
N GLY D 172 29.49 9.99 28.65
CA GLY D 172 30.62 9.65 29.52
C GLY D 172 31.68 10.71 29.71
N TYR D 173 32.23 10.78 30.94
CA TYR D 173 33.32 11.68 31.32
C TYR D 173 34.23 10.90 32.26
N LYS D 174 35.54 11.20 32.28
CA LYS D 174 36.44 10.47 33.15
C LYS D 174 36.24 11.00 34.56
N ASP D 175 35.92 10.13 35.52
CA ASP D 175 35.76 10.59 36.89
C ASP D 175 37.06 10.36 37.67
N GLU D 176 37.43 11.33 38.51
CA GLU D 176 38.63 11.33 39.35
C GLU D 176 38.77 10.12 40.24
N ILE D 177 37.71 9.83 41.04
CA ILE D 177 37.69 8.69 41.98
C ILE D 177 37.86 7.36 41.23
N LEU D 178 37.00 7.14 40.20
CA LEU D 178 37.05 5.94 39.38
C LEU D 178 38.40 5.74 38.66
N SER D 179 38.98 6.85 38.13
CA SER D 179 40.31 6.83 37.47
C SER D 179 41.31 6.16 38.35
N LEU D 180 41.30 6.55 39.65
CA LEU D 180 42.19 6.04 40.68
C LEU D 180 41.90 4.59 40.99
N ILE D 181 40.60 4.21 41.10
CA ILE D 181 40.21 2.83 41.37
C ILE D 181 40.69 1.95 40.24
N HIS D 182 40.44 2.37 38.99
CA HIS D 182 40.88 1.70 37.77
C HIS D 182 42.36 1.29 37.78
N VAL D 183 43.23 2.12 38.40
CA VAL D 183 44.65 1.86 38.50
C VAL D 183 44.88 0.54 39.26
N PHE D 184 44.07 0.32 40.31
CA PHE D 184 44.18 -0.86 41.14
C PHE D 184 43.27 -1.96 40.71
N ARG D 185 42.10 -1.65 40.19
CA ARG D 185 41.14 -2.64 39.74
C ARG D 185 40.73 -2.35 38.26
N PRO D 186 41.52 -2.89 37.27
CA PRO D 186 41.25 -2.60 35.85
C PRO D 186 39.88 -3.01 35.29
N ASP D 187 39.13 -3.81 36.06
CA ASP D 187 37.76 -4.23 35.72
C ASP D 187 36.82 -3.05 35.92
N ILE D 188 37.14 -2.15 36.88
CA ILE D 188 36.35 -0.97 37.21
C ILE D 188 36.68 0.20 36.24
N SER D 189 35.64 0.68 35.53
CA SER D 189 35.80 1.71 34.53
C SER D 189 36.03 3.09 35.13
N PRO D 190 37.04 3.85 34.61
CA PRO D 190 37.31 5.21 35.12
C PRO D 190 36.34 6.28 34.58
N TYR D 191 35.41 5.86 33.67
CA TYR D 191 34.38 6.71 33.08
C TYR D 191 33.04 6.40 33.68
N PHE D 192 32.13 7.44 33.58
CA PHE D 192 30.72 7.46 33.95
C PHE D 192 29.93 8.29 32.98
N GLY D 193 28.75 7.77 32.66
CA GLY D 193 27.75 8.39 31.82
C GLY D 193 26.46 7.62 31.99
N LEU D 194 25.31 8.33 31.89
CA LEU D 194 23.99 7.71 32.01
C LEU D 194 23.80 6.69 30.93
N PHE D 195 24.33 6.98 29.73
CA PHE D 195 24.27 6.06 28.59
C PHE D 195 25.67 5.74 28.08
N TYR D 196 26.69 5.73 28.98
CA TYR D 196 28.07 5.41 28.58
C TYR D 196 28.10 4.03 27.96
N GLU D 197 28.86 3.92 26.86
CA GLU D 197 29.08 2.68 26.09
C GLU D 197 27.78 2.01 25.60
N LYS D 198 26.76 2.84 25.32
CA LYS D 198 25.47 2.37 24.83
C LYS D 198 25.22 2.71 23.36
N ASN D 199 25.98 3.68 22.80
CA ASN D 199 25.89 4.03 21.38
C ASN D 199 26.58 2.94 20.52
N GLY D 200 25.78 2.20 19.75
CA GLY D 200 26.29 1.14 18.88
C GLY D 200 26.08 -0.27 19.38
N THR D 201 26.05 -0.46 20.71
CA THR D 201 25.87 -1.77 21.37
C THR D 201 24.38 -2.19 21.52
N ASN D 202 24.17 -3.32 22.23
CA ASN D 202 22.85 -3.94 22.52
C ASN D 202 22.67 -4.25 24.04
N ASP D 203 21.46 -4.69 24.42
CA ASP D 203 21.07 -5.01 25.80
C ASP D 203 21.11 -6.52 26.10
N GLY D 204 22.14 -7.18 25.57
CA GLY D 204 22.35 -8.61 25.74
C GLY D 204 21.72 -9.47 24.67
N ASP D 205 21.93 -10.80 24.79
CA ASP D 205 21.42 -11.81 23.86
C ASP D 205 20.01 -12.22 24.19
N TYR D 206 19.21 -12.45 23.15
CA TYR D 206 17.80 -12.78 23.31
C TYR D 206 17.42 -13.95 22.44
N VAL D 207 16.49 -14.75 22.93
CA VAL D 207 15.92 -15.80 22.12
C VAL D 207 14.41 -15.59 22.09
N PHE D 208 13.91 -15.29 20.90
CA PHE D 208 12.51 -15.00 20.64
C PHE D 208 11.79 -16.17 20.01
N LEU D 209 10.56 -16.35 20.45
CA LEU D 209 9.62 -17.35 19.99
C LEU D 209 9.00 -16.77 18.73
N THR D 210 9.10 -17.45 17.59
CA THR D 210 8.46 -16.93 16.38
C THR D 210 6.99 -17.39 16.30
N GLY D 211 6.16 -16.62 15.61
CA GLY D 211 4.75 -16.96 15.47
C GLY D 211 4.40 -18.21 14.68
N GLU D 212 5.29 -19.23 14.61
CA GLU D 212 5.05 -20.48 13.87
C GLU D 212 4.13 -21.47 14.59
N ASP D 213 4.33 -21.65 15.91
CA ASP D 213 3.55 -22.53 16.78
C ASP D 213 2.12 -21.96 17.05
N SER D 214 2.04 -20.62 17.16
CA SER D 214 0.85 -19.82 17.43
C SER D 214 1.26 -18.37 17.21
N TYR D 215 0.37 -17.58 16.57
CA TYR D 215 0.58 -16.17 16.32
C TYR D 215 0.68 -15.41 17.62
N LEU D 216 -0.07 -15.84 18.67
CA LEU D 216 -0.09 -15.20 20.00
C LEU D 216 1.31 -15.12 20.64
N ASN D 217 2.17 -16.07 20.24
CA ASN D 217 3.55 -16.26 20.62
C ASN D 217 4.53 -15.51 19.70
N PHE D 218 4.02 -14.69 18.73
CA PHE D 218 4.90 -13.89 17.84
C PHE D 218 5.74 -12.92 18.66
N THR D 219 7.09 -13.01 18.49
CA THR D 219 8.12 -12.22 19.16
C THR D 219 8.17 -12.33 20.70
N LYS D 220 7.50 -13.35 21.27
CA LYS D 220 7.47 -13.54 22.72
C LYS D 220 8.89 -13.86 23.21
N ILE D 221 9.38 -13.14 24.26
CA ILE D 221 10.72 -13.41 24.79
C ILE D 221 10.65 -14.70 25.60
N VAL D 222 11.57 -15.65 25.32
CA VAL D 222 11.69 -16.92 26.04
C VAL D 222 12.98 -17.04 26.89
N GLU D 223 14.00 -16.24 26.55
CA GLU D 223 15.27 -16.23 27.26
C GLU D 223 15.98 -14.90 27.05
N TRP D 224 16.67 -14.42 28.10
CA TRP D 224 17.49 -13.22 28.11
C TRP D 224 18.76 -13.54 28.90
N ASN D 225 19.92 -13.46 28.20
CA ASN D 225 21.24 -13.78 28.72
C ASN D 225 21.25 -15.19 29.29
N GLY D 226 20.73 -16.14 28.52
CA GLY D 226 20.69 -17.54 28.88
C GLY D 226 19.70 -17.94 29.96
N LYS D 227 19.15 -16.97 30.68
CA LYS D 227 18.19 -17.20 31.76
C LYS D 227 16.75 -17.04 31.23
N THR D 228 15.82 -17.93 31.65
CA THR D 228 14.41 -17.86 31.24
C THR D 228 13.68 -16.90 32.16
N SER D 229 14.28 -16.56 33.31
CA SER D 229 13.71 -15.64 34.29
C SER D 229 14.80 -14.76 34.89
N LEU D 230 14.40 -13.69 35.57
CA LEU D 230 15.30 -12.76 36.24
C LEU D 230 15.68 -13.36 37.59
N ASP D 231 16.76 -12.88 38.21
CA ASP D 231 17.14 -13.41 39.53
C ASP D 231 17.30 -12.32 40.57
N TRP D 232 17.10 -11.04 40.16
CA TRP D 232 17.28 -9.90 41.06
C TRP D 232 16.10 -9.48 41.92
N TRP D 233 14.91 -10.08 41.73
CA TRP D 233 13.75 -9.75 42.55
C TRP D 233 13.46 -10.77 43.67
N ILE D 234 12.50 -10.46 44.57
CA ILE D 234 12.14 -11.25 45.75
C ILE D 234 11.13 -12.41 45.52
N THR D 235 10.15 -12.25 44.64
CA THR D 235 9.20 -13.33 44.41
C THR D 235 9.36 -13.94 43.04
N ASP D 236 9.00 -15.23 42.91
CA ASP D 236 9.05 -15.97 41.65
C ASP D 236 8.29 -15.22 40.53
N LYS D 237 7.10 -14.67 40.87
CA LYS D 237 6.24 -13.92 39.96
C LYS D 237 6.93 -12.68 39.43
N CYS D 238 7.55 -11.88 40.33
CA CYS D 238 8.27 -10.64 40.01
C CYS D 238 9.45 -10.83 39.07
N ASN D 239 10.11 -12.01 39.16
CA ASN D 239 11.27 -12.38 38.34
C ASN D 239 10.90 -12.91 36.93
N MET D 240 9.60 -12.98 36.59
CA MET D 240 9.24 -13.52 35.30
C MET D 240 9.57 -12.60 34.11
N ILE D 241 9.94 -13.19 32.95
CA ILE D 241 10.19 -12.48 31.68
C ILE D 241 8.93 -12.67 30.84
N ASN D 242 8.19 -11.60 30.69
CA ASN D 242 6.92 -11.64 30.01
C ASN D 242 6.88 -10.74 28.79
N GLY D 243 6.11 -11.19 27.82
CA GLY D 243 5.87 -10.48 26.58
C GLY D 243 7.03 -10.34 25.61
N THR D 244 6.97 -9.26 24.82
CA THR D 244 7.93 -8.93 23.77
C THR D 244 8.78 -7.77 24.26
N ASP D 245 9.82 -7.40 23.48
CA ASP D 245 10.71 -6.28 23.75
C ASP D 245 9.98 -4.92 23.65
N GLY D 246 8.70 -4.94 23.29
CA GLY D 246 7.87 -3.75 23.17
C GLY D 246 7.93 -3.03 21.83
N ASP D 247 8.83 -3.46 20.95
CA ASP D 247 8.98 -2.87 19.62
C ASP D 247 8.00 -3.48 18.63
N SER D 248 7.27 -4.54 19.04
CA SER D 248 6.28 -5.27 18.22
C SER D 248 5.30 -6.06 19.12
N PHE D 249 4.17 -6.49 18.55
CA PHE D 249 3.16 -7.28 19.24
C PHE D 249 2.53 -8.32 18.29
N HIS D 250 1.93 -9.39 18.86
CA HIS D 250 1.25 -10.41 18.05
C HIS D 250 0.14 -9.82 17.17
N PRO D 251 -0.15 -10.41 15.99
CA PRO D 251 -1.27 -9.87 15.18
C PRO D 251 -2.62 -10.27 15.77
N LEU D 252 -3.72 -9.63 15.34
CA LEU D 252 -5.07 -9.93 15.81
C LEU D 252 -5.23 -9.71 17.32
N ILE D 253 -4.99 -8.45 17.78
CA ILE D 253 -5.14 -8.09 19.17
C ILE D 253 -6.62 -7.75 19.50
N THR D 254 -7.02 -7.96 20.77
CA THR D 254 -8.38 -7.68 21.22
C THR D 254 -8.36 -6.69 22.40
N LYS D 255 -9.32 -5.73 22.39
CA LYS D 255 -9.54 -4.63 23.37
C LYS D 255 -9.51 -5.07 24.86
N ASP D 256 -9.74 -6.38 25.12
CA ASP D 256 -9.77 -6.99 26.45
C ASP D 256 -8.40 -7.54 26.94
N GLU D 257 -7.46 -7.79 26.02
CA GLU D 257 -6.19 -8.39 26.43
C GLU D 257 -5.12 -7.44 26.93
N VAL D 258 -4.53 -7.81 28.08
CA VAL D 258 -3.46 -7.07 28.72
C VAL D 258 -2.17 -7.51 28.01
N LEU D 259 -1.34 -6.55 27.56
CA LEU D 259 -0.11 -6.91 26.83
C LEU D 259 1.14 -6.72 27.68
N TYR D 260 1.98 -7.76 27.81
CA TYR D 260 3.23 -7.66 28.55
C TYR D 260 4.42 -7.24 27.68
N VAL D 261 5.32 -6.47 28.28
CA VAL D 261 6.57 -5.99 27.68
C VAL D 261 7.74 -6.21 28.67
N PHE D 262 8.92 -6.65 28.16
CA PHE D 262 10.09 -6.76 29.01
C PHE D 262 11.09 -5.65 28.63
N PRO D 263 10.99 -4.45 29.26
CA PRO D 263 11.93 -3.39 28.92
C PRO D 263 13.13 -3.68 29.79
N SER D 264 14.16 -4.27 29.16
CA SER D 264 15.45 -4.68 29.74
C SER D 264 15.97 -3.62 30.73
N ASP D 265 16.01 -2.35 30.29
CA ASP D 265 16.52 -1.20 31.05
C ASP D 265 15.75 -0.87 32.31
N PHE D 266 14.46 -1.15 32.34
CA PHE D 266 13.57 -0.91 33.48
C PHE D 266 13.77 -2.00 34.52
N CYS D 267 14.50 -3.07 34.15
CA CYS D 267 14.87 -4.22 34.99
C CYS D 267 13.79 -5.14 35.45
N ARG D 268 12.69 -5.23 34.68
CA ARG D 268 11.55 -6.09 34.98
C ARG D 268 10.48 -6.03 33.92
N SER D 269 9.65 -7.10 33.81
CA SER D 269 8.52 -7.15 32.89
C SER D 269 7.44 -6.19 33.38
N VAL D 270 6.65 -5.68 32.43
CA VAL D 270 5.64 -4.67 32.64
C VAL D 270 4.50 -5.02 31.68
N TYR D 271 3.25 -4.68 32.04
CA TYR D 271 2.13 -4.93 31.17
C TYR D 271 1.51 -3.59 30.81
N ILE D 272 0.82 -3.50 29.66
CA ILE D 272 0.14 -2.30 29.21
C ILE D 272 -1.31 -2.63 28.99
N THR D 273 -2.23 -1.67 29.29
CA THR D 273 -3.67 -1.88 29.19
C THR D 273 -4.36 -0.94 28.20
N PHE D 274 -5.44 -1.44 27.56
CA PHE D 274 -6.24 -0.66 26.59
C PHE D 274 -6.84 0.56 27.22
N SER D 275 -6.67 1.70 26.57
CA SER D 275 -7.21 2.98 26.98
C SER D 275 -8.37 3.41 26.07
N ASP D 276 -8.13 3.60 24.74
CA ASP D 276 -9.15 4.01 23.76
C ASP D 276 -8.81 3.67 22.30
N TYR D 277 -9.82 3.79 21.41
CA TYR D 277 -9.63 3.57 19.98
C TYR D 277 -9.17 4.89 19.32
N GLU D 278 -8.13 4.79 18.45
CA GLU D 278 -7.53 5.91 17.73
C GLU D 278 -7.28 5.66 16.24
N SER D 279 -7.16 6.75 15.47
CA SER D 279 -6.86 6.76 14.04
C SER D 279 -5.50 7.45 13.86
N VAL D 280 -4.45 6.65 13.49
CA VAL D 280 -3.10 7.10 13.16
C VAL D 280 -3.00 7.01 11.64
N GLN D 281 -2.63 8.13 11.00
CA GLN D 281 -2.61 8.29 9.55
C GLN D 281 -4.02 7.91 9.13
N GLY D 282 -4.16 6.81 8.40
CA GLY D 282 -5.49 6.39 7.98
C GLY D 282 -5.90 5.04 8.50
N LEU D 283 -5.16 4.58 9.53
CA LEU D 283 -5.29 3.25 10.07
C LEU D 283 -5.90 3.21 11.48
N PRO D 284 -6.69 2.13 11.78
CA PRO D 284 -7.25 2.01 13.12
C PRO D 284 -6.15 1.55 14.12
N ALA D 285 -6.31 1.94 15.38
CA ALA D 285 -5.36 1.58 16.41
C ALA D 285 -5.99 1.54 17.79
N PHE D 286 -5.38 0.75 18.68
CA PHE D 286 -5.75 0.69 20.07
C PHE D 286 -4.65 1.39 20.85
N ARG D 287 -5.07 2.39 21.64
CA ARG D 287 -4.24 3.18 22.52
C ARG D 287 -4.05 2.37 23.77
N TYR D 288 -2.84 1.88 23.98
CA TYR D 288 -2.47 1.08 25.14
C TYR D 288 -1.53 1.93 25.99
N LYS D 289 -1.79 2.00 27.30
CA LYS D 289 -1.01 2.82 28.22
C LYS D 289 -0.46 1.99 29.37
N VAL D 290 0.62 2.48 30.02
CA VAL D 290 1.18 1.82 31.21
C VAL D 290 0.26 2.26 32.36
N PRO D 291 -0.53 1.34 32.97
CA PRO D 291 -1.45 1.74 34.06
C PRO D 291 -0.72 2.06 35.36
N ALA D 292 -1.38 2.79 36.31
CA ALA D 292 -0.82 3.20 37.61
C ALA D 292 -0.31 2.06 38.48
N GLU D 293 -1.08 0.95 38.52
CA GLU D 293 -0.82 -0.28 39.26
C GLU D 293 0.61 -0.77 39.12
N ILE D 294 1.20 -0.61 37.91
CA ILE D 294 2.54 -1.06 37.56
C ILE D 294 3.59 -0.77 38.65
N LEU D 295 3.64 0.46 39.14
CA LEU D 295 4.60 0.88 40.16
C LEU D 295 3.94 1.22 41.53
N ALA D 296 2.64 0.92 41.69
CA ALA D 296 1.88 1.19 42.90
C ALA D 296 2.27 0.25 44.00
N ASN D 297 2.09 0.65 45.28
CA ASN D 297 2.43 -0.15 46.48
C ASN D 297 1.36 -1.21 46.76
N THR D 298 1.38 -2.28 45.94
CA THR D 298 0.41 -3.37 46.02
C THR D 298 1.09 -4.70 46.40
N SER D 299 0.27 -5.72 46.73
CA SER D 299 0.74 -7.06 47.08
C SER D 299 1.46 -7.69 45.89
N ASP D 300 0.99 -7.42 44.65
CA ASP D 300 1.57 -7.92 43.40
C ASP D 300 2.93 -7.30 43.12
N ASN D 301 3.18 -6.12 43.70
CA ASN D 301 4.45 -5.38 43.56
C ASN D 301 5.36 -5.48 44.79
N ALA D 302 5.01 -6.35 45.76
CA ALA D 302 5.77 -6.54 46.99
C ALA D 302 7.19 -7.04 46.77
N GLY D 303 7.34 -8.00 45.86
CA GLY D 303 8.61 -8.62 45.50
C GLY D 303 9.59 -7.72 44.79
N PHE D 304 9.17 -6.48 44.47
CA PHE D 304 10.02 -5.48 43.84
C PHE D 304 10.70 -4.61 44.89
N CYS D 305 10.62 -5.03 46.16
CA CYS D 305 11.20 -4.33 47.29
C CYS D 305 12.25 -5.18 47.98
N ILE D 306 13.51 -4.98 47.60
CA ILE D 306 14.66 -5.71 48.09
C ILE D 306 14.93 -5.66 49.62
N PRO D 307 14.64 -4.56 50.37
CA PRO D 307 14.87 -4.61 51.82
C PRO D 307 13.76 -5.40 52.52
N GLU D 308 13.83 -6.75 52.43
CA GLU D 308 12.88 -7.69 53.04
C GLU D 308 11.40 -7.30 52.98
N GLY D 309 10.98 -6.73 51.85
CA GLY D 309 9.60 -6.33 51.60
C GLY D 309 9.27 -4.86 51.79
N ASN D 310 10.19 -4.10 52.49
CA ASN D 310 10.04 -2.68 52.78
C ASN D 310 10.11 -1.86 51.47
N CYS D 311 8.98 -1.26 51.08
CA CYS D 311 8.85 -0.49 49.84
C CYS D 311 9.03 0.99 50.03
N LEU D 312 9.63 1.64 49.04
CA LEU D 312 9.89 3.09 49.05
C LEU D 312 8.62 3.94 48.91
N GLY D 313 7.69 3.50 48.06
CA GLY D 313 6.44 4.21 47.83
C GLY D 313 5.91 4.01 46.43
N SER D 314 4.64 4.41 46.20
CA SER D 314 3.96 4.26 44.92
C SER D 314 4.55 5.16 43.86
N GLY D 315 4.84 4.56 42.69
CA GLY D 315 5.35 5.26 41.52
C GLY D 315 6.85 5.26 41.30
N VAL D 316 7.60 4.50 42.13
CA VAL D 316 9.08 4.40 42.07
C VAL D 316 9.59 2.94 42.21
N LEU D 317 10.69 2.62 41.50
CA LEU D 317 11.29 1.27 41.52
C LEU D 317 12.77 1.34 41.86
N ASN D 318 13.19 0.59 42.89
CA ASN D 318 14.60 0.56 43.29
C ASN D 318 15.37 -0.36 42.32
N VAL D 319 16.00 0.23 41.28
CA VAL D 319 16.73 -0.52 40.26
C VAL D 319 18.21 -0.76 40.63
N SER D 320 18.54 -0.63 41.94
CA SER D 320 19.90 -0.73 42.46
C SER D 320 20.59 -2.05 42.17
N ILE D 321 19.86 -3.17 42.34
CA ILE D 321 20.36 -4.55 42.15
C ILE D 321 20.87 -4.76 40.73
N CYS D 322 20.19 -4.21 39.75
CA CYS D 322 20.61 -4.35 38.36
C CYS D 322 21.47 -3.18 37.86
N LYS D 323 21.66 -2.13 38.68
CA LYS D 323 22.49 -1.01 38.21
C LYS D 323 23.89 -1.03 38.87
N ASN D 324 24.32 -2.25 39.21
CA ASN D 324 25.62 -2.56 39.81
C ASN D 324 25.83 -1.85 41.18
N GLY D 325 24.76 -1.83 41.98
CA GLY D 325 24.75 -1.23 43.30
C GLY D 325 24.54 0.28 43.37
N ALA D 326 24.64 0.98 42.20
CA ALA D 326 24.44 2.43 42.13
C ALA D 326 23.02 2.81 42.63
N PRO D 327 22.86 3.84 43.51
CA PRO D 327 21.52 4.18 44.05
C PRO D 327 20.53 4.79 43.05
N ILE D 328 20.22 4.03 41.98
CA ILE D 328 19.33 4.47 40.93
C ILE D 328 17.90 4.05 41.21
N ILE D 329 16.96 5.01 41.11
CA ILE D 329 15.54 4.80 41.33
C ILE D 329 14.82 5.16 40.05
N MET D 330 14.04 4.21 39.52
CA MET D 330 13.25 4.44 38.32
C MET D 330 11.92 5.00 38.68
N SER D 331 11.44 5.90 37.86
CA SER D 331 10.12 6.51 37.99
C SER D 331 9.70 6.97 36.60
N PHE D 332 8.49 7.55 36.52
CA PHE D 332 7.96 8.09 35.29
C PHE D 332 8.26 9.57 35.37
N PRO D 333 8.26 10.35 34.26
CA PRO D 333 8.59 11.77 34.38
C PRO D 333 7.76 12.54 35.39
N HIS D 334 8.43 13.51 36.06
CA HIS D 334 7.84 14.39 37.06
C HIS D 334 7.04 13.59 38.11
N PHE D 335 7.39 12.34 38.34
CA PHE D 335 6.71 11.43 39.28
C PHE D 335 5.21 11.34 38.95
N TYR D 336 4.92 11.14 37.65
CA TYR D 336 3.58 10.90 37.18
C TYR D 336 3.21 9.50 37.68
N GLN D 337 1.94 9.30 38.10
CA GLN D 337 1.43 8.04 38.68
C GLN D 337 2.09 7.70 40.03
N ALA D 338 2.79 8.67 40.65
CA ALA D 338 3.47 8.49 41.94
C ALA D 338 2.79 9.25 43.08
N ASP D 339 3.15 8.88 44.31
CA ASP D 339 2.71 9.45 45.58
C ASP D 339 2.99 10.96 45.61
N GLU D 340 2.01 11.79 46.01
CA GLU D 340 2.17 13.26 46.07
C GLU D 340 3.46 13.69 46.78
N ARG D 341 3.86 12.98 47.87
CA ARG D 341 5.06 13.30 48.64
C ARG D 341 6.36 13.32 47.79
N PHE D 342 6.43 12.49 46.72
CA PHE D 342 7.55 12.46 45.77
C PHE D 342 7.60 13.73 44.93
N VAL D 343 6.45 14.39 44.76
CA VAL D 343 6.35 15.62 43.97
C VAL D 343 6.60 16.85 44.84
N SER D 344 6.07 16.87 46.08
CA SER D 344 6.26 17.96 47.05
C SER D 344 7.75 18.11 47.36
N ALA D 345 8.44 16.97 47.41
CA ALA D 345 9.84 16.84 47.72
C ALA D 345 10.77 17.69 46.84
N ILE D 346 10.45 17.81 45.56
CA ILE D 346 11.31 18.54 44.62
C ILE D 346 10.54 19.64 43.94
N GLU D 347 10.98 20.89 44.13
CA GLU D 347 10.31 22.03 43.50
C GLU D 347 10.74 22.11 42.00
N GLY D 348 9.76 21.97 41.11
CA GLY D 348 9.97 21.94 39.66
C GLY D 348 9.40 20.70 39.00
N MET D 349 8.80 19.78 39.80
CA MET D 349 8.15 18.54 39.40
C MET D 349 6.71 18.91 39.21
N HIS D 350 6.25 18.80 37.94
CA HIS D 350 4.93 19.19 37.45
C HIS D 350 4.37 18.06 36.58
N PRO D 351 3.94 16.91 37.20
CA PRO D 351 3.38 15.82 36.40
C PRO D 351 2.07 16.15 35.74
N ASN D 352 1.84 15.54 34.57
CA ASN D 352 0.61 15.64 33.75
C ASN D 352 0.54 14.46 32.78
N GLN D 353 -0.64 13.87 32.59
CA GLN D 353 -0.85 12.68 31.77
C GLN D 353 -0.38 12.82 30.31
N GLU D 354 -0.88 13.82 29.59
CA GLU D 354 -0.54 14.10 28.18
C GLU D 354 0.96 14.25 27.87
N ASP D 355 1.78 14.59 28.86
CA ASP D 355 3.20 14.80 28.68
C ASP D 355 4.02 13.74 29.33
N HIS D 356 3.48 13.09 30.34
CA HIS D 356 4.33 12.18 31.08
C HIS D 356 4.03 10.68 30.98
N GLU D 357 2.85 10.32 30.50
CA GLU D 357 2.41 8.93 30.32
C GLU D 357 3.19 8.16 29.23
N THR D 358 3.08 6.81 29.27
CA THR D 358 3.66 5.91 28.27
C THR D 358 2.52 5.24 27.61
N PHE D 359 2.42 5.40 26.30
CA PHE D 359 1.36 4.79 25.50
C PHE D 359 1.92 4.25 24.22
N VAL D 360 1.12 3.44 23.55
CA VAL D 360 1.46 2.82 22.27
C VAL D 360 0.18 2.50 21.52
N ASP D 361 0.09 3.02 20.28
CA ASP D 361 -1.02 2.87 19.34
C ASP D 361 -0.67 1.75 18.39
N ILE D 362 -1.30 0.58 18.60
CA ILE D 362 -1.06 -0.66 17.86
C ILE D 362 -2.22 -0.91 16.90
N ASN D 363 -1.93 -1.20 15.61
CA ASN D 363 -2.98 -1.54 14.63
C ASN D 363 -3.46 -2.93 15.03
N PRO D 364 -4.73 -3.07 15.46
CA PRO D 364 -5.20 -4.37 15.99
C PRO D 364 -5.03 -5.62 15.12
N LEU D 365 -5.21 -5.46 13.78
CA LEU D 365 -5.08 -6.56 12.84
C LEU D 365 -3.68 -7.14 12.78
N THR D 366 -2.67 -6.31 12.54
CA THR D 366 -1.28 -6.74 12.37
C THR D 366 -0.43 -6.74 13.62
N GLY D 367 -0.74 -5.90 14.59
CA GLY D 367 0.07 -5.78 15.80
C GLY D 367 1.22 -4.81 15.61
N ILE D 368 1.17 -4.00 14.53
CA ILE D 368 2.19 -3.01 14.17
C ILE D 368 1.96 -1.71 14.97
N ILE D 369 3.02 -1.25 15.66
CA ILE D 369 3.03 0.01 16.41
C ILE D 369 3.07 1.15 15.37
N LEU D 370 2.04 2.00 15.39
CA LEU D 370 1.88 3.13 14.46
C LEU D 370 2.37 4.43 15.08
N LYS D 371 2.24 4.57 16.42
CA LYS D 371 2.65 5.75 17.19
C LYS D 371 2.88 5.29 18.63
N ALA D 372 3.96 5.76 19.25
CA ALA D 372 4.28 5.37 20.62
C ALA D 372 5.14 6.40 21.30
N ALA D 373 5.14 6.38 22.64
CA ALA D 373 5.91 7.26 23.51
C ALA D 373 6.22 6.49 24.80
N LYS D 374 7.50 6.04 24.95
CA LYS D 374 8.04 5.33 26.11
C LYS D 374 8.78 6.39 26.89
N ARG D 375 8.25 6.73 28.08
CA ARG D 375 8.77 7.81 28.92
C ARG D 375 9.00 7.36 30.34
N PHE D 376 10.26 7.46 30.79
CA PHE D 376 10.72 7.12 32.15
C PHE D 376 11.81 8.08 32.62
N GLN D 377 12.05 8.09 33.95
CA GLN D 377 12.97 8.97 34.66
C GLN D 377 14.04 8.24 35.47
N ILE D 378 15.26 8.78 35.41
CA ILE D 378 16.39 8.27 36.20
C ILE D 378 16.55 9.17 37.42
N ASN D 379 16.49 8.56 38.59
CA ASN D 379 16.61 9.30 39.83
C ASN D 379 17.69 8.70 40.72
N ILE D 380 18.13 9.47 41.73
CA ILE D 380 19.12 8.99 42.70
C ILE D 380 18.54 9.06 44.11
N TYR D 381 18.75 8.01 44.90
CA TYR D 381 18.26 8.04 46.27
C TYR D 381 19.35 8.66 47.09
N VAL D 382 19.04 9.81 47.68
CA VAL D 382 19.96 10.64 48.42
C VAL D 382 19.48 10.85 49.89
N LYS D 383 20.41 10.94 50.85
CA LYS D 383 20.13 11.11 52.29
C LYS D 383 21.39 11.50 53.06
N LYS D 384 21.19 12.22 54.18
CA LYS D 384 22.28 12.67 55.06
C LYS D 384 22.93 11.46 55.74
N LEU D 385 24.27 11.38 55.58
CA LEU D 385 25.10 10.35 56.19
C LEU D 385 26.13 11.03 57.07
N ASP D 386 26.10 10.72 58.37
CA ASP D 386 27.02 11.34 59.35
C ASP D 386 28.50 11.11 59.03
N ASP D 387 28.83 9.94 58.45
CA ASP D 387 30.18 9.60 58.04
C ASP D 387 30.64 10.33 56.78
N PHE D 388 29.73 10.96 56.03
CA PHE D 388 30.10 11.66 54.81
C PHE D 388 29.64 13.11 54.81
N VAL D 389 30.58 14.01 55.16
CA VAL D 389 30.34 15.45 55.24
C VAL D 389 29.80 16.03 53.93
N GLU D 390 30.11 15.34 52.79
CA GLU D 390 29.69 15.71 51.44
C GLU D 390 28.18 15.82 51.28
N THR D 391 27.46 14.99 52.06
CA THR D 391 25.99 14.91 52.09
C THR D 391 25.39 16.11 52.84
N GLY D 392 26.13 16.69 53.77
CA GLY D 392 25.66 17.83 54.54
C GLY D 392 24.48 17.46 55.40
N ASP D 393 23.35 18.12 55.15
CA ASP D 393 22.07 17.91 55.85
C ASP D 393 20.93 17.67 54.86
N ILE D 394 21.31 17.15 53.68
CA ILE D 394 20.42 16.80 52.60
C ILE D 394 19.23 15.99 53.11
N ARG D 395 18.02 16.38 52.67
CA ARG D 395 16.77 15.72 53.01
C ARG D 395 16.79 14.31 52.41
N THR D 396 16.09 13.35 53.05
CA THR D 396 16.04 11.99 52.51
C THR D 396 15.07 12.04 51.33
N MET D 397 15.58 11.87 50.09
CA MET D 397 14.73 11.97 48.90
C MET D 397 15.12 11.22 47.61
N VAL D 398 14.12 11.06 46.72
CA VAL D 398 14.28 10.44 45.40
C VAL D 398 14.58 11.64 44.49
N PHE D 399 15.87 11.83 44.15
CA PHE D 399 16.30 13.01 43.40
C PHE D 399 16.26 12.84 41.88
N PRO D 400 15.46 13.68 41.17
CA PRO D 400 15.36 13.58 39.71
C PRO D 400 16.60 14.07 38.99
N VAL D 401 17.04 13.29 37.99
CA VAL D 401 18.25 13.65 37.24
C VAL D 401 17.88 13.95 35.81
N MET D 402 17.18 13.00 35.15
CA MET D 402 16.78 13.13 33.75
C MET D 402 15.66 12.14 33.38
N TYR D 403 14.86 12.52 32.39
CA TYR D 403 13.84 11.66 31.83
C TYR D 403 13.95 11.66 30.30
N LEU D 404 13.56 10.54 29.67
CA LEU D 404 13.55 10.49 28.21
C LEU D 404 12.17 10.18 27.57
N ASN D 405 12.05 10.51 26.27
CA ASN D 405 10.92 10.18 25.46
C ASN D 405 11.38 9.43 24.20
N GLU D 406 11.41 8.08 24.29
CA GLU D 406 11.71 7.20 23.16
C GLU D 406 10.39 7.05 22.41
N SER D 407 10.28 7.66 21.21
CA SER D 407 9.03 7.74 20.42
C SER D 407 9.12 7.27 18.96
N VAL D 408 7.96 7.05 18.31
CA VAL D 408 7.83 6.60 16.92
C VAL D 408 6.51 7.04 16.30
N HIS D 409 6.50 7.36 14.99
CA HIS D 409 5.31 7.76 14.25
C HIS D 409 5.43 7.26 12.81
N ILE D 410 4.43 6.48 12.35
CA ILE D 410 4.40 5.91 11.00
C ILE D 410 4.27 7.03 9.95
N ASP D 411 5.04 6.93 8.84
CA ASP D 411 5.02 7.93 7.75
C ASP D 411 3.96 7.64 6.70
N LYS D 412 3.47 8.69 6.00
CA LYS D 412 2.45 8.62 4.95
C LYS D 412 2.69 7.55 3.89
N GLU D 413 3.98 7.27 3.55
CA GLU D 413 4.33 6.27 2.55
C GLU D 413 4.09 4.85 3.08
N THR D 414 4.73 4.50 4.24
CA THR D 414 4.59 3.17 4.85
C THR D 414 3.16 2.92 5.33
N ALA D 415 2.46 3.99 5.78
CA ALA D 415 1.08 3.91 6.24
C ALA D 415 0.12 3.54 5.10
N SER D 416 0.26 4.20 3.94
CA SER D 416 -0.57 3.94 2.75
C SER D 416 -0.31 2.52 2.24
N ARG D 417 0.96 2.09 2.30
CA ARG D 417 1.42 0.76 1.92
C ARG D 417 0.67 -0.27 2.79
N LEU D 418 0.58 -0.01 4.11
CA LEU D 418 -0.09 -0.86 5.09
C LEU D 418 -1.61 -0.94 4.91
N LYS D 419 -2.26 0.16 4.47
CA LYS D 419 -3.72 0.25 4.26
C LYS D 419 -4.22 -0.80 3.26
N SER D 420 -3.35 -1.20 2.32
CA SER D 420 -3.66 -2.23 1.33
C SER D 420 -3.83 -3.60 2.03
N MET D 421 -2.99 -3.85 3.09
CA MET D 421 -2.96 -5.05 3.93
C MET D 421 -3.93 -4.92 5.15
N GLU E 31 -43.90 64.11 -33.37
CA GLU E 31 -43.04 65.08 -32.72
C GLU E 31 -41.94 64.43 -31.81
N LYS E 32 -41.65 65.06 -30.62
CA LYS E 32 -40.65 64.66 -29.61
C LYS E 32 -41.10 63.45 -28.75
N LYS E 33 -42.37 63.04 -28.91
CA LYS E 33 -43.02 61.91 -28.21
C LYS E 33 -42.49 60.56 -28.71
N ILE E 34 -42.14 60.48 -30.01
CA ILE E 34 -41.63 59.27 -30.65
C ILE E 34 -40.11 59.16 -30.50
N VAL E 35 -39.68 58.63 -29.33
CA VAL E 35 -38.27 58.36 -28.96
C VAL E 35 -38.20 57.10 -28.09
N LEU E 36 -37.13 56.30 -28.21
CA LEU E 36 -36.98 55.14 -27.37
C LEU E 36 -36.36 55.56 -25.99
N ARG E 37 -37.24 56.08 -25.11
CA ARG E 37 -36.91 56.54 -23.75
C ARG E 37 -37.94 55.94 -22.77
N ASN E 38 -37.45 55.38 -21.65
CA ASN E 38 -38.28 54.71 -20.64
C ASN E 38 -39.42 55.61 -20.17
N GLY E 39 -40.66 55.18 -20.46
CA GLY E 39 -41.85 55.92 -20.09
C GLY E 39 -42.74 56.36 -21.24
N THR E 40 -42.16 56.50 -22.45
CA THR E 40 -42.89 56.94 -23.65
C THR E 40 -43.74 55.80 -24.20
N GLU E 41 -44.82 56.12 -24.93
CA GLU E 41 -45.68 55.11 -25.54
C GLU E 41 -44.93 54.40 -26.66
N ALA E 42 -44.07 55.18 -27.38
CA ALA E 42 -43.22 54.71 -28.49
C ALA E 42 -42.32 53.59 -28.03
N PHE E 43 -41.73 53.72 -26.82
CA PHE E 43 -40.86 52.74 -26.19
C PHE E 43 -41.60 51.44 -25.88
N ASP E 44 -42.72 51.52 -25.14
CA ASP E 44 -43.54 50.36 -24.77
C ASP E 44 -43.95 49.52 -25.98
N SER E 45 -44.42 50.19 -27.05
CA SER E 45 -44.83 49.58 -28.30
C SER E 45 -43.62 49.01 -29.07
N TRP E 46 -42.42 49.50 -28.76
CA TRP E 46 -41.17 49.01 -29.34
C TRP E 46 -40.73 47.73 -28.56
N GLU E 47 -40.74 47.81 -27.21
CA GLU E 47 -40.41 46.73 -26.30
C GLU E 47 -41.39 45.55 -26.41
N LYS E 48 -42.69 45.83 -26.34
CA LYS E 48 -43.75 44.83 -26.43
C LYS E 48 -44.68 45.22 -27.60
N PRO E 49 -44.33 44.81 -28.84
CA PRO E 49 -45.17 45.16 -30.01
C PRO E 49 -46.62 44.69 -29.86
N PRO E 50 -47.62 45.61 -29.85
CA PRO E 50 -49.00 45.19 -29.64
C PRO E 50 -49.68 44.57 -30.85
N LEU E 51 -49.23 44.90 -32.07
CA LEU E 51 -49.87 44.34 -33.25
C LEU E 51 -49.40 42.91 -33.52
N PRO E 52 -50.33 41.96 -33.71
CA PRO E 52 -49.91 40.57 -33.95
C PRO E 52 -49.40 40.36 -35.37
N VAL E 53 -48.15 39.86 -35.46
CA VAL E 53 -47.46 39.55 -36.71
C VAL E 53 -47.62 38.06 -36.98
N TYR E 54 -47.81 37.70 -38.24
CA TYR E 54 -47.98 36.31 -38.64
C TYR E 54 -46.98 35.95 -39.73
N THR E 55 -46.55 34.66 -39.79
CA THR E 55 -45.75 34.10 -40.87
C THR E 55 -46.55 32.95 -41.45
N GLN E 56 -46.90 33.01 -42.76
CA GLN E 56 -47.61 31.92 -43.45
C GLN E 56 -46.60 31.18 -44.30
N PHE E 57 -46.41 29.87 -44.09
CA PHE E 57 -45.45 29.14 -44.91
C PHE E 57 -46.09 28.47 -46.10
N TYR E 58 -45.38 28.55 -47.24
CA TYR E 58 -45.83 27.95 -48.49
C TYR E 58 -44.66 27.15 -49.08
N PHE E 59 -44.84 25.82 -49.31
CA PHE E 59 -43.83 24.93 -49.87
C PHE E 59 -44.08 24.45 -51.32
N PHE E 60 -42.97 24.04 -52.02
CA PHE E 60 -43.09 23.45 -53.37
C PHE E 60 -42.83 21.98 -53.30
N ASN E 61 -43.93 21.22 -53.37
CA ASN E 61 -43.93 19.75 -53.37
C ASN E 61 -43.50 19.22 -54.73
N VAL E 62 -42.28 18.69 -54.81
CA VAL E 62 -41.77 18.17 -56.08
C VAL E 62 -42.68 17.01 -56.53
N THR E 63 -43.21 17.03 -57.79
CA THR E 63 -44.07 15.96 -58.31
C THR E 63 -43.36 14.87 -59.16
N ASN E 64 -42.18 15.19 -59.74
CA ASN E 64 -41.44 14.28 -60.64
C ASN E 64 -39.95 14.14 -60.27
N PRO E 65 -39.57 13.73 -59.03
CA PRO E 65 -38.14 13.68 -58.69
C PRO E 65 -37.27 12.88 -59.68
N GLU E 66 -37.75 11.67 -60.03
CA GLU E 66 -36.99 10.79 -60.92
C GLU E 66 -36.74 11.38 -62.29
N GLU E 67 -37.78 12.03 -62.82
CA GLU E 67 -37.71 12.65 -64.14
C GLU E 67 -36.74 13.82 -64.13
N ILE E 68 -36.69 14.57 -62.99
CA ILE E 68 -35.79 15.71 -62.80
C ILE E 68 -34.34 15.26 -62.95
N LEU E 69 -34.01 14.11 -62.34
CA LEU E 69 -32.69 13.48 -62.37
C LEU E 69 -32.32 12.98 -63.80
N ARG E 70 -33.35 12.73 -64.64
CA ARG E 70 -33.10 12.32 -66.00
C ARG E 70 -33.07 13.54 -66.96
N GLY E 71 -32.93 14.74 -66.39
CA GLY E 71 -32.76 15.98 -67.12
C GLY E 71 -34.00 16.66 -67.59
N GLU E 72 -35.17 16.25 -67.04
CA GLU E 72 -36.48 16.82 -67.42
C GLU E 72 -36.78 18.08 -66.62
N THR E 73 -37.82 18.88 -67.04
CA THR E 73 -38.19 20.12 -66.31
C THR E 73 -38.89 19.79 -64.97
N PRO E 74 -38.44 20.36 -63.84
CA PRO E 74 -39.18 20.14 -62.57
C PRO E 74 -40.62 20.60 -62.61
N ARG E 75 -41.48 19.87 -61.90
CA ARG E 75 -42.90 20.21 -61.77
C ARG E 75 -43.24 20.25 -60.29
N VAL E 76 -43.57 21.43 -59.80
CA VAL E 76 -43.88 21.62 -58.37
C VAL E 76 -45.29 22.08 -58.07
N GLU E 77 -45.97 21.40 -57.12
CA GLU E 77 -47.31 21.79 -56.65
C GLU E 77 -47.13 22.62 -55.39
N GLU E 78 -47.66 23.82 -55.37
CA GLU E 78 -47.53 24.71 -54.22
C GLU E 78 -48.44 24.26 -53.04
N VAL E 79 -47.85 23.94 -51.91
CA VAL E 79 -48.67 23.53 -50.75
C VAL E 79 -48.60 24.61 -49.61
N GLY E 80 -49.74 24.95 -49.02
CA GLY E 80 -49.81 25.96 -47.95
C GLY E 80 -51.10 26.75 -47.96
N PRO E 81 -51.33 27.74 -47.06
CA PRO E 81 -50.47 28.22 -45.96
C PRO E 81 -50.47 27.38 -44.69
N TYR E 82 -49.35 27.52 -44.00
CA TYR E 82 -49.00 26.99 -42.71
C TYR E 82 -48.79 28.25 -41.90
N THR E 83 -49.91 28.66 -41.27
CA THR E 83 -50.00 29.86 -40.48
C THR E 83 -49.46 29.69 -39.07
N TYR E 84 -48.51 30.55 -38.73
CA TYR E 84 -47.93 30.63 -37.40
C TYR E 84 -48.06 32.08 -36.94
N ARG E 85 -48.68 32.30 -35.77
CA ARG E 85 -48.77 33.61 -35.14
C ARG E 85 -47.42 33.80 -34.44
N GLU E 86 -46.83 35.01 -34.55
CA GLU E 86 -45.54 35.29 -33.91
C GLU E 86 -45.69 35.78 -32.49
N LEU E 87 -44.64 35.61 -31.68
CA LEU E 87 -44.53 36.12 -30.29
C LEU E 87 -43.26 36.95 -30.26
N ARG E 88 -43.38 38.28 -30.22
CA ARG E 88 -42.21 39.14 -30.24
C ARG E 88 -42.03 39.94 -28.95
N ASN E 89 -40.77 40.09 -28.52
CA ASN E 89 -40.41 40.88 -27.34
C ASN E 89 -38.93 41.19 -27.35
N LYS E 90 -38.58 42.42 -26.98
CA LYS E 90 -37.20 42.87 -26.94
C LYS E 90 -36.61 42.53 -25.58
N ALA E 91 -35.48 41.82 -25.57
CA ALA E 91 -34.81 41.44 -24.31
C ALA E 91 -33.41 42.06 -24.15
N ASN E 92 -32.83 41.95 -22.93
CA ASN E 92 -31.51 42.47 -22.58
C ASN E 92 -31.34 43.96 -22.97
N ILE E 93 -32.35 44.78 -22.61
CA ILE E 93 -32.37 46.22 -22.92
C ILE E 93 -31.40 46.98 -22.01
N GLN E 94 -30.58 47.86 -22.62
CA GLN E 94 -29.60 48.73 -21.96
C GLN E 94 -29.43 50.03 -22.73
N PHE E 95 -29.59 51.18 -22.05
CA PHE E 95 -29.46 52.52 -22.62
C PHE E 95 -27.99 52.99 -22.65
N GLY E 96 -27.67 53.89 -23.59
CA GLY E 96 -26.30 54.42 -23.72
C GLY E 96 -26.11 55.80 -24.35
N ASP E 97 -24.80 56.24 -24.44
CA ASP E 97 -24.27 57.50 -25.02
C ASP E 97 -25.14 58.75 -24.70
N ASN E 98 -25.49 58.94 -23.42
CA ASN E 98 -26.32 60.03 -22.92
C ASN E 98 -27.74 59.99 -23.52
N GLY E 99 -28.30 58.79 -23.56
CA GLY E 99 -29.65 58.55 -24.09
C GLY E 99 -29.78 58.62 -25.60
N THR E 100 -28.63 58.59 -26.34
CA THR E 100 -28.58 58.64 -27.79
C THR E 100 -28.79 57.27 -28.44
N THR E 101 -28.36 56.20 -27.74
CA THR E 101 -28.42 54.79 -28.20
C THR E 101 -29.10 53.86 -27.19
N ILE E 102 -29.50 52.67 -27.67
CA ILE E 102 -30.14 51.61 -26.91
C ILE E 102 -29.70 50.27 -27.52
N SER E 103 -29.43 49.30 -26.67
CA SER E 103 -29.02 47.97 -27.12
C SER E 103 -30.04 46.95 -26.63
N ALA E 104 -30.37 45.97 -27.49
CA ALA E 104 -31.35 44.94 -27.20
C ALA E 104 -31.22 43.78 -28.18
N VAL E 105 -31.90 42.68 -27.88
CA VAL E 105 -32.07 41.54 -28.77
C VAL E 105 -33.58 41.44 -29.08
N SER E 106 -33.97 40.83 -30.20
CA SER E 106 -35.40 40.73 -30.45
C SER E 106 -35.82 39.31 -30.62
N ASN E 107 -36.45 38.75 -29.57
CA ASN E 107 -36.92 37.36 -29.56
C ASN E 107 -38.21 37.19 -30.32
N LYS E 108 -38.23 36.15 -31.15
CA LYS E 108 -39.32 35.80 -32.04
C LYS E 108 -39.61 34.30 -31.88
N ALA E 109 -40.87 33.98 -31.60
CA ALA E 109 -41.36 32.62 -31.41
C ALA E 109 -42.60 32.43 -32.25
N TYR E 110 -42.75 31.25 -32.85
CA TYR E 110 -43.87 30.95 -33.73
C TYR E 110 -44.87 29.99 -33.06
N VAL E 111 -46.16 30.36 -33.06
CA VAL E 111 -47.25 29.53 -32.52
C VAL E 111 -48.15 29.12 -33.67
N PHE E 112 -48.18 27.81 -33.98
CA PHE E 112 -49.00 27.30 -35.08
C PHE E 112 -50.52 27.46 -34.90
N GLU E 113 -51.18 27.90 -35.98
CA GLU E 113 -52.61 28.11 -36.01
C GLU E 113 -53.28 27.20 -37.05
N ARG E 114 -53.77 26.01 -36.60
CA ARG E 114 -54.43 25.01 -37.49
C ARG E 114 -55.60 25.57 -38.25
N ASP E 115 -56.51 26.26 -37.53
CA ASP E 115 -57.68 26.87 -38.09
C ASP E 115 -57.42 27.80 -39.24
N GLN E 116 -56.27 28.50 -39.23
CA GLN E 116 -55.85 29.40 -40.31
C GLN E 116 -54.91 28.70 -41.28
N SER E 117 -54.82 27.39 -41.16
CA SER E 117 -53.91 26.57 -41.94
C SER E 117 -54.58 25.51 -42.80
N VAL E 118 -53.87 25.21 -43.90
CA VAL E 118 -54.21 24.23 -44.91
C VAL E 118 -54.24 22.82 -44.33
N GLY E 119 -53.26 22.45 -43.49
CA GLY E 119 -53.12 21.13 -42.87
C GLY E 119 -52.19 21.07 -41.65
N ASP E 120 -52.00 19.85 -41.08
CA ASP E 120 -51.14 19.64 -39.89
C ASP E 120 -49.65 19.44 -40.29
N PRO E 121 -48.75 20.34 -39.89
CA PRO E 121 -47.36 20.24 -40.36
C PRO E 121 -46.55 19.07 -39.76
N LYS E 122 -47.17 18.47 -38.74
CA LYS E 122 -46.63 17.31 -38.10
C LYS E 122 -47.08 16.00 -38.85
N ILE E 123 -48.05 16.14 -39.80
CA ILE E 123 -48.58 15.04 -40.60
C ILE E 123 -48.33 15.21 -42.11
N ASP E 124 -48.66 16.40 -42.64
CA ASP E 124 -48.44 16.73 -44.05
C ASP E 124 -46.93 16.61 -44.46
N LEU E 125 -46.68 16.01 -45.63
CA LEU E 125 -45.34 15.81 -46.14
C LEU E 125 -44.98 16.63 -47.40
N ILE E 126 -43.70 17.00 -47.53
CA ILE E 126 -43.11 17.65 -48.70
C ILE E 126 -41.88 16.80 -49.23
N ARG E 127 -41.84 16.59 -50.55
CA ARG E 127 -40.69 15.90 -51.19
C ARG E 127 -39.93 17.04 -51.85
N THR E 128 -38.68 17.29 -51.41
CA THR E 128 -37.89 18.42 -51.90
C THR E 128 -36.39 18.09 -51.96
N LEU E 129 -35.52 19.10 -52.12
CA LEU E 129 -34.09 18.81 -52.20
C LEU E 129 -33.52 18.39 -50.84
N ASN E 130 -32.43 17.60 -50.88
CA ASN E 130 -31.73 17.16 -49.67
C ASN E 130 -30.67 18.21 -49.39
N ILE E 131 -31.11 19.29 -48.71
CA ILE E 131 -30.23 20.41 -48.37
C ILE E 131 -28.95 19.93 -47.62
N PRO E 132 -29.01 19.12 -46.52
CA PRO E 132 -27.78 18.58 -45.96
C PRO E 132 -26.88 17.90 -47.00
N VAL E 133 -27.38 17.04 -47.94
CA VAL E 133 -26.41 16.41 -48.89
C VAL E 133 -25.81 17.36 -49.92
N LEU E 134 -26.61 18.34 -50.41
CA LEU E 134 -26.17 19.37 -51.35
C LEU E 134 -25.11 20.28 -50.72
N THR E 135 -25.24 20.50 -49.39
CA THR E 135 -24.34 21.30 -48.58
C THR E 135 -23.03 20.55 -48.46
N VAL E 136 -23.09 19.26 -48.08
CA VAL E 136 -21.89 18.43 -47.96
C VAL E 136 -21.20 18.28 -49.33
N ILE E 137 -22.00 18.17 -50.43
CA ILE E 137 -21.49 18.13 -51.80
C ILE E 137 -20.66 19.43 -52.06
N GLU E 138 -21.20 20.62 -51.68
CA GLU E 138 -20.50 21.89 -51.83
C GLU E 138 -19.23 22.02 -50.99
N TRP E 139 -19.18 21.36 -49.83
CA TRP E 139 -17.97 21.41 -49.00
C TRP E 139 -16.86 20.64 -49.75
N SER E 140 -17.19 19.45 -50.27
CA SER E 140 -16.27 18.61 -51.05
C SER E 140 -15.63 19.34 -52.22
N GLN E 141 -16.42 20.17 -52.92
CA GLN E 141 -15.99 20.95 -54.08
C GLN E 141 -14.74 21.80 -53.74
N VAL E 142 -14.97 22.75 -52.83
CA VAL E 142 -14.01 23.72 -52.28
C VAL E 142 -12.75 23.03 -51.69
N HIS E 143 -12.96 22.16 -50.69
CA HIS E 143 -11.96 21.40 -49.93
C HIS E 143 -11.27 20.25 -50.70
N PHE E 144 -11.74 19.93 -51.94
CA PHE E 144 -11.17 18.92 -52.83
C PHE E 144 -11.26 17.48 -52.24
N LEU E 145 -12.45 17.14 -51.73
CA LEU E 145 -12.63 15.83 -51.12
C LEU E 145 -13.73 14.95 -51.75
N ARG E 146 -14.12 15.31 -52.98
CA ARG E 146 -15.18 14.65 -53.75
C ARG E 146 -15.12 13.13 -53.81
N GLU E 147 -13.95 12.51 -54.15
CA GLU E 147 -13.83 11.05 -54.28
C GLU E 147 -14.30 10.30 -53.03
N ILE E 148 -13.77 10.73 -51.86
CA ILE E 148 -14.11 10.23 -50.52
C ILE E 148 -15.59 10.53 -50.17
N ILE E 149 -16.01 11.80 -50.24
CA ILE E 149 -17.36 12.24 -49.90
C ILE E 149 -18.43 11.49 -50.70
N GLU E 150 -18.15 11.15 -51.95
CA GLU E 150 -19.11 10.47 -52.84
C GLU E 150 -19.28 9.03 -52.37
N ALA E 151 -18.14 8.38 -52.08
CA ALA E 151 -18.06 7.04 -51.52
C ALA E 151 -19.00 6.90 -50.29
N MET E 152 -19.05 7.94 -49.42
CA MET E 152 -19.92 8.01 -48.23
C MET E 152 -21.40 7.97 -48.63
N LEU E 153 -21.82 8.91 -49.50
CA LEU E 153 -23.19 9.07 -49.96
C LEU E 153 -23.65 7.80 -50.59
N LYS E 154 -22.73 7.11 -51.35
CA LYS E 154 -23.04 5.87 -52.04
C LYS E 154 -23.37 4.81 -51.03
N ALA E 155 -22.50 4.63 -50.02
CA ALA E 155 -22.63 3.62 -48.96
C ALA E 155 -23.91 3.83 -48.17
N TYR E 156 -24.16 5.09 -47.78
CA TYR E 156 -25.34 5.50 -47.01
C TYR E 156 -26.61 5.62 -47.90
N GLN E 157 -26.48 5.21 -49.20
CA GLN E 157 -27.53 5.22 -50.20
C GLN E 157 -28.29 6.57 -50.16
N GLN E 158 -27.53 7.69 -50.21
CA GLN E 158 -28.10 9.03 -50.12
C GLN E 158 -28.77 9.50 -51.38
N LYS E 159 -29.88 10.27 -51.23
CA LYS E 159 -30.69 10.73 -52.37
C LYS E 159 -30.81 12.26 -52.45
N LEU E 160 -30.94 12.81 -53.68
CA LEU E 160 -31.06 14.26 -53.84
C LEU E 160 -32.47 14.74 -53.45
N PHE E 161 -33.50 13.92 -53.69
CA PHE E 161 -34.87 14.23 -53.33
C PHE E 161 -35.30 13.37 -52.20
N VAL E 162 -35.75 14.00 -51.13
CA VAL E 162 -36.20 13.30 -49.94
C VAL E 162 -37.52 13.84 -49.38
N THR E 163 -38.27 13.06 -48.54
CA THR E 163 -39.61 13.49 -48.04
C THR E 163 -39.68 13.68 -46.56
N HIS E 164 -40.18 14.83 -46.09
CA HIS E 164 -40.25 15.08 -44.62
C HIS E 164 -41.54 15.80 -44.23
N THR E 165 -41.95 15.72 -42.94
CA THR E 165 -43.12 16.52 -42.54
C THR E 165 -42.77 18.02 -42.57
N VAL E 166 -43.76 18.90 -42.90
CA VAL E 166 -43.59 20.37 -42.94
C VAL E 166 -42.76 20.73 -41.73
N ASP E 167 -43.27 20.35 -40.52
CA ASP E 167 -42.63 20.55 -39.24
C ASP E 167 -41.15 20.21 -39.29
N GLU E 168 -40.77 19.02 -39.82
CA GLU E 168 -39.37 18.62 -39.90
C GLU E 168 -38.52 19.65 -40.69
N LEU E 169 -38.96 20.02 -41.92
CA LEU E 169 -38.27 20.97 -42.81
C LEU E 169 -38.09 22.34 -42.22
N LEU E 170 -39.13 22.80 -41.57
CA LEU E 170 -39.17 24.11 -40.94
C LEU E 170 -38.30 24.16 -39.70
N TRP E 171 -38.63 23.28 -38.73
CA TRP E 171 -38.05 23.27 -37.39
C TRP E 171 -36.87 22.35 -37.08
N GLY E 172 -36.62 21.37 -37.95
CA GLY E 172 -35.47 20.52 -37.80
C GLY E 172 -35.75 19.03 -37.69
N TYR E 173 -34.77 18.25 -38.07
CA TYR E 173 -34.81 16.80 -38.07
C TYR E 173 -33.35 16.31 -38.09
N LYS E 174 -33.05 15.17 -37.44
CA LYS E 174 -31.70 14.61 -37.41
C LYS E 174 -31.39 13.96 -38.78
N ASP E 175 -30.33 14.40 -39.44
CA ASP E 175 -29.92 13.83 -40.72
C ASP E 175 -28.84 12.77 -40.50
N GLU E 176 -28.91 11.66 -41.26
CA GLU E 176 -27.96 10.54 -41.21
C GLU E 176 -26.49 10.93 -41.41
N ILE E 177 -26.22 11.69 -42.52
CA ILE E 177 -24.86 12.11 -42.87
C ILE E 177 -24.27 13.01 -41.76
N LEU E 178 -25.03 14.07 -41.38
CA LEU E 178 -24.61 15.00 -40.31
C LEU E 178 -24.40 14.33 -38.97
N SER E 179 -25.28 13.36 -38.60
CA SER E 179 -25.18 12.56 -37.36
C SER E 179 -23.79 11.94 -37.27
N LEU E 180 -23.34 11.35 -38.41
CA LEU E 180 -22.03 10.71 -38.55
C LEU E 180 -20.90 11.75 -38.45
N ILE E 181 -21.05 12.91 -39.12
CA ILE E 181 -20.04 13.95 -39.09
C ILE E 181 -19.87 14.42 -37.68
N HIS E 182 -20.99 14.68 -36.99
CA HIS E 182 -21.06 15.11 -35.59
C HIS E 182 -20.20 14.25 -34.65
N VAL E 183 -20.13 12.91 -34.94
CA VAL E 183 -19.32 11.96 -34.16
C VAL E 183 -17.86 12.39 -34.17
N PHE E 184 -17.39 12.86 -35.33
CA PHE E 184 -16.00 13.28 -35.50
C PHE E 184 -15.80 14.76 -35.29
N ARG E 185 -16.80 15.59 -35.66
CA ARG E 185 -16.72 17.02 -35.50
C ARG E 185 -17.94 17.54 -34.69
N PRO E 186 -17.83 17.54 -33.32
CA PRO E 186 -18.97 17.95 -32.47
C PRO E 186 -19.52 19.37 -32.63
N ASP E 187 -18.79 20.23 -33.36
CA ASP E 187 -19.20 21.59 -33.71
C ASP E 187 -20.29 21.53 -34.76
N ILE E 188 -20.25 20.50 -35.65
CA ILE E 188 -21.23 20.28 -36.72
C ILE E 188 -22.49 19.59 -36.18
N SER E 189 -23.64 20.26 -36.33
CA SER E 189 -24.92 19.78 -35.83
C SER E 189 -25.47 18.65 -36.67
N PRO E 190 -25.96 17.56 -36.01
CA PRO E 190 -26.68 16.52 -36.76
C PRO E 190 -28.07 16.99 -37.35
N TYR E 191 -28.65 18.09 -36.81
CA TYR E 191 -29.93 18.65 -37.21
C TYR E 191 -29.87 19.68 -38.30
N PHE E 192 -30.89 19.60 -39.16
CA PHE E 192 -31.14 20.54 -40.22
C PHE E 192 -32.62 20.89 -40.26
N GLY E 193 -32.87 22.16 -40.48
CA GLY E 193 -34.18 22.75 -40.67
C GLY E 193 -33.99 24.12 -41.30
N LEU E 194 -34.96 24.56 -42.10
CA LEU E 194 -34.90 25.86 -42.74
C LEU E 194 -34.89 26.95 -41.69
N PHE E 195 -35.61 26.73 -40.59
CA PHE E 195 -35.71 27.64 -39.45
C PHE E 195 -35.31 26.96 -38.16
N TYR E 196 -34.41 25.96 -38.23
CA TYR E 196 -33.92 25.25 -37.05
C TYR E 196 -33.34 26.26 -36.10
N GLU E 197 -33.64 26.06 -34.79
CA GLU E 197 -33.18 26.87 -33.66
C GLU E 197 -33.48 28.33 -33.78
N LYS E 198 -34.62 28.65 -34.45
CA LYS E 198 -35.08 30.01 -34.61
C LYS E 198 -36.32 30.34 -33.77
N ASN E 199 -37.07 29.30 -33.33
CA ASN E 199 -38.24 29.47 -32.45
C ASN E 199 -37.77 29.78 -31.02
N GLY E 200 -38.02 31.02 -30.56
CA GLY E 200 -37.67 31.48 -29.22
C GLY E 200 -36.46 32.40 -29.16
N THR E 201 -35.49 32.20 -30.07
CA THR E 201 -34.25 32.97 -30.15
C THR E 201 -34.37 34.31 -30.88
N ASN E 202 -33.23 35.02 -31.01
CA ASN E 202 -33.06 36.30 -31.69
C ASN E 202 -32.02 36.21 -32.82
N ASP E 203 -31.94 37.24 -33.68
CA ASP E 203 -31.02 37.32 -34.82
C ASP E 203 -29.74 38.11 -34.46
N GLY E 204 -29.25 37.91 -33.26
CA GLY E 204 -28.04 38.58 -32.80
C GLY E 204 -28.31 39.89 -32.08
N ASP E 205 -27.26 40.43 -31.46
CA ASP E 205 -27.27 41.67 -30.68
C ASP E 205 -27.32 42.87 -31.59
N TYR E 206 -28.07 43.88 -31.16
CA TYR E 206 -28.26 45.09 -31.93
C TYR E 206 -28.11 46.33 -31.06
N VAL E 207 -27.58 47.39 -31.64
CA VAL E 207 -27.55 48.68 -30.97
C VAL E 207 -28.23 49.66 -31.89
N PHE E 208 -29.37 50.19 -31.42
CA PHE E 208 -30.21 51.12 -32.14
C PHE E 208 -30.03 52.52 -31.66
N LEU E 209 -30.04 53.43 -32.61
CA LEU E 209 -29.98 54.86 -32.44
C LEU E 209 -31.41 55.31 -32.10
N THR E 210 -31.61 55.96 -30.95
CA THR E 210 -32.97 56.44 -30.63
C THR E 210 -33.19 57.83 -31.21
N GLY E 211 -34.44 58.18 -31.47
CA GLY E 211 -34.74 59.49 -32.04
C GLY E 211 -34.49 60.72 -31.18
N GLU E 212 -33.52 60.67 -30.24
CA GLU E 212 -33.22 61.81 -29.36
C GLU E 212 -32.37 62.90 -30.02
N ASP E 213 -31.36 62.49 -30.81
CA ASP E 213 -30.42 63.39 -31.53
C ASP E 213 -31.10 64.03 -32.73
N SER E 214 -32.01 63.27 -33.37
CA SER E 214 -32.80 63.61 -34.56
C SER E 214 -33.80 62.51 -34.73
N TYR E 215 -35.05 62.89 -35.05
CA TYR E 215 -36.15 61.95 -35.29
C TYR E 215 -35.83 61.05 -36.49
N LEU E 216 -35.09 61.57 -37.51
CA LEU E 216 -34.72 60.83 -38.72
C LEU E 216 -33.91 59.57 -38.43
N ASN E 217 -33.19 59.59 -37.29
CA ASN E 217 -32.38 58.45 -36.84
C ASN E 217 -33.18 57.52 -35.91
N PHE E 218 -34.52 57.79 -35.68
CA PHE E 218 -35.35 56.89 -34.85
C PHE E 218 -35.24 55.44 -35.36
N THR E 219 -34.83 54.54 -34.43
CA THR E 219 -34.61 53.10 -34.60
C THR E 219 -33.56 52.72 -35.67
N LYS E 220 -32.71 53.69 -36.09
CA LYS E 220 -31.67 53.44 -37.10
C LYS E 220 -30.65 52.42 -36.54
N ILE E 221 -30.34 51.35 -37.28
CA ILE E 221 -29.37 50.37 -36.79
C ILE E 221 -27.97 50.97 -36.94
N VAL E 222 -27.16 50.90 -35.87
CA VAL E 222 -25.77 51.40 -35.85
C VAL E 222 -24.71 50.29 -35.73
N GLU E 223 -25.13 49.13 -35.20
CA GLU E 223 -24.25 47.99 -35.00
C GLU E 223 -25.06 46.72 -34.93
N TRP E 224 -24.48 45.64 -35.51
CA TRP E 224 -25.04 44.29 -35.52
C TRP E 224 -23.88 43.32 -35.27
N ASN E 225 -23.97 42.58 -34.15
CA ASN E 225 -22.96 41.64 -33.68
C ASN E 225 -21.62 42.34 -33.51
N GLY E 226 -21.64 43.50 -32.86
CA GLY E 226 -20.46 44.31 -32.61
C GLY E 226 -19.83 45.01 -33.79
N LYS E 227 -20.23 44.65 -35.01
CA LYS E 227 -19.71 45.23 -36.24
C LYS E 227 -20.64 46.33 -36.73
N THR E 228 -20.06 47.44 -37.23
CA THR E 228 -20.87 48.55 -37.77
C THR E 228 -21.28 48.25 -39.24
N SER E 229 -20.58 47.29 -39.87
CA SER E 229 -20.85 46.89 -41.24
C SER E 229 -20.72 45.38 -41.39
N LEU E 230 -21.20 44.86 -42.54
CA LEU E 230 -21.11 43.44 -42.89
C LEU E 230 -19.69 43.15 -43.44
N ASP E 231 -19.31 41.88 -43.53
CA ASP E 231 -17.99 41.57 -44.07
C ASP E 231 -18.06 40.52 -45.20
N TRP E 232 -19.30 40.03 -45.51
CA TRP E 232 -19.46 39.00 -46.52
C TRP E 232 -19.63 39.41 -47.95
N TRP E 233 -19.73 40.72 -48.23
CA TRP E 233 -19.84 41.20 -49.61
C TRP E 233 -18.53 41.75 -50.20
N ILE E 234 -18.55 42.07 -51.52
CA ILE E 234 -17.39 42.52 -52.30
C ILE E 234 -17.04 44.02 -52.23
N THR E 235 -18.04 44.90 -52.14
CA THR E 235 -17.74 46.33 -52.06
C THR E 235 -18.14 46.90 -50.72
N ASP E 236 -17.44 47.96 -50.28
CA ASP E 236 -17.70 48.66 -49.01
C ASP E 236 -19.17 49.07 -48.89
N LYS E 237 -19.73 49.59 -50.00
CA LYS E 237 -21.11 50.06 -50.11
C LYS E 237 -22.09 48.90 -49.89
N CYS E 238 -21.85 47.72 -50.51
CA CYS E 238 -22.69 46.51 -50.39
C CYS E 238 -22.76 45.97 -48.95
N ASN E 239 -21.64 46.15 -48.20
CA ASN E 239 -21.47 45.71 -46.81
C ASN E 239 -22.14 46.59 -45.76
N MET E 240 -22.72 47.74 -46.17
CA MET E 240 -23.33 48.69 -45.26
C MET E 240 -24.59 48.21 -44.56
N ILE E 241 -24.73 48.58 -43.29
CA ILE E 241 -25.93 48.31 -42.51
C ILE E 241 -26.76 49.61 -42.54
N ASN E 242 -27.84 49.56 -43.30
CA ASN E 242 -28.68 50.71 -43.52
C ASN E 242 -30.08 50.57 -42.96
N GLY E 243 -30.61 51.70 -42.50
CA GLY E 243 -31.96 51.77 -41.98
C GLY E 243 -32.25 51.06 -40.67
N THR E 244 -33.53 50.69 -40.53
CA THR E 244 -34.10 50.05 -39.35
C THR E 244 -34.32 48.57 -39.67
N ASP E 245 -34.71 47.79 -38.66
CA ASP E 245 -35.04 46.36 -38.78
C ASP E 245 -36.31 46.14 -39.62
N GLY E 246 -36.96 47.22 -40.07
CA GLY E 246 -38.17 47.16 -40.87
C GLY E 246 -39.48 47.03 -40.12
N ASP E 247 -39.42 46.84 -38.81
CA ASP E 247 -40.62 46.73 -37.97
C ASP E 247 -41.15 48.09 -37.57
N SER E 248 -40.38 49.19 -37.87
CA SER E 248 -40.70 50.60 -37.56
C SER E 248 -39.93 51.56 -38.49
N PHE E 249 -40.41 52.82 -38.59
CA PHE E 249 -39.78 53.88 -39.36
C PHE E 249 -39.86 55.23 -38.67
N HIS E 250 -38.91 56.17 -39.00
CA HIS E 250 -38.91 57.51 -38.38
C HIS E 250 -40.25 58.24 -38.58
N PRO E 251 -40.66 59.14 -37.65
CA PRO E 251 -41.91 59.89 -37.88
C PRO E 251 -41.69 60.98 -38.92
N LEU E 252 -42.78 61.53 -39.48
CA LEU E 252 -42.69 62.61 -40.48
C LEU E 252 -41.94 62.16 -41.73
N ILE E 253 -42.49 61.12 -42.40
CA ILE E 253 -41.97 60.60 -43.65
C ILE E 253 -42.51 61.43 -44.83
N THR E 254 -41.72 61.55 -45.91
CA THR E 254 -42.10 62.31 -47.11
C THR E 254 -42.07 61.39 -48.32
N LYS E 255 -43.07 61.52 -49.19
CA LYS E 255 -43.36 60.78 -50.44
C LYS E 255 -42.12 60.61 -51.34
N ASP E 256 -41.11 61.47 -51.20
CA ASP E 256 -39.87 61.48 -52.00
C ASP E 256 -38.77 60.61 -51.46
N GLU E 257 -38.75 60.37 -50.12
CA GLU E 257 -37.66 59.64 -49.49
C GLU E 257 -37.66 58.15 -49.60
N VAL E 258 -36.50 57.61 -49.98
CA VAL E 258 -36.26 56.18 -50.11
C VAL E 258 -35.94 55.68 -48.70
N LEU E 259 -36.62 54.61 -48.23
CA LEU E 259 -36.36 54.10 -46.87
C LEU E 259 -35.57 52.80 -46.86
N TYR E 260 -34.46 52.77 -46.11
CA TYR E 260 -33.62 51.55 -46.00
C TYR E 260 -34.06 50.63 -44.87
N VAL E 261 -33.90 49.32 -45.09
CA VAL E 261 -34.20 48.27 -44.12
C VAL E 261 -33.03 47.25 -44.10
N PHE E 262 -32.65 46.75 -42.91
CA PHE E 262 -31.63 45.71 -42.79
C PHE E 262 -32.32 44.40 -42.36
N PRO E 263 -32.83 43.60 -43.32
CA PRO E 263 -33.45 42.33 -42.95
C PRO E 263 -32.30 41.34 -42.81
N SER E 264 -31.87 41.12 -41.55
CA SER E 264 -30.81 40.23 -41.09
C SER E 264 -30.77 38.93 -41.95
N ASP E 265 -31.91 38.28 -42.08
CA ASP E 265 -32.09 37.02 -42.82
C ASP E 265 -31.78 37.06 -44.32
N PHE E 266 -32.01 38.20 -44.95
CA PHE E 266 -31.76 38.41 -46.37
C PHE E 266 -30.27 38.65 -46.61
N CYS E 267 -29.51 38.83 -45.51
CA CYS E 267 -28.06 39.03 -45.48
C CYS E 267 -27.52 40.30 -46.12
N ARG E 268 -28.37 41.34 -46.23
CA ARG E 268 -28.07 42.56 -46.97
C ARG E 268 -29.06 43.75 -46.68
N SER E 269 -28.58 44.98 -46.91
CA SER E 269 -29.44 46.14 -46.78
C SER E 269 -30.26 46.31 -48.05
N VAL E 270 -31.44 46.84 -47.88
CA VAL E 270 -32.46 46.95 -48.87
C VAL E 270 -33.14 48.25 -48.65
N TYR E 271 -33.62 48.85 -49.70
CA TYR E 271 -34.37 50.08 -49.61
C TYR E 271 -35.74 49.84 -50.20
N ILE E 272 -36.72 50.59 -49.70
CA ILE E 272 -38.09 50.49 -50.20
C ILE E 272 -38.50 51.85 -50.72
N THR E 273 -39.27 51.87 -51.82
CA THR E 273 -39.67 53.12 -52.47
C THR E 273 -41.16 53.36 -52.46
N PHE E 274 -41.57 54.64 -52.42
CA PHE E 274 -42.99 55.05 -52.45
C PHE E 274 -43.62 54.64 -53.73
N SER E 275 -44.76 53.96 -53.61
CA SER E 275 -45.58 53.46 -54.71
C SER E 275 -46.84 54.32 -54.87
N ASP E 276 -47.73 54.36 -53.83
CA ASP E 276 -48.98 55.15 -53.86
C ASP E 276 -49.55 55.51 -52.47
N TYR E 277 -50.51 56.45 -52.44
CA TYR E 277 -51.21 56.81 -51.21
C TYR E 277 -52.42 55.86 -50.99
N GLU E 278 -52.54 55.39 -49.71
CA GLU E 278 -53.60 54.47 -49.27
C GLU E 278 -54.24 54.83 -47.94
N SER E 279 -55.46 54.32 -47.72
CA SER E 279 -56.22 54.47 -46.48
C SER E 279 -56.37 53.07 -45.84
N VAL E 280 -55.69 52.85 -44.67
CA VAL E 280 -55.76 51.65 -43.84
C VAL E 280 -56.59 52.04 -42.62
N GLN E 281 -57.67 51.27 -42.39
CA GLN E 281 -58.68 51.56 -41.37
C GLN E 281 -59.15 52.98 -41.71
N GLY E 282 -58.88 53.91 -40.81
CA GLY E 282 -59.26 55.28 -41.09
C GLY E 282 -58.12 56.26 -41.16
N LEU E 283 -56.92 55.72 -41.35
CA LEU E 283 -55.68 56.45 -41.33
C LEU E 283 -55.00 56.56 -42.69
N PRO E 284 -54.34 57.72 -42.97
CA PRO E 284 -53.59 57.86 -44.23
C PRO E 284 -52.29 57.05 -44.16
N ALA E 285 -51.83 56.57 -45.31
CA ALA E 285 -50.61 55.78 -45.39
C ALA E 285 -49.93 55.88 -46.73
N PHE E 286 -48.63 55.69 -46.73
CA PHE E 286 -47.87 55.63 -47.96
C PHE E 286 -47.50 54.16 -48.18
N ARG E 287 -47.84 53.66 -49.37
CA ARG E 287 -47.58 52.31 -49.82
C ARG E 287 -46.16 52.33 -50.33
N TYR E 288 -45.27 51.66 -49.60
CA TYR E 288 -43.88 51.54 -49.94
C TYR E 288 -43.65 50.11 -50.36
N LYS E 289 -42.97 49.91 -51.50
CA LYS E 289 -42.71 48.58 -52.03
C LYS E 289 -41.23 48.34 -52.26
N VAL E 290 -40.82 47.05 -52.30
CA VAL E 290 -39.44 46.70 -52.68
C VAL E 290 -39.42 46.83 -54.25
N PRO E 291 -38.65 47.81 -54.79
CA PRO E 291 -38.55 47.97 -56.26
C PRO E 291 -37.68 46.88 -56.90
N ALA E 292 -37.84 46.66 -58.25
CA ALA E 292 -37.13 45.65 -59.05
C ALA E 292 -35.60 45.75 -58.99
N GLU E 293 -35.07 47.00 -59.00
CA GLU E 293 -33.66 47.33 -58.97
C GLU E 293 -32.89 46.57 -57.89
N ILE E 294 -33.55 46.36 -56.72
CA ILE E 294 -32.99 45.72 -55.54
C ILE E 294 -32.16 44.49 -55.87
N LEU E 295 -32.71 43.56 -56.67
CA LEU E 295 -32.03 42.32 -57.03
C LEU E 295 -31.67 42.23 -58.51
N ALA E 296 -31.78 43.36 -59.25
CA ALA E 296 -31.47 43.44 -60.68
C ALA E 296 -29.97 43.35 -60.94
N ASN E 297 -29.58 42.94 -62.16
CA ASN E 297 -28.18 42.81 -62.59
C ASN E 297 -27.62 44.17 -63.04
N THR E 298 -27.31 45.01 -62.05
CA THR E 298 -26.77 46.37 -62.20
C THR E 298 -25.31 46.43 -61.70
N SER E 299 -24.63 47.56 -61.97
CA SER E 299 -23.28 47.93 -61.53
C SER E 299 -23.32 48.14 -60.02
N ASP E 300 -24.48 48.56 -59.51
CA ASP E 300 -24.72 48.82 -58.10
C ASP E 300 -24.82 47.55 -57.30
N ASN E 301 -25.40 46.48 -57.89
CA ASN E 301 -25.49 45.19 -57.24
C ASN E 301 -24.31 44.28 -57.61
N ALA E 302 -23.34 44.83 -58.36
CA ALA E 302 -22.14 44.12 -58.78
C ALA E 302 -21.45 43.47 -57.57
N GLY E 303 -21.38 44.21 -56.45
CA GLY E 303 -20.74 43.76 -55.20
C GLY E 303 -21.40 42.61 -54.46
N PHE E 304 -22.62 42.21 -54.90
CA PHE E 304 -23.39 41.11 -54.32
C PHE E 304 -23.13 39.80 -55.04
N CYS E 305 -22.09 39.77 -55.91
CA CYS E 305 -21.65 38.61 -56.70
C CYS E 305 -20.26 38.11 -56.29
N ILE E 306 -20.24 37.16 -55.31
CA ILE E 306 -19.04 36.54 -54.74
C ILE E 306 -18.02 35.93 -55.70
N PRO E 307 -18.41 35.25 -56.81
CA PRO E 307 -17.37 34.74 -57.72
C PRO E 307 -16.84 35.90 -58.61
N GLU E 308 -15.98 36.77 -58.02
CA GLU E 308 -15.35 37.96 -58.65
C GLU E 308 -16.27 38.72 -59.65
N GLY E 309 -17.55 38.90 -59.32
CA GLY E 309 -18.50 39.57 -60.20
C GLY E 309 -19.41 38.83 -61.15
N ASN E 310 -19.16 37.50 -61.31
CA ASN E 310 -19.97 36.60 -62.14
C ASN E 310 -21.33 36.45 -61.43
N CYS E 311 -22.34 37.15 -61.96
CA CYS E 311 -23.69 37.19 -61.40
C CYS E 311 -24.60 36.13 -61.92
N LEU E 312 -25.44 35.56 -61.01
CA LEU E 312 -26.39 34.49 -61.36
C LEU E 312 -27.52 34.99 -62.31
N GLY E 313 -28.03 36.19 -62.05
CA GLY E 313 -29.09 36.77 -62.86
C GLY E 313 -29.98 37.70 -62.07
N SER E 314 -30.82 38.50 -62.77
CA SER E 314 -31.72 39.45 -62.15
C SER E 314 -32.81 38.78 -61.36
N GLY E 315 -33.00 39.23 -60.12
CA GLY E 315 -34.04 38.75 -59.23
C GLY E 315 -33.68 37.66 -58.22
N VAL E 316 -32.37 37.32 -58.14
CA VAL E 316 -31.85 36.29 -57.23
C VAL E 316 -30.53 36.75 -56.53
N LEU E 317 -30.35 36.32 -55.26
CA LEU E 317 -29.19 36.68 -54.46
C LEU E 317 -28.52 35.42 -53.93
N ASN E 318 -27.19 35.29 -54.18
CA ASN E 318 -26.44 34.15 -53.69
C ASN E 318 -26.10 34.37 -52.20
N VAL E 319 -26.88 33.79 -51.28
CA VAL E 319 -26.64 33.95 -49.83
C VAL E 319 -25.82 32.86 -49.19
N SER E 320 -24.93 32.19 -49.97
CA SER E 320 -24.08 31.05 -49.58
C SER E 320 -23.09 31.42 -48.51
N ILE E 321 -22.52 32.63 -48.59
CA ILE E 321 -21.50 33.16 -47.67
C ILE E 321 -22.05 33.29 -46.25
N CYS E 322 -23.30 33.72 -46.11
CA CYS E 322 -23.89 33.84 -44.79
C CYS E 322 -24.73 32.62 -44.38
N LYS E 323 -24.92 31.63 -45.27
CA LYS E 323 -25.71 30.46 -44.87
C LYS E 323 -24.80 29.24 -44.61
N ASN E 324 -23.56 29.54 -44.16
CA ASN E 324 -22.51 28.60 -43.78
C ASN E 324 -22.14 27.66 -44.95
N GLY E 325 -22.03 28.25 -46.14
CA GLY E 325 -21.67 27.55 -47.36
C GLY E 325 -22.78 26.77 -48.06
N ALA E 326 -23.94 26.60 -47.41
CA ALA E 326 -25.10 25.91 -48.00
C ALA E 326 -25.54 26.62 -49.31
N PRO E 327 -25.77 25.88 -50.42
CA PRO E 327 -26.12 26.53 -51.69
C PRO E 327 -27.53 27.18 -51.75
N ILE E 328 -27.77 28.14 -50.85
CA ILE E 328 -29.04 28.82 -50.75
C ILE E 328 -29.03 30.10 -51.62
N ILE E 329 -30.10 30.25 -52.43
CA ILE E 329 -30.32 31.38 -53.30
C ILE E 329 -31.63 32.06 -52.88
N MET E 330 -31.55 33.36 -52.57
CA MET E 330 -32.71 34.12 -52.16
C MET E 330 -33.37 34.71 -53.37
N SER E 331 -34.71 34.77 -53.35
CA SER E 331 -35.50 35.37 -54.41
C SER E 331 -36.82 35.75 -53.80
N PHE E 332 -37.67 36.40 -54.60
CA PHE E 332 -39.00 36.80 -54.19
C PHE E 332 -39.92 35.68 -54.70
N PRO E 333 -41.10 35.42 -54.05
CA PRO E 333 -41.91 34.25 -54.46
C PRO E 333 -42.21 34.13 -55.95
N HIS E 334 -42.13 32.88 -56.47
CA HIS E 334 -42.41 32.53 -57.87
C HIS E 334 -41.45 33.23 -58.86
N PHE E 335 -40.35 33.78 -58.36
CA PHE E 335 -39.38 34.55 -59.13
C PHE E 335 -40.03 35.80 -59.69
N TYR E 336 -40.81 36.45 -58.83
CA TYR E 336 -41.37 37.78 -59.05
C TYR E 336 -40.14 38.78 -59.06
N GLN E 337 -40.14 39.71 -60.04
CA GLN E 337 -39.06 40.68 -60.28
C GLN E 337 -37.79 40.05 -60.84
N ALA E 338 -37.87 38.79 -61.27
CA ALA E 338 -36.72 38.04 -61.78
C ALA E 338 -36.79 37.77 -63.28
N ASP E 339 -35.64 37.43 -63.87
CA ASP E 339 -35.43 37.07 -65.25
C ASP E 339 -36.38 35.93 -65.67
N GLU E 340 -37.06 36.06 -66.83
CA GLU E 340 -38.01 35.07 -67.33
C GLU E 340 -37.47 33.63 -67.28
N ARG E 341 -36.17 33.46 -67.61
CA ARG E 341 -35.52 32.14 -67.64
C ARG E 341 -35.64 31.38 -66.33
N PHE E 342 -35.65 32.11 -65.16
CA PHE E 342 -35.83 31.53 -63.82
C PHE E 342 -37.22 30.97 -63.66
N VAL E 343 -38.19 31.48 -64.40
CA VAL E 343 -39.59 31.05 -64.32
C VAL E 343 -39.87 29.88 -65.24
N SER E 344 -39.33 29.93 -66.49
CA SER E 344 -39.48 28.89 -67.52
C SER E 344 -38.86 27.59 -66.98
N ALA E 345 -37.78 27.73 -66.24
CA ALA E 345 -36.99 26.66 -65.63
C ALA E 345 -37.80 25.70 -64.75
N ILE E 346 -38.79 26.23 -64.00
CA ILE E 346 -39.55 25.41 -63.07
C ILE E 346 -41.02 25.48 -63.40
N GLU E 347 -41.62 24.34 -63.72
CA GLU E 347 -43.05 24.30 -64.02
C GLU E 347 -43.85 24.34 -62.67
N GLY E 348 -44.66 25.39 -62.49
CA GLY E 348 -45.44 25.61 -61.28
C GLY E 348 -45.21 26.95 -60.63
N MET E 349 -44.24 27.72 -61.23
CA MET E 349 -43.81 29.10 -60.95
C MET E 349 -44.75 30.03 -61.78
N HIS E 350 -45.64 30.74 -61.08
CA HIS E 350 -46.67 31.63 -61.61
C HIS E 350 -46.60 33.00 -60.89
N PRO E 351 -45.56 33.84 -61.15
CA PRO E 351 -45.42 35.10 -60.40
C PRO E 351 -46.50 36.11 -60.68
N ASN E 352 -46.82 36.97 -59.68
CA ASN E 352 -47.80 38.06 -59.78
C ASN E 352 -47.68 39.14 -58.63
N GLN E 353 -47.72 40.42 -59.00
CA GLN E 353 -47.58 41.55 -58.13
C GLN E 353 -48.39 41.49 -56.86
N GLU E 354 -49.69 41.33 -56.99
CA GLU E 354 -50.61 41.26 -55.88
C GLU E 354 -50.33 40.07 -54.91
N ASP E 355 -49.62 39.01 -55.36
CA ASP E 355 -49.34 37.86 -54.49
C ASP E 355 -47.89 37.67 -54.10
N HIS E 356 -47.00 38.35 -54.78
CA HIS E 356 -45.61 38.09 -54.54
C HIS E 356 -44.78 39.28 -54.05
N GLU E 357 -45.21 40.49 -54.36
CA GLU E 357 -44.46 41.66 -53.90
C GLU E 357 -44.36 41.79 -52.37
N THR E 358 -43.47 42.73 -51.94
CA THR E 358 -43.28 43.14 -50.55
C THR E 358 -43.67 44.59 -50.48
N PHE E 359 -44.66 44.87 -49.67
CA PHE E 359 -45.15 46.23 -49.48
C PHE E 359 -45.27 46.53 -47.99
N VAL E 360 -45.43 47.82 -47.69
CA VAL E 360 -45.60 48.31 -46.32
C VAL E 360 -46.25 49.66 -46.36
N ASP E 361 -47.43 49.74 -45.70
CA ASP E 361 -48.26 50.93 -45.57
C ASP E 361 -47.92 51.59 -44.26
N ILE E 362 -47.17 52.70 -44.32
CA ILE E 362 -46.67 53.48 -43.17
C ILE E 362 -47.51 54.76 -43.03
N ASN E 363 -47.98 55.07 -41.80
CA ASN E 363 -48.72 56.33 -41.56
C ASN E 363 -47.64 57.41 -41.60
N PRO E 364 -47.69 58.35 -42.57
CA PRO E 364 -46.60 59.31 -42.74
C PRO E 364 -46.19 60.14 -41.54
N LEU E 365 -47.18 60.58 -40.73
CA LEU E 365 -46.95 61.42 -39.56
C LEU E 365 -46.12 60.74 -38.51
N THR E 366 -46.53 59.54 -38.06
CA THR E 366 -45.89 58.78 -36.99
C THR E 366 -44.83 57.80 -37.43
N GLY E 367 -44.93 57.26 -38.64
CA GLY E 367 -43.99 56.24 -39.09
C GLY E 367 -44.40 54.83 -38.68
N ILE E 368 -45.66 54.68 -38.20
CA ILE E 368 -46.24 53.42 -37.75
C ILE E 368 -46.73 52.61 -38.96
N ILE E 369 -46.27 51.34 -39.05
CA ILE E 369 -46.69 50.38 -40.08
C ILE E 369 -48.11 49.94 -39.72
N LEU E 370 -49.05 50.21 -40.63
CA LEU E 370 -50.49 49.92 -40.47
C LEU E 370 -50.85 48.61 -41.11
N LYS E 371 -50.19 48.26 -42.22
CA LYS E 371 -50.38 47.01 -42.97
C LYS E 371 -49.07 46.72 -43.73
N ALA E 372 -48.63 45.47 -43.73
CA ALA E 372 -47.43 45.07 -44.43
C ALA E 372 -47.46 43.61 -44.80
N ALA E 373 -46.60 43.24 -45.78
CA ALA E 373 -46.43 41.90 -46.29
C ALA E 373 -44.97 41.79 -46.79
N LYS E 374 -44.12 41.05 -46.01
CA LYS E 374 -42.71 40.76 -46.30
C LYS E 374 -42.70 39.36 -46.85
N ARG E 375 -42.39 39.25 -48.14
CA ARG E 375 -42.46 37.99 -48.88
C ARG E 375 -41.17 37.73 -49.62
N PHE E 376 -40.53 36.58 -49.31
CA PHE E 376 -39.32 36.12 -49.98
C PHE E 376 -39.36 34.58 -50.07
N GLN E 377 -38.59 34.02 -51.01
CA GLN E 377 -38.52 32.61 -51.31
C GLN E 377 -37.09 32.09 -51.04
N ILE E 378 -37.03 30.84 -50.53
CA ILE E 378 -35.80 30.08 -50.32
C ILE E 378 -35.57 29.12 -51.54
N ASN E 379 -34.35 29.17 -52.08
CA ASN E 379 -34.00 28.33 -53.23
C ASN E 379 -32.66 27.63 -53.06
N ILE E 380 -32.46 26.54 -53.83
CA ILE E 380 -31.19 25.82 -53.83
C ILE E 380 -30.58 25.82 -55.23
N TYR E 381 -29.26 26.10 -55.32
CA TYR E 381 -28.59 26.05 -56.63
C TYR E 381 -28.14 24.63 -56.81
N VAL E 382 -28.68 24.01 -57.83
CA VAL E 382 -28.50 22.61 -58.18
C VAL E 382 -27.93 22.46 -59.64
N LYS E 383 -27.09 21.47 -59.87
CA LYS E 383 -26.46 21.19 -61.19
C LYS E 383 -25.83 19.81 -61.24
N LYS E 384 -25.76 19.22 -62.45
CA LYS E 384 -25.15 17.90 -62.64
C LYS E 384 -23.65 17.94 -62.35
N LEU E 385 -23.21 17.05 -61.47
CA LEU E 385 -21.83 16.92 -61.09
C LEU E 385 -21.40 15.51 -61.43
N ASP E 386 -20.38 15.39 -62.30
CA ASP E 386 -19.87 14.09 -62.77
C ASP E 386 -19.39 13.20 -61.62
N ASP E 387 -18.81 13.83 -60.58
CA ASP E 387 -18.31 13.17 -59.38
C ASP E 387 -19.41 12.68 -58.45
N PHE E 388 -20.64 13.18 -58.61
CA PHE E 388 -21.75 12.78 -57.74
C PHE E 388 -22.93 12.21 -58.52
N VAL E 389 -23.01 10.86 -58.59
CA VAL E 389 -24.08 10.15 -59.28
C VAL E 389 -25.49 10.55 -58.78
N GLU E 390 -25.58 11.04 -57.52
CA GLU E 390 -26.81 11.46 -56.86
C GLU E 390 -27.53 12.55 -57.64
N THR E 391 -26.73 13.38 -58.37
CA THR E 391 -27.20 14.51 -59.18
C THR E 391 -27.80 14.05 -60.51
N GLY E 392 -27.39 12.89 -60.98
CA GLY E 392 -27.89 12.37 -62.24
C GLY E 392 -27.54 13.25 -63.41
N ASP E 393 -28.58 13.81 -64.06
CA ASP E 393 -28.47 14.69 -65.22
C ASP E 393 -29.31 15.94 -65.01
N ILE E 394 -29.52 16.28 -63.74
CA ILE E 394 -30.26 17.45 -63.30
C ILE E 394 -29.80 18.70 -64.07
N ARG E 395 -30.80 19.49 -64.52
CA ARG E 395 -30.56 20.74 -65.23
C ARG E 395 -29.90 21.74 -64.29
N THR E 396 -29.07 22.67 -64.82
CA THR E 396 -28.43 23.67 -63.95
C THR E 396 -29.50 24.69 -63.60
N MET E 397 -29.94 24.73 -62.33
CA MET E 397 -31.05 25.61 -61.93
C MET E 397 -31.16 26.10 -60.51
N VAL E 398 -31.98 27.20 -60.36
CA VAL E 398 -32.29 27.85 -59.06
C VAL E 398 -33.57 27.14 -58.65
N PHE E 399 -33.43 26.14 -57.78
CA PHE E 399 -34.55 25.28 -57.38
C PHE E 399 -35.37 25.85 -56.21
N PRO E 400 -36.66 26.04 -56.40
CA PRO E 400 -37.48 26.59 -55.29
C PRO E 400 -37.80 25.59 -54.18
N VAL E 401 -37.54 25.97 -52.92
CA VAL E 401 -37.91 25.07 -51.80
C VAL E 401 -39.20 25.49 -51.07
N MET E 402 -39.27 26.78 -50.67
CA MET E 402 -40.40 27.31 -49.95
C MET E 402 -40.33 28.85 -49.95
N TYR E 403 -41.50 29.53 -49.75
CA TYR E 403 -41.60 30.97 -49.59
C TYR E 403 -42.54 31.30 -48.44
N LEU E 404 -42.37 32.51 -47.84
CA LEU E 404 -43.21 32.94 -46.75
C LEU E 404 -43.84 34.34 -46.91
N ASN E 405 -44.91 34.58 -46.12
CA ASN E 405 -45.56 35.86 -46.03
C ASN E 405 -45.65 36.30 -44.56
N GLU E 406 -44.62 37.06 -44.11
CA GLU E 406 -44.58 37.66 -42.78
C GLU E 406 -45.43 38.96 -42.92
N SER E 407 -46.61 39.00 -42.29
CA SER E 407 -47.57 40.10 -42.42
C SER E 407 -48.07 40.73 -41.10
N VAL E 408 -48.69 41.91 -41.18
CA VAL E 408 -49.27 42.66 -40.07
C VAL E 408 -50.45 43.61 -40.56
N HIS E 409 -51.50 43.77 -39.73
CA HIS E 409 -52.63 44.61 -40.04
C HIS E 409 -53.12 45.21 -38.71
N ILE E 410 -53.22 46.55 -38.65
CA ILE E 410 -53.70 47.29 -37.48
C ILE E 410 -55.21 47.00 -37.24
N ASP E 411 -55.59 46.78 -35.97
CA ASP E 411 -57.00 46.51 -35.61
C ASP E 411 -57.80 47.81 -35.35
N LYS E 412 -59.14 47.74 -35.55
CA LYS E 412 -60.11 48.83 -35.35
C LYS E 412 -59.95 49.58 -34.02
N GLU E 413 -59.55 48.89 -32.93
CA GLU E 413 -59.38 49.51 -31.61
C GLU E 413 -58.13 50.37 -31.58
N THR E 414 -56.95 49.79 -31.91
CA THR E 414 -55.66 50.52 -31.91
C THR E 414 -55.65 51.61 -32.98
N ALA E 415 -56.33 51.37 -34.12
CA ALA E 415 -56.42 52.33 -35.21
C ALA E 415 -57.20 53.59 -34.80
N SER E 416 -58.37 53.42 -34.14
CA SER E 416 -59.21 54.52 -33.67
C SER E 416 -58.49 55.30 -32.59
N ARG E 417 -57.72 54.59 -31.73
CA ARG E 417 -56.90 55.15 -30.67
C ARG E 417 -55.87 56.09 -31.32
N LEU E 418 -55.24 55.65 -32.43
CA LEU E 418 -54.24 56.42 -33.18
C LEU E 418 -54.81 57.67 -33.88
N LYS E 419 -56.06 57.61 -34.38
CA LYS E 419 -56.74 58.71 -35.08
C LYS E 419 -56.86 59.98 -34.20
N SER E 420 -56.88 59.81 -32.87
CA SER E 420 -56.94 60.91 -31.92
C SER E 420 -55.63 61.72 -31.95
N LYS F 33 -17.57 -9.16 15.76
CA LYS F 33 -18.74 -9.16 16.63
C LYS F 33 -19.89 -8.31 16.04
N ILE F 34 -19.52 -7.22 15.35
CA ILE F 34 -20.45 -6.30 14.67
C ILE F 34 -20.71 -6.78 13.24
N VAL F 35 -21.68 -7.71 13.10
CA VAL F 35 -22.17 -8.27 11.83
C VAL F 35 -23.67 -8.53 11.93
N LEU F 36 -24.41 -8.37 10.81
CA LEU F 36 -25.83 -8.68 10.83
C LEU F 36 -26.06 -10.19 10.63
N ARG F 37 -25.91 -10.96 11.71
CA ARG F 37 -26.05 -12.40 11.76
C ARG F 37 -26.96 -12.75 12.94
N ASN F 38 -27.98 -13.63 12.71
CA ASN F 38 -28.95 -14.02 13.73
C ASN F 38 -28.27 -14.53 15.00
N GLY F 39 -28.45 -13.80 16.11
CA GLY F 39 -27.86 -14.13 17.39
C GLY F 39 -26.91 -13.10 17.96
N THR F 40 -26.35 -12.20 17.12
CA THR F 40 -25.43 -11.16 17.59
C THR F 40 -26.19 -9.99 18.21
N GLU F 41 -25.54 -9.22 19.10
CA GLU F 41 -26.14 -8.03 19.73
C GLU F 41 -26.33 -6.95 18.66
N ALA F 42 -25.37 -6.88 17.70
CA ALA F 42 -25.34 -5.96 16.56
C ALA F 42 -26.63 -6.07 15.74
N PHE F 43 -27.07 -7.33 15.50
CA PHE F 43 -28.27 -7.69 14.75
C PHE F 43 -29.53 -7.22 15.47
N ASP F 44 -29.70 -7.59 16.75
CA ASP F 44 -30.85 -7.21 17.58
C ASP F 44 -31.05 -5.69 17.62
N SER F 45 -29.96 -4.92 17.83
CA SER F 45 -29.99 -3.46 17.86
C SER F 45 -30.27 -2.86 16.47
N TRP F 46 -30.02 -3.66 15.42
CA TRP F 46 -30.34 -3.28 14.05
C TRP F 46 -31.84 -3.53 13.75
N GLU F 47 -32.32 -4.73 14.12
CA GLU F 47 -33.71 -5.16 13.97
C GLU F 47 -34.69 -4.32 14.83
N LYS F 48 -34.33 -4.17 16.14
CA LYS F 48 -35.12 -3.42 17.11
C LYS F 48 -34.26 -2.29 17.66
N PRO F 49 -34.18 -1.12 16.95
CA PRO F 49 -33.32 -0.02 17.43
C PRO F 49 -33.72 0.44 18.85
N PRO F 50 -32.81 0.35 19.84
CA PRO F 50 -33.18 0.73 21.21
C PRO F 50 -33.29 2.22 21.46
N LEU F 51 -32.55 3.05 20.69
CA LEU F 51 -32.59 4.49 20.89
C LEU F 51 -33.81 5.16 20.29
N PRO F 52 -34.57 5.95 21.09
CA PRO F 52 -35.75 6.64 20.52
C PRO F 52 -35.37 7.87 19.70
N VAL F 53 -35.84 7.87 18.45
CA VAL F 53 -35.62 8.91 17.47
C VAL F 53 -36.85 9.83 17.48
N TYR F 54 -36.63 11.13 17.31
CA TYR F 54 -37.71 12.12 17.29
C TYR F 54 -37.63 12.94 16.01
N THR F 55 -38.80 13.43 15.51
CA THR F 55 -38.87 14.37 14.42
C THR F 55 -39.60 15.60 14.98
N GLN F 56 -38.95 16.80 14.95
CA GLN F 56 -39.55 18.06 15.34
C GLN F 56 -39.77 18.79 14.04
N PHE F 57 -41.04 19.17 13.75
CA PHE F 57 -41.45 19.91 12.55
C PHE F 57 -41.61 21.39 12.86
N TYR F 58 -41.08 22.28 11.98
CA TYR F 58 -41.20 23.75 12.12
C TYR F 58 -41.78 24.27 10.77
N PHE F 59 -42.71 25.27 10.81
CA PHE F 59 -43.38 25.82 9.61
C PHE F 59 -43.15 27.30 9.44
N PHE F 60 -43.20 27.78 8.19
CA PHE F 60 -43.04 29.22 7.95
C PHE F 60 -44.39 29.85 7.66
N ASN F 61 -44.94 30.54 8.67
CA ASN F 61 -46.24 31.15 8.54
C ASN F 61 -46.11 32.43 7.77
N VAL F 62 -46.76 32.49 6.61
CA VAL F 62 -46.72 33.61 5.67
C VAL F 62 -47.60 34.75 6.21
N THR F 63 -46.97 35.90 6.52
CA THR F 63 -47.63 37.03 7.15
C THR F 63 -48.26 38.11 6.19
N ASN F 64 -47.81 38.15 4.90
CA ASN F 64 -48.25 39.15 3.92
C ASN F 64 -48.64 38.50 2.59
N PRO F 65 -49.62 37.55 2.55
CA PRO F 65 -49.95 36.92 1.26
C PRO F 65 -50.29 37.91 0.14
N GLU F 66 -51.14 38.91 0.44
CA GLU F 66 -51.55 39.87 -0.58
C GLU F 66 -50.39 40.69 -1.15
N GLU F 67 -49.51 41.11 -0.29
CA GLU F 67 -48.37 41.90 -0.69
C GLU F 67 -47.41 41.08 -1.56
N ILE F 68 -47.27 39.76 -1.26
CA ILE F 68 -46.44 38.82 -2.03
C ILE F 68 -46.91 38.77 -3.47
N LEU F 69 -48.24 38.74 -3.67
CA LEU F 69 -48.92 38.71 -4.97
C LEU F 69 -48.71 40.01 -5.74
N ARG F 70 -48.42 41.10 -5.00
CA ARG F 70 -48.19 42.39 -5.64
C ARG F 70 -46.69 42.65 -5.88
N GLY F 71 -45.93 41.57 -5.85
CA GLY F 71 -44.50 41.57 -6.16
C GLY F 71 -43.59 41.98 -5.04
N GLU F 72 -44.09 42.04 -3.78
CA GLU F 72 -43.29 42.42 -2.63
C GLU F 72 -42.50 41.19 -2.05
N THR F 73 -41.54 41.45 -1.14
CA THR F 73 -40.74 40.40 -0.50
C THR F 73 -41.60 39.63 0.54
N PRO F 74 -41.64 38.28 0.46
CA PRO F 74 -42.34 37.52 1.51
C PRO F 74 -41.80 37.76 2.93
N ARG F 75 -42.69 37.69 3.91
CA ARG F 75 -42.35 37.83 5.31
C ARG F 75 -42.94 36.63 6.03
N VAL F 76 -42.07 35.75 6.56
CA VAL F 76 -42.50 34.54 7.27
C VAL F 76 -42.13 34.49 8.73
N GLU F 77 -42.99 33.85 9.53
CA GLU F 77 -42.79 33.65 10.97
C GLU F 77 -42.66 32.15 11.22
N GLU F 78 -41.63 31.77 11.96
CA GLU F 78 -41.31 30.37 12.21
C GLU F 78 -42.07 29.82 13.40
N VAL F 79 -43.00 28.93 13.10
CA VAL F 79 -43.89 28.24 14.03
C VAL F 79 -43.40 26.80 14.21
N GLY F 80 -43.12 26.44 15.45
CA GLY F 80 -42.60 25.14 15.84
C GLY F 80 -42.02 25.14 17.24
N PRO F 81 -41.61 23.99 17.77
CA PRO F 81 -41.66 22.66 17.15
C PRO F 81 -42.94 21.90 17.42
N TYR F 82 -43.28 21.08 16.45
CA TYR F 82 -44.36 20.10 16.52
C TYR F 82 -43.66 18.74 16.56
N THR F 83 -43.41 18.26 17.80
CA THR F 83 -42.66 17.07 18.21
C THR F 83 -43.43 15.73 18.13
N TYR F 84 -42.80 14.78 17.46
CA TYR F 84 -43.34 13.46 17.26
C TYR F 84 -42.24 12.47 17.56
N ARG F 85 -42.52 11.52 18.49
CA ARG F 85 -41.60 10.44 18.81
C ARG F 85 -41.79 9.39 17.72
N GLU F 86 -40.69 8.83 17.19
CA GLU F 86 -40.78 7.81 16.13
C GLU F 86 -40.92 6.40 16.69
N LEU F 87 -41.49 5.51 15.89
CA LEU F 87 -41.65 4.07 16.19
C LEU F 87 -41.00 3.32 15.03
N ARG F 88 -39.78 2.75 15.25
CA ARG F 88 -39.03 2.10 14.19
C ARG F 88 -38.82 0.61 14.39
N ASN F 89 -38.93 -0.15 13.30
CA ASN F 89 -38.70 -1.59 13.32
C ASN F 89 -38.48 -2.13 11.92
N LYS F 90 -37.52 -3.07 11.80
CA LYS F 90 -37.19 -3.69 10.51
C LYS F 90 -38.11 -4.86 10.29
N ALA F 91 -38.86 -4.85 9.17
CA ALA F 91 -39.76 -5.95 8.82
C ALA F 91 -39.33 -6.70 7.54
N ASN F 92 -39.96 -7.87 7.29
CA ASN F 92 -39.68 -8.73 6.14
C ASN F 92 -38.18 -9.05 6.00
N ILE F 93 -37.56 -9.48 7.11
CA ILE F 93 -36.14 -9.81 7.14
C ILE F 93 -35.88 -11.16 6.47
N GLN F 94 -34.87 -11.20 5.57
CA GLN F 94 -34.45 -12.39 4.83
C GLN F 94 -32.95 -12.31 4.54
N PHE F 95 -32.22 -13.38 4.93
CA PHE F 95 -30.78 -13.52 4.72
C PHE F 95 -30.47 -14.08 3.34
N GLY F 96 -29.30 -13.73 2.82
CA GLY F 96 -28.88 -14.15 1.49
C GLY F 96 -27.39 -14.30 1.23
N ASP F 97 -27.08 -14.78 0.00
CA ASP F 97 -25.75 -14.98 -0.61
C ASP F 97 -24.70 -15.55 0.36
N ASN F 98 -25.06 -16.64 1.08
CA ASN F 98 -24.22 -17.35 2.08
C ASN F 98 -23.89 -16.42 3.28
N GLY F 99 -24.89 -15.69 3.74
CA GLY F 99 -24.76 -14.77 4.86
C GLY F 99 -24.02 -13.48 4.57
N THR F 100 -23.81 -13.17 3.26
CA THR F 100 -23.10 -11.96 2.81
C THR F 100 -24.04 -10.74 2.75
N THR F 101 -25.34 -10.99 2.50
CA THR F 101 -26.40 -9.97 2.37
C THR F 101 -27.63 -10.26 3.24
N ILE F 102 -28.48 -9.23 3.43
CA ILE F 102 -29.71 -9.25 4.21
C ILE F 102 -30.66 -8.25 3.59
N SER F 103 -31.94 -8.60 3.53
CA SER F 103 -32.98 -7.74 2.95
C SER F 103 -34.01 -7.46 4.01
N ALA F 104 -34.50 -6.22 4.04
CA ALA F 104 -35.52 -5.78 4.99
C ALA F 104 -36.15 -4.43 4.55
N VAL F 105 -37.27 -4.07 5.19
CA VAL F 105 -37.94 -2.80 5.03
C VAL F 105 -37.84 -2.13 6.40
N SER F 106 -37.91 -0.79 6.47
CA SER F 106 -37.82 -0.15 7.76
C SER F 106 -39.04 0.73 7.98
N ASN F 107 -39.98 0.21 8.80
CA ASN F 107 -41.23 0.93 9.15
C ASN F 107 -40.98 1.99 10.18
N LYS F 108 -41.55 3.15 9.94
CA LYS F 108 -41.45 4.36 10.74
C LYS F 108 -42.87 4.94 10.92
N ALA F 109 -43.23 5.14 12.20
CA ALA F 109 -44.51 5.70 12.60
C ALA F 109 -44.25 6.86 13.58
N TYR F 110 -45.05 7.91 13.49
CA TYR F 110 -44.89 9.09 14.33
C TYR F 110 -45.97 9.19 15.40
N VAL F 111 -45.57 9.37 16.67
CA VAL F 111 -46.48 9.55 17.81
C VAL F 111 -46.28 10.98 18.37
N PHE F 112 -47.33 11.81 18.27
CA PHE F 112 -47.27 13.20 18.73
C PHE F 112 -47.13 13.36 20.22
N GLU F 113 -46.23 14.27 20.63
CA GLU F 113 -45.94 14.58 22.02
C GLU F 113 -46.29 16.05 22.32
N ARG F 114 -47.51 16.31 22.83
CA ARG F 114 -47.96 17.67 23.16
C ARG F 114 -47.04 18.37 24.17
N ASP F 115 -46.68 17.68 25.26
CA ASP F 115 -45.81 18.19 26.30
C ASP F 115 -44.50 18.80 25.74
N GLN F 116 -43.93 18.20 24.67
CA GLN F 116 -42.71 18.66 24.04
C GLN F 116 -42.97 19.55 22.81
N SER F 117 -44.21 20.08 22.62
CA SER F 117 -44.59 20.91 21.45
C SER F 117 -45.17 22.27 21.80
N VAL F 118 -44.90 23.26 20.92
CA VAL F 118 -45.36 24.63 21.03
C VAL F 118 -46.92 24.69 20.92
N GLY F 119 -47.55 23.66 20.36
CA GLY F 119 -49.01 23.66 20.24
C GLY F 119 -49.67 22.41 19.70
N ASP F 120 -51.02 22.46 19.59
CA ASP F 120 -51.77 21.33 19.10
C ASP F 120 -51.87 21.37 17.55
N PRO F 121 -51.27 20.40 16.81
CA PRO F 121 -51.27 20.47 15.35
C PRO F 121 -52.64 20.34 14.74
N LYS F 122 -53.58 19.82 15.53
CA LYS F 122 -54.97 19.67 15.13
C LYS F 122 -55.74 21.01 15.30
N ILE F 123 -55.12 22.01 15.97
CA ILE F 123 -55.70 23.34 16.20
C ILE F 123 -54.91 24.46 15.54
N ASP F 124 -53.58 24.49 15.76
CA ASP F 124 -52.68 25.49 15.21
C ASP F 124 -52.74 25.52 13.67
N LEU F 125 -52.97 26.74 13.12
CA LEU F 125 -53.13 27.04 11.70
C LEU F 125 -51.88 27.67 11.08
N ILE F 126 -51.55 27.24 9.86
CA ILE F 126 -50.47 27.77 9.04
C ILE F 126 -51.00 28.24 7.66
N ARG F 127 -50.61 29.47 7.25
CA ARG F 127 -50.90 30.00 5.92
C ARG F 127 -49.63 29.82 5.04
N THR F 128 -49.69 28.94 4.00
CA THR F 128 -48.58 28.74 3.04
C THR F 128 -49.03 28.65 1.61
N LEU F 129 -48.19 28.08 0.77
CA LEU F 129 -48.52 27.93 -0.63
C LEU F 129 -49.53 26.82 -0.83
N ASN F 130 -50.30 26.90 -1.92
CA ASN F 130 -51.28 25.89 -2.28
C ASN F 130 -50.58 24.86 -3.17
N ILE F 131 -49.81 23.96 -2.52
CA ILE F 131 -49.05 22.92 -3.19
C ILE F 131 -49.94 22.12 -4.15
N PRO F 132 -51.15 21.59 -3.75
CA PRO F 132 -52.00 20.88 -4.73
C PRO F 132 -52.18 21.63 -6.03
N VAL F 133 -52.58 22.91 -6.00
CA VAL F 133 -52.74 23.66 -7.25
C VAL F 133 -51.42 23.93 -7.96
N LEU F 134 -50.35 24.29 -7.23
CA LEU F 134 -49.08 24.56 -7.91
C LEU F 134 -48.53 23.34 -8.65
N THR F 135 -48.87 22.17 -8.11
CA THR F 135 -48.45 20.87 -8.62
C THR F 135 -49.20 20.62 -9.95
N VAL F 136 -50.53 20.78 -9.93
CA VAL F 136 -51.28 20.53 -11.15
C VAL F 136 -50.83 21.49 -12.24
N ILE F 137 -50.71 22.80 -11.92
CA ILE F 137 -50.26 23.85 -12.85
C ILE F 137 -48.94 23.35 -13.50
N GLU F 138 -48.05 22.74 -12.69
CA GLU F 138 -46.78 22.21 -13.17
C GLU F 138 -46.94 21.01 -14.13
N TRP F 139 -47.69 19.96 -13.69
CA TRP F 139 -47.98 18.76 -14.47
C TRP F 139 -48.57 19.16 -15.82
N SER F 140 -49.55 20.06 -15.77
CA SER F 140 -50.29 20.53 -16.91
C SER F 140 -49.49 21.53 -17.77
N GLN F 141 -48.93 21.07 -18.91
CA GLN F 141 -48.21 22.03 -19.76
C GLN F 141 -48.89 22.33 -21.10
N VAL F 142 -49.88 21.52 -21.51
CA VAL F 142 -50.67 21.74 -22.71
C VAL F 142 -51.64 22.98 -22.55
N HIS F 143 -51.52 23.95 -23.47
CA HIS F 143 -52.31 25.19 -23.60
C HIS F 143 -53.74 25.03 -23.10
N PHE F 144 -54.46 24.03 -23.67
CA PHE F 144 -55.85 23.71 -23.37
C PHE F 144 -56.17 23.34 -21.92
N LEU F 145 -55.48 22.35 -21.32
CA LEU F 145 -55.67 21.95 -19.93
C LEU F 145 -55.41 23.12 -18.96
N ARG F 146 -54.41 24.00 -19.26
CA ARG F 146 -54.03 25.16 -18.44
C ARG F 146 -55.14 26.19 -18.38
N GLU F 147 -55.98 26.31 -19.43
CA GLU F 147 -57.13 27.22 -19.39
C GLU F 147 -58.29 26.56 -18.63
N ILE F 148 -58.36 25.20 -18.68
CA ILE F 148 -59.35 24.38 -17.99
C ILE F 148 -59.07 24.44 -16.47
N ILE F 149 -57.83 24.21 -16.06
CA ILE F 149 -57.44 24.35 -14.65
C ILE F 149 -57.82 25.77 -14.16
N GLU F 150 -57.47 26.81 -14.94
CA GLU F 150 -57.73 28.19 -14.67
C GLU F 150 -59.25 28.39 -14.55
N ALA F 151 -60.02 27.66 -15.37
CA ALA F 151 -61.49 27.68 -15.29
C ALA F 151 -61.99 27.14 -13.93
N MET F 152 -61.41 26.05 -13.36
CA MET F 152 -61.84 25.51 -12.05
C MET F 152 -61.36 26.36 -10.87
N LEU F 153 -60.15 26.95 -10.98
CA LEU F 153 -59.64 27.81 -9.91
C LEU F 153 -60.55 29.05 -9.79
N LYS F 154 -61.06 29.57 -10.92
CA LYS F 154 -61.93 30.74 -10.91
C LYS F 154 -63.37 30.43 -10.48
N ALA F 155 -63.83 29.19 -10.68
CA ALA F 155 -65.16 28.77 -10.26
C ALA F 155 -65.15 28.52 -8.77
N TYR F 156 -64.23 27.65 -8.30
CA TYR F 156 -64.12 27.21 -6.90
C TYR F 156 -63.36 28.18 -6.00
N GLN F 157 -63.10 29.39 -6.56
CA GLN F 157 -62.47 30.51 -5.89
C GLN F 157 -61.17 30.08 -5.14
N GLN F 158 -60.33 29.27 -5.80
CA GLN F 158 -59.10 28.81 -5.18
C GLN F 158 -57.96 29.82 -5.30
N LYS F 159 -57.14 29.93 -4.22
CA LYS F 159 -56.06 30.91 -4.03
C LYS F 159 -54.66 30.27 -3.87
N LEU F 160 -53.60 31.08 -4.10
CA LEU F 160 -52.21 30.60 -3.97
C LEU F 160 -51.82 30.40 -2.53
N PHE F 161 -52.33 31.23 -1.63
CA PHE F 161 -52.09 31.16 -0.19
C PHE F 161 -53.33 30.65 0.50
N VAL F 162 -53.13 29.55 1.21
CA VAL F 162 -54.17 28.78 1.89
C VAL F 162 -53.78 28.48 3.38
N THR F 163 -54.80 28.38 4.26
CA THR F 163 -54.62 28.12 5.68
C THR F 163 -55.24 26.79 6.08
N HIS F 164 -54.47 25.96 6.76
CA HIS F 164 -54.92 24.66 7.24
C HIS F 164 -54.29 24.38 8.59
N THR F 165 -54.71 23.29 9.26
CA THR F 165 -54.04 22.92 10.51
C THR F 165 -52.71 22.23 10.19
N VAL F 166 -51.75 22.29 11.13
CA VAL F 166 -50.45 21.66 11.03
C VAL F 166 -50.70 20.17 10.67
N ASP F 167 -51.64 19.54 11.38
CA ASP F 167 -52.04 18.17 11.13
C ASP F 167 -52.36 17.93 9.67
N GLU F 168 -53.20 18.80 9.08
CA GLU F 168 -53.60 18.72 7.66
C GLU F 168 -52.41 18.72 6.68
N LEU F 169 -51.58 19.78 6.69
CA LEU F 169 -50.38 19.92 5.86
C LEU F 169 -49.40 18.76 6.05
N LEU F 170 -49.35 18.18 7.24
CA LEU F 170 -48.44 17.08 7.47
C LEU F 170 -49.05 15.73 6.99
N TRP F 171 -50.15 15.37 7.61
CA TRP F 171 -50.78 14.09 7.40
C TRP F 171 -51.80 13.98 6.31
N GLY F 172 -52.34 15.12 5.87
CA GLY F 172 -53.24 15.15 4.73
C GLY F 172 -54.55 15.87 4.92
N TYR F 173 -55.13 16.32 3.79
CA TYR F 173 -56.46 16.92 3.71
C TYR F 173 -57.04 16.66 2.29
N LYS F 174 -58.36 16.53 2.15
CA LYS F 174 -58.98 16.37 0.83
C LYS F 174 -58.94 17.74 0.15
N ASP F 175 -58.33 17.85 -1.02
CA ASP F 175 -58.36 19.14 -1.71
C ASP F 175 -59.53 19.18 -2.74
N GLU F 176 -60.24 20.32 -2.79
CA GLU F 176 -61.35 20.60 -3.70
C GLU F 176 -61.02 20.41 -5.19
N ILE F 177 -59.93 21.05 -5.69
CA ILE F 177 -59.51 20.94 -7.10
C ILE F 177 -59.17 19.46 -7.39
N LEU F 178 -58.23 18.88 -6.61
CA LEU F 178 -57.84 17.49 -6.83
C LEU F 178 -59.03 16.51 -6.86
N SER F 179 -60.03 16.71 -5.95
CA SER F 179 -61.24 15.89 -5.86
C SER F 179 -61.91 15.84 -7.23
N LEU F 180 -62.01 17.05 -7.85
CA LEU F 180 -62.60 17.26 -9.17
C LEU F 180 -61.73 16.63 -10.28
N ILE F 181 -60.39 16.83 -10.20
CA ILE F 181 -59.46 16.25 -11.18
C ILE F 181 -59.57 14.75 -11.14
N HIS F 182 -59.60 14.16 -9.94
CA HIS F 182 -59.76 12.72 -9.71
C HIS F 182 -60.92 12.11 -10.49
N VAL F 183 -62.03 12.89 -10.66
CA VAL F 183 -63.21 12.45 -11.41
C VAL F 183 -62.83 12.13 -12.88
N PHE F 184 -61.96 12.96 -13.45
CA PHE F 184 -61.49 12.82 -14.83
C PHE F 184 -60.22 12.01 -14.95
N ARG F 185 -59.30 12.15 -13.95
CA ARG F 185 -58.03 11.42 -13.95
C ARG F 185 -57.90 10.59 -12.65
N PRO F 186 -58.46 9.34 -12.61
CA PRO F 186 -58.42 8.54 -11.38
C PRO F 186 -57.04 8.15 -10.81
N ASP F 187 -55.96 8.40 -11.56
CA ASP F 187 -54.58 8.22 -11.13
C ASP F 187 -54.21 9.35 -10.14
N ILE F 188 -54.82 10.53 -10.32
CA ILE F 188 -54.59 11.72 -9.49
C ILE F 188 -55.42 11.66 -8.21
N SER F 189 -54.72 11.68 -7.06
CA SER F 189 -55.26 11.61 -5.71
C SER F 189 -55.99 12.84 -5.31
N PRO F 190 -57.17 12.70 -4.69
CA PRO F 190 -57.86 13.90 -4.17
C PRO F 190 -57.20 14.44 -2.92
N TYR F 191 -56.21 13.70 -2.35
CA TYR F 191 -55.53 14.10 -1.13
C TYR F 191 -54.18 14.76 -1.30
N PHE F 192 -53.79 15.52 -0.25
CA PHE F 192 -52.49 16.15 -0.15
C PHE F 192 -52.07 16.32 1.29
N GLY F 193 -50.79 16.05 1.52
CA GLY F 193 -50.08 16.25 2.78
C GLY F 193 -48.60 16.12 2.49
N LEU F 194 -47.76 16.87 3.21
CA LEU F 194 -46.31 16.79 3.05
C LEU F 194 -45.80 15.39 3.39
N PHE F 195 -46.44 14.73 4.37
CA PHE F 195 -46.12 13.38 4.80
C PHE F 195 -47.33 12.47 4.69
N TYR F 196 -48.23 12.74 3.70
CA TYR F 196 -49.45 11.95 3.43
C TYR F 196 -49.07 10.52 3.16
N GLU F 197 -49.69 9.57 3.91
CA GLU F 197 -49.49 8.09 3.83
C GLU F 197 -48.09 7.60 4.21
N LYS F 198 -47.44 8.35 5.12
CA LYS F 198 -46.09 8.01 5.58
C LYS F 198 -46.02 7.45 7.00
N ASN F 199 -47.09 7.67 7.81
CA ASN F 199 -47.16 7.13 9.17
C ASN F 199 -47.45 5.61 9.11
N GLY F 200 -46.47 4.79 9.52
CA GLY F 200 -46.62 3.33 9.52
C GLY F 200 -45.88 2.61 8.42
N THR F 201 -45.70 3.26 7.26
CA THR F 201 -45.03 2.72 6.08
C THR F 201 -43.50 2.81 6.12
N ASN F 202 -42.86 2.29 5.05
CA ASN F 202 -41.41 2.24 4.79
C ASN F 202 -41.07 2.96 3.48
N ASP F 203 -39.77 3.20 3.25
CA ASP F 203 -39.24 3.87 2.08
C ASP F 203 -38.76 2.86 1.01
N GLY F 204 -39.48 1.77 0.87
CA GLY F 204 -39.13 0.76 -0.12
C GLY F 204 -38.23 -0.33 0.41
N ASP F 205 -38.05 -1.39 -0.40
CA ASP F 205 -37.24 -2.57 -0.09
C ASP F 205 -35.77 -2.29 -0.24
N TYR F 206 -34.98 -2.87 0.66
CA TYR F 206 -33.56 -2.66 0.71
C TYR F 206 -32.82 -3.93 0.90
N VAL F 207 -31.66 -4.03 0.27
CA VAL F 207 -30.79 -5.18 0.48
C VAL F 207 -29.45 -4.64 0.93
N PHE F 208 -29.11 -4.97 2.17
CA PHE F 208 -27.89 -4.53 2.85
C PHE F 208 -26.86 -5.59 2.86
N LEU F 209 -25.63 -5.16 2.66
CA LEU F 209 -24.42 -5.95 2.72
C LEU F 209 -24.05 -6.07 4.22
N THR F 210 -23.99 -7.32 4.72
CA THR F 210 -23.61 -7.66 6.11
C THR F 210 -22.12 -7.31 6.28
N GLY F 211 -21.64 -7.14 7.50
CA GLY F 211 -20.20 -6.93 7.66
C GLY F 211 -19.36 -8.21 7.61
N GLU F 212 -19.89 -9.31 7.02
CA GLU F 212 -19.23 -10.63 6.99
C GLU F 212 -18.03 -10.75 6.04
N ASP F 213 -18.14 -10.21 4.82
CA ASP F 213 -17.10 -10.19 3.78
C ASP F 213 -15.96 -9.22 4.12
N SER F 214 -16.30 -8.12 4.80
CA SER F 214 -15.44 -7.02 5.24
C SER F 214 -16.31 -6.16 6.12
N TYR F 215 -15.76 -5.72 7.27
CA TYR F 215 -16.45 -4.85 8.22
C TYR F 215 -16.77 -3.51 7.57
N LEU F 216 -15.93 -3.03 6.62
CA LEU F 216 -16.09 -1.74 5.92
C LEU F 216 -17.40 -1.67 5.15
N ASN F 217 -17.89 -2.85 4.79
CA ASN F 217 -19.11 -3.11 4.08
C ASN F 217 -20.30 -3.35 5.03
N PHE F 218 -20.13 -3.18 6.38
CA PHE F 218 -21.23 -3.31 7.36
C PHE F 218 -22.33 -2.30 7.05
N THR F 219 -23.55 -2.82 6.85
CA THR F 219 -24.78 -2.12 6.51
C THR F 219 -24.76 -1.29 5.19
N LYS F 220 -23.76 -1.54 4.31
CA LYS F 220 -23.64 -0.84 3.03
C LYS F 220 -24.85 -1.18 2.17
N ILE F 221 -25.51 -0.15 1.59
CA ILE F 221 -26.67 -0.42 0.72
C ILE F 221 -26.16 -0.92 -0.64
N VAL F 222 -26.70 -2.05 -1.12
CA VAL F 222 -26.35 -2.65 -2.42
C VAL F 222 -27.51 -2.61 -3.45
N GLU F 223 -28.75 -2.45 -2.98
CA GLU F 223 -29.93 -2.35 -3.84
C GLU F 223 -31.06 -1.62 -3.11
N TRP F 224 -31.81 -0.82 -3.86
CA TRP F 224 -33.00 -0.09 -3.41
C TRP F 224 -34.05 -0.20 -4.52
N ASN F 225 -35.19 -0.84 -4.18
CA ASN F 225 -36.31 -1.11 -5.07
C ASN F 225 -35.81 -1.83 -6.33
N GLY F 226 -35.06 -2.90 -6.10
CA GLY F 226 -34.52 -3.76 -7.15
C GLY F 226 -33.40 -3.20 -8.00
N LYS F 227 -33.17 -1.87 -7.91
CA LYS F 227 -32.14 -1.20 -8.68
C LYS F 227 -30.85 -1.05 -7.85
N THR F 228 -29.68 -1.22 -8.46
CA THR F 228 -28.41 -1.03 -7.75
C THR F 228 -28.00 0.45 -7.79
N SER F 229 -28.65 1.22 -8.69
CA SER F 229 -28.41 2.66 -8.83
C SER F 229 -29.71 3.43 -9.05
N LEU F 230 -29.66 4.76 -8.93
CA LEU F 230 -30.81 5.62 -9.20
C LEU F 230 -30.90 5.86 -10.71
N ASP F 231 -32.06 6.36 -11.19
CA ASP F 231 -32.19 6.63 -12.62
C ASP F 231 -32.69 8.03 -12.91
N TRP F 232 -32.97 8.80 -11.85
CA TRP F 232 -33.50 10.15 -12.03
C TRP F 232 -32.51 11.30 -12.22
N TRP F 233 -31.20 11.04 -12.09
CA TRP F 233 -30.19 12.07 -12.31
C TRP F 233 -29.50 12.00 -13.70
N ILE F 234 -28.70 13.03 -14.03
CA ILE F 234 -28.03 13.22 -15.32
C ILE F 234 -26.70 12.46 -15.53
N THR F 235 -25.88 12.32 -14.49
CA THR F 235 -24.62 11.61 -14.67
C THR F 235 -24.60 10.32 -13.92
N ASP F 236 -23.79 9.34 -14.40
CA ASP F 236 -23.59 8.02 -13.77
C ASP F 236 -23.17 8.17 -12.30
N LYS F 237 -22.28 9.14 -12.02
CA LYS F 237 -21.79 9.41 -10.67
C LYS F 237 -22.92 9.84 -9.74
N CYS F 238 -23.77 10.77 -10.20
CA CYS F 238 -24.90 11.32 -9.44
C CYS F 238 -25.96 10.30 -9.06
N ASN F 239 -26.13 9.26 -9.91
CA ASN F 239 -27.09 8.18 -9.75
C ASN F 239 -26.61 7.03 -8.84
N MET F 240 -25.41 7.12 -8.29
CA MET F 240 -24.86 6.09 -7.40
C MET F 240 -25.55 6.00 -6.03
N ILE F 241 -25.74 4.77 -5.54
CA ILE F 241 -26.29 4.56 -4.20
C ILE F 241 -25.08 4.30 -3.32
N ASN F 242 -24.78 5.29 -2.46
CA ASN F 242 -23.60 5.30 -1.63
C ASN F 242 -23.86 5.21 -0.13
N GLY F 243 -23.06 4.39 0.53
CA GLY F 243 -23.13 4.23 1.97
C GLY F 243 -24.28 3.44 2.55
N THR F 244 -24.62 3.79 3.80
CA THR F 244 -25.64 3.16 4.61
C THR F 244 -26.85 4.09 4.64
N ASP F 245 -27.96 3.64 5.24
CA ASP F 245 -29.19 4.42 5.43
C ASP F 245 -28.98 5.57 6.46
N GLY F 246 -27.78 5.65 7.04
CA GLY F 246 -27.43 6.69 7.98
C GLY F 246 -27.80 6.41 9.42
N ASP F 247 -28.51 5.30 9.68
CA ASP F 247 -28.91 4.90 11.03
C ASP F 247 -27.79 4.13 11.74
N SER F 248 -26.69 3.81 11.01
CA SER F 248 -25.51 3.04 11.47
C SER F 248 -24.31 3.25 10.55
N PHE F 249 -23.06 2.92 11.06
CA PHE F 249 -21.81 3.02 10.29
C PHE F 249 -20.89 1.86 10.60
N HIS F 250 -19.97 1.51 9.67
CA HIS F 250 -19.01 0.41 9.89
C HIS F 250 -18.18 0.62 11.17
N PRO F 251 -17.72 -0.46 11.86
CA PRO F 251 -16.89 -0.24 13.05
C PRO F 251 -15.47 0.16 12.63
N LEU F 252 -14.67 0.67 13.57
CA LEU F 252 -13.26 1.07 13.33
C LEU F 252 -13.18 2.14 12.23
N ILE F 253 -13.81 3.30 12.53
CA ILE F 253 -13.80 4.45 11.63
C ILE F 253 -12.51 5.24 11.83
N THR F 254 -12.03 5.90 10.76
CA THR F 254 -10.81 6.71 10.82
C THR F 254 -11.13 8.18 10.49
N LYS F 255 -10.54 9.12 11.27
CA LYS F 255 -10.68 10.57 11.18
C LYS F 255 -10.55 11.15 9.75
N ASP F 256 -9.90 10.41 8.83
CA ASP F 256 -9.64 10.80 7.45
C ASP F 256 -10.74 10.44 6.48
N GLU F 257 -11.53 9.37 6.76
CA GLU F 257 -12.54 8.84 5.84
C GLU F 257 -13.85 9.55 5.79
N VAL F 258 -14.26 9.83 4.57
CA VAL F 258 -15.51 10.51 4.24
C VAL F 258 -16.60 9.44 4.30
N LEU F 259 -17.73 9.69 5.01
CA LEU F 259 -18.78 8.68 5.13
C LEU F 259 -19.98 8.96 4.29
N TYR F 260 -20.37 8.04 3.38
CA TYR F 260 -21.57 8.22 2.52
C TYR F 260 -22.87 7.73 3.17
N VAL F 261 -23.95 8.44 2.94
CA VAL F 261 -25.30 8.09 3.41
C VAL F 261 -26.28 8.21 2.24
N PHE F 262 -27.25 7.26 2.12
CA PHE F 262 -28.30 7.35 1.11
C PHE F 262 -29.64 7.71 1.79
N PRO F 263 -29.93 9.03 1.95
CA PRO F 263 -31.21 9.40 2.56
C PRO F 263 -32.24 9.40 1.46
N SER F 264 -32.94 8.26 1.32
CA SER F 264 -34.00 7.96 0.36
C SER F 264 -34.85 9.21 0.01
N ASP F 265 -35.31 9.96 1.06
CA ASP F 265 -36.18 11.13 0.92
C ASP F 265 -35.53 12.32 0.23
N PHE F 266 -34.21 12.46 0.36
CA PHE F 266 -33.42 13.55 -0.21
C PHE F 266 -33.15 13.26 -1.68
N CYS F 267 -33.50 12.05 -2.12
CA CYS F 267 -33.41 11.55 -3.49
C CYS F 267 -32.04 11.40 -4.10
N ARG F 268 -31.00 11.31 -3.25
CA ARG F 268 -29.63 11.22 -3.70
C ARG F 268 -28.67 10.94 -2.55
N SER F 269 -27.61 10.16 -2.84
CA SER F 269 -26.56 9.84 -1.86
C SER F 269 -25.86 11.14 -1.43
N VAL F 270 -25.34 11.15 -0.20
CA VAL F 270 -24.72 12.31 0.44
C VAL F 270 -23.56 11.79 1.23
N TYR F 271 -22.48 12.58 1.41
CA TYR F 271 -21.36 12.17 2.26
C TYR F 271 -21.23 13.14 3.44
N ILE F 272 -20.77 12.68 4.59
CA ILE F 272 -20.62 13.50 5.79
C ILE F 272 -19.08 13.46 6.15
N THR F 273 -18.46 14.61 6.54
CA THR F 273 -17.03 14.74 6.82
C THR F 273 -16.70 15.02 8.30
N PHE F 274 -15.53 14.51 8.77
CA PHE F 274 -15.06 14.69 10.15
C PHE F 274 -14.83 16.15 10.47
N SER F 275 -15.41 16.58 11.58
CA SER F 275 -15.31 17.93 12.09
C SER F 275 -14.33 17.99 13.32
N ASP F 276 -14.66 17.27 14.43
CA ASP F 276 -13.88 17.25 15.67
C ASP F 276 -14.18 16.05 16.60
N TYR F 277 -13.38 15.92 17.69
CA TYR F 277 -13.56 14.88 18.71
C TYR F 277 -14.56 15.38 19.77
N GLU F 278 -15.55 14.55 20.12
CA GLU F 278 -16.58 14.84 21.11
C GLU F 278 -16.87 13.72 22.07
N SER F 279 -17.42 14.09 23.23
CA SER F 279 -17.79 13.17 24.29
C SER F 279 -19.31 13.22 24.49
N VAL F 280 -19.97 12.10 24.20
CA VAL F 280 -21.41 11.95 24.42
C VAL F 280 -21.55 10.99 25.57
N GLN F 281 -22.29 11.39 26.62
CA GLN F 281 -22.44 10.66 27.89
C GLN F 281 -20.98 10.50 28.34
N GLY F 282 -20.49 9.28 28.44
CA GLY F 282 -19.09 9.08 28.78
C GLY F 282 -18.29 8.34 27.74
N LEU F 283 -18.75 8.42 26.48
CA LEU F 283 -18.18 7.71 25.34
C LEU F 283 -17.51 8.64 24.33
N PRO F 284 -16.37 8.23 23.74
CA PRO F 284 -15.71 9.06 22.73
C PRO F 284 -16.46 9.01 21.40
N ALA F 285 -16.35 10.09 20.61
CA ALA F 285 -17.04 10.14 19.34
C ALA F 285 -16.36 11.08 18.35
N PHE F 286 -16.59 10.85 17.06
CA PHE F 286 -16.14 11.73 15.99
C PHE F 286 -17.36 12.44 15.49
N ARG F 287 -17.29 13.78 15.48
CA ARG F 287 -18.33 14.71 15.02
C ARG F 287 -18.22 14.79 13.52
N TYR F 288 -19.22 14.26 12.88
CA TYR F 288 -19.28 14.27 11.42
C TYR F 288 -20.39 15.18 11.01
N LYS F 289 -20.12 16.08 10.05
CA LYS F 289 -21.13 17.07 9.59
C LYS F 289 -21.32 17.01 8.09
N VAL F 290 -22.50 17.46 7.59
CA VAL F 290 -22.71 17.58 6.14
C VAL F 290 -21.95 18.86 5.70
N PRO F 291 -20.90 18.69 4.86
CA PRO F 291 -20.11 19.87 4.41
C PRO F 291 -20.86 20.65 3.32
N ALA F 292 -20.47 21.94 3.10
CA ALA F 292 -21.09 22.88 2.15
C ALA F 292 -21.13 22.39 0.71
N GLU F 293 -20.03 21.72 0.27
CA GLU F 293 -19.83 21.14 -1.06
C GLU F 293 -21.01 20.30 -1.55
N ILE F 294 -21.66 19.57 -0.64
CA ILE F 294 -22.80 18.70 -0.89
C ILE F 294 -23.83 19.30 -1.82
N LEU F 295 -24.29 20.52 -1.55
CA LEU F 295 -25.30 21.19 -2.36
C LEU F 295 -24.77 22.38 -3.16
N ALA F 296 -23.43 22.60 -3.13
CA ALA F 296 -22.76 23.70 -3.84
C ALA F 296 -22.77 23.46 -5.34
N ASN F 297 -22.74 24.55 -6.16
CA ASN F 297 -22.74 24.51 -7.63
C ASN F 297 -21.34 24.13 -8.18
N THR F 298 -21.01 22.84 -8.06
CA THR F 298 -19.71 22.30 -8.47
C THR F 298 -19.87 21.33 -9.63
N SER F 299 -18.73 20.90 -10.23
CA SER F 299 -18.69 19.95 -11.34
C SER F 299 -19.27 18.61 -10.91
N ASP F 300 -18.96 18.20 -9.64
CA ASP F 300 -19.43 16.95 -9.03
C ASP F 300 -20.95 16.95 -8.82
N ASN F 301 -21.53 18.14 -8.70
CA ASN F 301 -22.96 18.32 -8.50
C ASN F 301 -23.73 18.77 -9.76
N ALA F 302 -23.06 18.77 -10.93
CA ALA F 302 -23.64 19.21 -12.20
C ALA F 302 -24.83 18.36 -12.65
N GLY F 303 -24.67 17.03 -12.52
CA GLY F 303 -25.67 16.02 -12.87
C GLY F 303 -26.93 16.05 -12.03
N PHE F 304 -26.98 16.90 -11.00
CA PHE F 304 -28.15 17.08 -10.15
C PHE F 304 -29.05 18.19 -10.71
N CYS F 305 -28.74 18.66 -11.92
CA CYS F 305 -29.46 19.72 -12.60
C CYS F 305 -30.07 19.25 -13.90
N ILE F 306 -31.35 18.89 -13.80
CA ILE F 306 -32.14 18.33 -14.89
C ILE F 306 -32.28 19.20 -16.16
N PRO F 307 -32.35 20.57 -16.08
CA PRO F 307 -32.46 21.34 -17.32
C PRO F 307 -31.10 21.45 -18.03
N GLU F 308 -30.71 20.37 -18.72
CA GLU F 308 -29.46 20.28 -19.48
C GLU F 308 -28.20 20.86 -18.80
N GLY F 309 -28.09 20.70 -17.49
CA GLY F 309 -26.96 21.20 -16.71
C GLY F 309 -27.18 22.53 -15.99
N ASN F 310 -28.23 23.29 -16.36
CA ASN F 310 -28.59 24.59 -15.78
C ASN F 310 -29.05 24.40 -14.31
N CYS F 311 -28.23 24.88 -13.36
CA CYS F 311 -28.50 24.74 -11.93
C CYS F 311 -29.16 25.94 -11.31
N LEU F 312 -30.07 25.68 -10.35
CA LEU F 312 -30.83 26.73 -9.65
C LEU F 312 -29.94 27.60 -8.78
N GLY F 313 -28.94 27.01 -8.12
CA GLY F 313 -28.01 27.72 -7.26
C GLY F 313 -27.47 26.86 -6.14
N SER F 314 -26.40 27.34 -5.48
CA SER F 314 -25.74 26.66 -4.36
C SER F 314 -26.62 26.60 -3.12
N GLY F 315 -26.73 25.41 -2.56
CA GLY F 315 -27.50 25.15 -1.34
C GLY F 315 -28.93 24.67 -1.50
N VAL F 316 -29.35 24.36 -2.75
CA VAL F 316 -30.69 23.87 -3.12
C VAL F 316 -30.66 22.71 -4.15
N LEU F 317 -31.61 21.78 -4.02
CA LEU F 317 -31.72 20.62 -4.89
C LEU F 317 -33.12 20.53 -5.50
N ASN F 318 -33.20 20.47 -6.86
CA ASN F 318 -34.50 20.33 -7.53
C ASN F 318 -34.92 18.84 -7.46
N VAL F 319 -35.74 18.51 -6.45
CA VAL F 319 -36.21 17.15 -6.21
C VAL F 319 -37.52 16.85 -6.97
N SER F 320 -37.81 17.64 -8.02
CA SER F 320 -39.01 17.51 -8.82
C SER F 320 -39.15 16.14 -9.47
N ILE F 321 -38.03 15.58 -10.02
CA ILE F 321 -38.00 14.28 -10.71
C ILE F 321 -38.51 13.15 -9.84
N CYS F 322 -38.11 13.17 -8.56
CA CYS F 322 -38.56 12.14 -7.64
C CYS F 322 -39.77 12.56 -6.80
N LYS F 323 -40.30 13.77 -6.96
CA LYS F 323 -41.50 14.12 -6.19
C LYS F 323 -42.73 14.15 -7.09
N ASN F 324 -42.69 13.32 -8.15
CA ASN F 324 -43.76 13.11 -9.13
C ASN F 324 -44.16 14.43 -9.87
N GLY F 325 -43.12 15.21 -10.22
CA GLY F 325 -43.27 16.46 -10.96
C GLY F 325 -43.61 17.67 -10.13
N ALA F 326 -44.02 17.47 -8.84
CA ALA F 326 -44.37 18.56 -7.94
C ALA F 326 -43.17 19.51 -7.77
N PRO F 327 -43.36 20.86 -7.89
CA PRO F 327 -42.21 21.80 -7.80
C PRO F 327 -41.52 21.92 -6.43
N ILE F 328 -41.01 20.81 -5.93
CA ILE F 328 -40.38 20.76 -4.61
C ILE F 328 -38.87 20.95 -4.75
N ILE F 329 -38.34 21.86 -3.93
CA ILE F 329 -36.91 22.20 -3.89
C ILE F 329 -36.41 21.90 -2.47
N MET F 330 -35.42 21.03 -2.38
CA MET F 330 -34.84 20.66 -1.10
C MET F 330 -33.72 21.64 -0.74
N SER F 331 -33.61 21.93 0.54
CA SER F 331 -32.56 22.79 1.06
C SER F 331 -32.37 22.46 2.52
N PHE F 332 -31.42 23.12 3.16
CA PHE F 332 -31.18 22.96 4.58
C PHE F 332 -31.96 24.09 5.27
N PRO F 333 -32.30 24.04 6.59
CA PRO F 333 -33.13 25.10 7.17
C PRO F 333 -32.60 26.49 6.98
N HIS F 334 -33.50 27.45 6.71
CA HIS F 334 -33.17 28.87 6.57
C HIS F 334 -32.09 29.10 5.52
N PHE F 335 -31.96 28.14 4.56
CA PHE F 335 -30.98 28.18 3.47
C PHE F 335 -29.56 28.30 4.02
N TYR F 336 -29.27 27.47 5.02
CA TYR F 336 -27.94 27.35 5.60
C TYR F 336 -27.09 26.65 4.53
N GLN F 337 -25.82 27.06 4.36
CA GLN F 337 -24.92 26.55 3.32
C GLN F 337 -25.36 26.96 1.90
N ALA F 338 -26.30 27.90 1.77
CA ALA F 338 -26.83 28.35 0.47
C ALA F 338 -26.42 29.77 0.11
N ASP F 339 -26.56 30.09 -1.19
CA ASP F 339 -26.30 31.38 -1.82
C ASP F 339 -27.09 32.50 -1.09
N GLU F 340 -26.43 33.61 -0.78
CA GLU F 340 -27.04 34.74 -0.09
C GLU F 340 -28.38 35.15 -0.67
N ARG F 341 -28.50 35.15 -2.02
CA ARG F 341 -29.74 35.55 -2.72
C ARG F 341 -30.99 34.75 -2.29
N PHE F 342 -30.82 33.45 -1.91
CA PHE F 342 -31.88 32.61 -1.39
C PHE F 342 -32.36 33.08 -0.03
N VAL F 343 -31.50 33.75 0.72
CA VAL F 343 -31.82 34.27 2.07
C VAL F 343 -32.47 35.64 2.00
N SER F 344 -31.91 36.53 1.14
CA SER F 344 -32.39 37.90 0.91
C SER F 344 -33.82 37.87 0.40
N ALA F 345 -34.11 36.85 -0.42
CA ALA F 345 -35.38 36.58 -1.06
C ALA F 345 -36.56 36.50 -0.09
N ILE F 346 -36.37 35.90 1.08
CA ILE F 346 -37.46 35.69 2.03
C ILE F 346 -37.12 36.33 3.35
N GLU F 347 -37.93 37.28 3.77
CA GLU F 347 -37.71 37.95 5.04
C GLU F 347 -38.18 37.04 6.22
N GLY F 348 -37.22 36.66 7.05
CA GLY F 348 -37.45 35.77 8.18
C GLY F 348 -36.53 34.56 8.23
N MET F 349 -35.57 34.50 7.28
CA MET F 349 -34.58 33.45 7.09
C MET F 349 -33.36 33.90 7.85
N HIS F 350 -33.02 33.16 8.90
CA HIS F 350 -31.92 33.53 9.76
C HIS F 350 -30.98 32.34 9.96
N PRO F 351 -30.23 31.92 8.89
CA PRO F 351 -29.39 30.73 9.02
C PRO F 351 -28.26 30.91 9.98
N ASN F 352 -27.89 29.80 10.66
CA ASN F 352 -26.75 29.70 11.61
C ASN F 352 -26.40 28.23 11.74
N GLN F 353 -25.12 27.93 11.85
CA GLN F 353 -24.60 26.56 11.93
C GLN F 353 -25.19 25.74 13.08
N GLU F 354 -25.06 26.22 14.34
CA GLU F 354 -25.56 25.57 15.56
C GLU F 354 -27.07 25.12 15.54
N ASP F 355 -27.88 25.75 14.68
CA ASP F 355 -29.29 25.43 14.58
C ASP F 355 -29.69 24.81 13.26
N HIS F 356 -28.94 25.04 12.18
CA HIS F 356 -29.37 24.52 10.88
C HIS F 356 -28.56 23.35 10.26
N GLU F 357 -27.36 23.12 10.78
CA GLU F 357 -26.47 22.06 10.31
C GLU F 357 -27.02 20.65 10.59
N THR F 358 -26.41 19.64 9.90
CA THR F 358 -26.68 18.22 10.07
C THR F 358 -25.39 17.62 10.57
N PHE F 359 -25.42 17.09 11.79
CA PHE F 359 -24.24 16.49 12.43
C PHE F 359 -24.55 15.08 12.97
N VAL F 360 -23.51 14.31 13.26
CA VAL F 360 -23.64 12.97 13.82
C VAL F 360 -22.36 12.59 14.57
N ASP F 361 -22.54 12.22 15.85
CA ASP F 361 -21.52 11.80 16.80
C ASP F 361 -21.47 10.26 16.75
N ILE F 362 -20.43 9.72 16.09
CA ILE F 362 -20.26 8.27 15.93
C ILE F 362 -19.11 7.78 16.85
N ASN F 363 -19.35 6.72 17.66
CA ASN F 363 -18.27 6.15 18.49
C ASN F 363 -17.31 5.46 17.50
N PRO F 364 -16.05 5.93 17.38
CA PRO F 364 -15.17 5.39 16.30
C PRO F 364 -14.92 3.90 16.25
N LEU F 365 -14.85 3.27 17.42
CA LEU F 365 -14.57 1.85 17.58
C LEU F 365 -15.64 1.02 17.00
N THR F 366 -16.90 1.24 17.44
CA THR F 366 -18.07 0.45 17.03
C THR F 366 -18.83 0.96 15.82
N GLY F 367 -18.83 2.26 15.61
CA GLY F 367 -19.59 2.86 14.51
C GLY F 367 -21.01 3.21 14.93
N ILE F 368 -21.28 3.17 16.25
CA ILE F 368 -22.59 3.47 16.84
C ILE F 368 -22.82 4.99 16.98
N ILE F 369 -23.96 5.48 16.42
CA ILE F 369 -24.39 6.87 16.51
C ILE F 369 -24.87 7.12 17.94
N LEU F 370 -24.21 8.04 18.64
CA LEU F 370 -24.53 8.42 20.02
C LEU F 370 -25.44 9.67 20.10
N LYS F 371 -25.29 10.58 19.13
CA LYS F 371 -26.06 11.81 19.01
C LYS F 371 -26.08 12.15 17.52
N ALA F 372 -27.20 12.72 17.04
CA ALA F 372 -27.39 13.07 15.62
C ALA F 372 -28.54 14.04 15.45
N ALA F 373 -28.43 14.94 14.46
CA ALA F 373 -29.45 15.91 14.10
C ALA F 373 -29.43 16.01 12.58
N LYS F 374 -30.50 15.46 11.92
CA LYS F 374 -30.70 15.42 10.48
C LYS F 374 -31.74 16.51 10.22
N ARG F 375 -31.31 17.60 9.58
CA ARG F 375 -32.15 18.76 9.36
C ARG F 375 -32.16 19.18 7.91
N PHE F 376 -33.36 19.28 7.31
CA PHE F 376 -33.60 19.72 5.93
C PHE F 376 -34.92 20.46 5.82
N GLN F 377 -35.08 21.23 4.73
CA GLN F 377 -36.22 22.09 4.46
C GLN F 377 -36.89 21.74 3.14
N ILE F 378 -38.25 21.87 3.11
CA ILE F 378 -39.11 21.66 1.96
C ILE F 378 -39.54 23.01 1.46
N ASN F 379 -39.26 23.25 0.19
CA ASN F 379 -39.52 24.51 -0.49
C ASN F 379 -40.24 24.28 -1.79
N ILE F 380 -40.95 25.32 -2.24
CA ILE F 380 -41.69 25.29 -3.50
C ILE F 380 -41.11 26.34 -4.47
N TYR F 381 -40.96 25.96 -5.77
CA TYR F 381 -40.46 26.92 -6.74
C TYR F 381 -41.68 27.58 -7.28
N VAL F 382 -41.78 28.89 -7.01
CA VAL F 382 -42.90 29.75 -7.33
C VAL F 382 -42.49 30.90 -8.29
N LYS F 383 -43.39 31.29 -9.21
CA LYS F 383 -43.14 32.36 -10.19
C LYS F 383 -44.46 32.86 -10.82
N LYS F 384 -44.46 34.10 -11.29
CA LYS F 384 -45.61 34.70 -11.95
C LYS F 384 -45.86 33.98 -13.27
N LEU F 385 -47.12 33.52 -13.43
CA LEU F 385 -47.57 32.84 -14.63
C LEU F 385 -48.69 33.68 -15.22
N ASP F 386 -48.51 34.13 -16.47
CA ASP F 386 -49.48 34.97 -17.17
C ASP F 386 -50.83 34.31 -17.30
N ASP F 387 -50.83 32.97 -17.45
CA ASP F 387 -52.04 32.17 -17.61
C ASP F 387 -52.82 32.00 -16.29
N PHE F 388 -52.17 32.28 -15.15
CA PHE F 388 -52.84 32.10 -13.87
C PHE F 388 -52.82 33.34 -13.02
N VAL F 389 -53.95 34.08 -13.04
CA VAL F 389 -54.13 35.33 -12.28
C VAL F 389 -53.87 35.13 -10.77
N GLU F 390 -54.04 33.90 -10.27
CA GLU F 390 -53.84 33.53 -8.87
C GLU F 390 -52.41 33.79 -8.38
N THR F 391 -51.43 33.77 -9.31
CA THR F 391 -50.00 34.01 -9.09
C THR F 391 -49.72 35.49 -8.99
N GLY F 392 -50.57 36.32 -9.59
CA GLY F 392 -50.40 37.77 -9.53
C GLY F 392 -49.12 38.23 -10.17
N ASP F 393 -48.22 38.83 -9.36
CA ASP F 393 -46.92 39.36 -9.76
C ASP F 393 -45.84 38.85 -8.85
N ILE F 394 -46.10 37.67 -8.24
CA ILE F 394 -45.18 36.95 -7.36
C ILE F 394 -43.77 36.88 -7.98
N ARG F 395 -42.79 37.19 -7.16
CA ARG F 395 -41.39 37.18 -7.55
C ARG F 395 -40.99 35.72 -7.85
N THR F 396 -40.02 35.53 -8.76
CA THR F 396 -39.54 34.18 -9.07
C THR F 396 -38.68 33.77 -7.87
N MET F 397 -39.12 32.75 -7.09
CA MET F 397 -38.38 32.34 -5.89
C MET F 397 -38.52 30.91 -5.35
N VAL F 398 -37.54 30.51 -4.49
CA VAL F 398 -37.52 29.21 -3.79
C VAL F 398 -38.24 29.52 -2.45
N PHE F 399 -39.53 29.15 -2.38
CA PHE F 399 -40.38 29.51 -1.24
C PHE F 399 -40.34 28.48 -0.11
N PRO F 400 -39.91 28.92 1.12
CA PRO F 400 -39.87 27.99 2.26
C PRO F 400 -41.25 27.63 2.81
N VAL F 401 -41.45 26.34 3.09
CA VAL F 401 -42.72 25.88 3.62
C VAL F 401 -42.55 25.34 5.04
N MET F 402 -41.63 24.41 5.21
CA MET F 402 -41.37 23.81 6.50
C MET F 402 -40.02 23.10 6.46
N TYR F 403 -39.40 22.92 7.65
CA TYR F 403 -38.15 22.18 7.86
C TYR F 403 -38.26 21.36 9.15
N LEU F 404 -37.49 20.25 9.20
CA LEU F 404 -37.52 19.32 10.34
C LEU F 404 -36.17 19.01 10.99
N ASN F 405 -36.24 18.48 12.22
CA ASN F 405 -35.08 18.02 12.94
C ASN F 405 -35.34 16.62 13.44
N GLU F 406 -34.92 15.61 12.62
CA GLU F 406 -34.92 14.19 12.97
C GLU F 406 -33.64 13.98 13.80
N SER F 407 -33.80 13.75 15.12
CA SER F 407 -32.70 13.66 16.10
C SER F 407 -32.69 12.40 16.97
N VAL F 408 -31.53 12.12 17.58
CA VAL F 408 -31.29 10.97 18.47
C VAL F 408 -30.19 11.29 19.47
N HIS F 409 -30.36 10.82 20.71
CA HIS F 409 -29.41 11.04 21.80
C HIS F 409 -29.45 9.79 22.66
N ILE F 410 -28.27 9.18 22.86
CA ILE F 410 -28.11 7.98 23.68
C ILE F 410 -28.46 8.27 25.16
N ASP F 411 -29.24 7.36 25.78
CA ASP F 411 -29.66 7.46 27.19
C ASP F 411 -28.62 6.82 28.13
N LYS F 412 -28.58 7.32 29.38
CA LYS F 412 -27.69 6.86 30.45
C LYS F 412 -27.65 5.32 30.64
N GLU F 413 -28.78 4.61 30.39
CA GLU F 413 -28.82 3.15 30.53
C GLU F 413 -28.07 2.45 29.40
N THR F 414 -28.45 2.75 28.14
CA THR F 414 -27.82 2.16 26.96
C THR F 414 -26.36 2.60 26.81
N ALA F 415 -26.05 3.85 27.25
CA ALA F 415 -24.69 4.39 27.22
C ALA F 415 -23.75 3.64 28.15
N SER F 416 -24.20 3.38 29.39
CA SER F 416 -23.42 2.63 30.39
C SER F 416 -23.19 1.19 29.93
N ARG F 417 -24.22 0.62 29.29
CA ARG F 417 -24.20 -0.71 28.73
C ARG F 417 -23.09 -0.77 27.65
N LEU F 418 -23.02 0.28 26.80
CA LEU F 418 -22.03 0.41 25.75
C LEU F 418 -20.58 0.60 26.23
N LYS F 419 -20.39 1.29 27.37
CA LYS F 419 -19.09 1.57 27.96
C LYS F 419 -18.30 0.27 28.29
N SER F 420 -19.03 -0.83 28.52
CA SER F 420 -18.42 -2.14 28.77
C SER F 420 -17.73 -2.65 27.48
N MET F 421 -18.32 -2.31 26.31
CA MET F 421 -17.84 -2.65 24.97
C MET F 421 -16.93 -1.55 24.37
N ILE F 422 -16.82 -0.38 25.02
CA ILE F 422 -15.99 0.74 24.55
C ILE F 422 -15.08 1.31 25.68
#